data_1B8Y
# 
_entry.id   1B8Y 
# 
_audit_conform.dict_name       mmcif_pdbx.dic 
_audit_conform.dict_version    5.383 
_audit_conform.dict_location   http://mmcif.pdb.org/dictionaries/ascii/mmcif_pdbx.dic 
# 
loop_
_database_2.database_id 
_database_2.database_code 
_database_2.pdbx_database_accession 
_database_2.pdbx_DOI 
PDB   1B8Y         pdb_00001b8y 10.2210/pdb1b8y/pdb 
RCSB  RCSB000441   ?            ?                   
WWPDB D_1000000441 ?            ?                   
# 
loop_
_pdbx_audit_revision_history.ordinal 
_pdbx_audit_revision_history.data_content_type 
_pdbx_audit_revision_history.major_revision 
_pdbx_audit_revision_history.minor_revision 
_pdbx_audit_revision_history.revision_date 
1 'Structure model' 1 0 1999-08-31 
2 'Structure model' 1 1 2007-10-16 
3 'Structure model' 1 2 2011-07-13 
4 'Structure model' 1 3 2017-10-04 
5 'Structure model' 1 4 2018-01-24 
6 'Structure model' 1 5 2018-01-31 
7 'Structure model' 1 6 2023-12-27 
# 
_pdbx_audit_revision_details.ordinal             1 
_pdbx_audit_revision_details.revision_ordinal    1 
_pdbx_audit_revision_details.data_content_type   'Structure model' 
_pdbx_audit_revision_details.provider            repository 
_pdbx_audit_revision_details.type                'Initial release' 
_pdbx_audit_revision_details.description         ? 
_pdbx_audit_revision_details.details             ? 
# 
loop_
_pdbx_audit_revision_group.ordinal 
_pdbx_audit_revision_group.revision_ordinal 
_pdbx_audit_revision_group.data_content_type 
_pdbx_audit_revision_group.group 
1  2 'Structure model' 'Version format compliance' 
2  3 'Structure model' 'Derived calculations'      
3  3 'Structure model' 'Version format compliance' 
4  4 'Structure model' Advisory                    
5  4 'Structure model' 'Refinement description'    
6  5 'Structure model' 'Database references'       
7  6 'Structure model' 'Database references'       
8  7 'Structure model' Advisory                    
9  7 'Structure model' 'Data collection'           
10 7 'Structure model' 'Database references'       
11 7 'Structure model' 'Derived calculations'      
# 
loop_
_pdbx_audit_revision_category.ordinal 
_pdbx_audit_revision_category.revision_ordinal 
_pdbx_audit_revision_category.data_content_type 
_pdbx_audit_revision_category.category 
1  4 'Structure model' pdbx_unobs_or_zero_occ_atoms 
2  4 'Structure model' software                     
3  5 'Structure model' citation_author              
4  6 'Structure model' citation_author              
5  7 'Structure model' chem_comp_atom               
6  7 'Structure model' chem_comp_bond               
7  7 'Structure model' database_2                   
8  7 'Structure model' pdbx_struct_conn_angle       
9  7 'Structure model' pdbx_unobs_or_zero_occ_atoms 
10 7 'Structure model' struct_conn                  
11 7 'Structure model' struct_site                  
# 
loop_
_pdbx_audit_revision_item.ordinal 
_pdbx_audit_revision_item.revision_ordinal 
_pdbx_audit_revision_item.data_content_type 
_pdbx_audit_revision_item.item 
1  4 'Structure model' '_software.classification'                    
2  4 'Structure model' '_software.name'                              
3  5 'Structure model' '_citation_author.name'                       
4  6 'Structure model' '_citation_author.name'                       
5  7 'Structure model' '_database_2.pdbx_DOI'                        
6  7 'Structure model' '_database_2.pdbx_database_accession'         
7  7 'Structure model' '_pdbx_struct_conn_angle.ptnr1_auth_comp_id'  
8  7 'Structure model' '_pdbx_struct_conn_angle.ptnr1_auth_seq_id'   
9  7 'Structure model' '_pdbx_struct_conn_angle.ptnr1_label_asym_id' 
10 7 'Structure model' '_pdbx_struct_conn_angle.ptnr1_label_atom_id' 
11 7 'Structure model' '_pdbx_struct_conn_angle.ptnr1_label_comp_id' 
12 7 'Structure model' '_pdbx_struct_conn_angle.ptnr1_label_seq_id'  
13 7 'Structure model' '_pdbx_struct_conn_angle.ptnr3_auth_comp_id'  
14 7 'Structure model' '_pdbx_struct_conn_angle.ptnr3_auth_seq_id'   
15 7 'Structure model' '_pdbx_struct_conn_angle.ptnr3_label_asym_id' 
16 7 'Structure model' '_pdbx_struct_conn_angle.ptnr3_label_atom_id' 
17 7 'Structure model' '_pdbx_struct_conn_angle.ptnr3_label_comp_id' 
18 7 'Structure model' '_pdbx_struct_conn_angle.ptnr3_label_seq_id'  
19 7 'Structure model' '_pdbx_struct_conn_angle.value'               
20 7 'Structure model' '_struct_conn.pdbx_dist_value'                
21 7 'Structure model' '_struct_conn.ptnr1_auth_comp_id'             
22 7 'Structure model' '_struct_conn.ptnr1_auth_seq_id'              
23 7 'Structure model' '_struct_conn.ptnr1_label_asym_id'            
24 7 'Structure model' '_struct_conn.ptnr1_label_atom_id'            
25 7 'Structure model' '_struct_conn.ptnr1_label_comp_id'            
26 7 'Structure model' '_struct_conn.ptnr1_label_seq_id'             
27 7 'Structure model' '_struct_conn.ptnr2_auth_comp_id'             
28 7 'Structure model' '_struct_conn.ptnr2_auth_seq_id'              
29 7 'Structure model' '_struct_conn.ptnr2_label_asym_id'            
30 7 'Structure model' '_struct_conn.ptnr2_label_atom_id'            
31 7 'Structure model' '_struct_conn.ptnr2_label_comp_id'            
32 7 'Structure model' '_struct_conn.ptnr2_label_seq_id'             
33 7 'Structure model' '_struct_site.pdbx_auth_asym_id'              
34 7 'Structure model' '_struct_site.pdbx_auth_comp_id'              
35 7 'Structure model' '_struct_site.pdbx_auth_seq_id'               
# 
_pdbx_database_status.status_code                     REL 
_pdbx_database_status.entry_id                        1B8Y 
_pdbx_database_status.recvd_initial_deposition_date   1999-02-03 
_pdbx_database_status.deposit_site                    BNL 
_pdbx_database_status.process_site                    RCSB 
_pdbx_database_status.SG_entry                        . 
_pdbx_database_status.pdb_format_compatible           Y 
_pdbx_database_status.status_code_mr                  ? 
_pdbx_database_status.status_code_sf                  ? 
_pdbx_database_status.status_code_cs                  ? 
_pdbx_database_status.methods_development_category    ? 
_pdbx_database_status.status_code_nmr_data            ? 
# 
loop_
_audit_author.name 
_audit_author.pdbx_ordinal 
'Pavlovsky, A.G.'   1  
'Williams, M.G.'    2  
'Ye, Q.-Z.'         3  
'Ortwine, D.F.'     4  
'Purchase II, C.F.' 5  
'White, A.D.'       6  
'Dhanaraj, V.'      7  
'Roth, B.D.'        8  
'Johnson, L.L.'     9  
'Hupe, D.'          10 
'Humblet, C.'       11 
'Blundell, T.L.'    12 
# 
_citation.id                        primary 
_citation.title                     
'X-ray structure of human stromelysin catalytic domain complexed with nonpeptide inhibitors: implications for inhibitor selectivity.' 
_citation.journal_abbrev            'Protein Sci.' 
_citation.journal_volume            8 
_citation.page_first                1455 
_citation.page_last                 1462 
_citation.year                      1999 
_citation.journal_id_ASTM           PRCIEI 
_citation.country                   US 
_citation.journal_id_ISSN           0961-8368 
_citation.journal_id_CSD            0795 
_citation.book_publisher            ? 
_citation.pdbx_database_id_PubMed   10422833 
_citation.pdbx_database_id_DOI      ? 
# 
loop_
_citation_author.citation_id 
_citation_author.name 
_citation_author.ordinal 
_citation_author.identifier_ORCID 
primary 'Pavlovsky, A.G.'   1  ? 
primary 'Williams, M.G.'    2  ? 
primary 'Ye, Q.Z.'          3  ? 
primary 'Ortwine, D.F.'     4  ? 
primary 'Purchase II, C.F.' 5  ? 
primary 'White, A.D.'       6  ? 
primary 'Dhanaraj, V.'      7  ? 
primary 'Roth, B.D.'        8  ? 
primary 'Johnson, L.L.'     9  ? 
primary 'Hupe, D.'          10 ? 
primary 'Humblet, C.'       11 ? 
primary 'Blundell, T.L.'    12 ? 
# 
loop_
_entity.id 
_entity.type 
_entity.src_method 
_entity.pdbx_description 
_entity.formula_weight 
_entity.pdbx_number_of_molecules 
_entity.pdbx_ec 
_entity.pdbx_mutation 
_entity.pdbx_fragment 
_entity.details 
1 polymer     man 'PROTEIN (STROMELYSIN-1)'                                        18789.914 1  3.4.24.17 ? 'CATALYTIC DOMAIN' ? 
2 non-polymer syn 'ZINC ION'                                                       65.409    2  ?         ? ?                  ? 
3 non-polymer syn 'CALCIUM ION'                                                    40.078    3  ?         ? ?                  ? 
4 non-polymer syn 'SULFATE ION'                                                    96.063    1  ?         ? ?                  ? 
5 non-polymer syn '[4-(4-PHENYL-PIPERIDIN-1-YL)-BENZENESULFONYLAMINO]-ACETIC ACID' 374.454   1  ?         ? ?                  ? 
6 water       nat water                                                            18.015    86 ?         ? ?                  ? 
# 
_entity_name_com.entity_id   1 
_entity_name_com.name        'MATRIX METALLOPROTEINASE-3' 
# 
_entity_name_sys.entity_id   1 
_entity_name_sys.name        'EC 3.4.24.17' 
# 
_entity_poly.entity_id                      1 
_entity_poly.type                           'polypeptide(L)' 
_entity_poly.nstd_linkage                   no 
_entity_poly.nstd_monomer                   no 
_entity_poly.pdbx_seq_one_letter_code       
;FRTFPGIPKWRKTHLTYRIVNYTPDLPKDAVDSAVEKALKVWEEVTPLTFSRLYEGEADIMISFAVREHGDFYPFDGPGN
VLAHAYAPGPGINGDAHFDDDEQWTKDTTGTNLFLVAAHEIGHSLGLFHSANTEALMYPLYHSLTDLTRFRLSQDDINGI
QSLYGPP
;
_entity_poly.pdbx_seq_one_letter_code_can   
;FRTFPGIPKWRKTHLTYRIVNYTPDLPKDAVDSAVEKALKVWEEVTPLTFSRLYEGEADIMISFAVREHGDFYPFDGPGN
VLAHAYAPGPGINGDAHFDDDEQWTKDTTGTNLFLVAAHEIGHSLGLFHSANTEALMYPLYHSLTDLTRFRLSQDDINGI
QSLYGPP
;
_entity_poly.pdbx_strand_id                 A 
_entity_poly.pdbx_target_identifier         ? 
# 
loop_
_pdbx_entity_nonpoly.entity_id 
_pdbx_entity_nonpoly.name 
_pdbx_entity_nonpoly.comp_id 
2 'ZINC ION'                                                       ZN  
3 'CALCIUM ION'                                                    CA  
4 'SULFATE ION'                                                    SO4 
5 '[4-(4-PHENYL-PIPERIDIN-1-YL)-BENZENESULFONYLAMINO]-ACETIC ACID' IN7 
6 water                                                            HOH 
# 
loop_
_entity_poly_seq.entity_id 
_entity_poly_seq.num 
_entity_poly_seq.mon_id 
_entity_poly_seq.hetero 
1 1   PHE n 
1 2   ARG n 
1 3   THR n 
1 4   PHE n 
1 5   PRO n 
1 6   GLY n 
1 7   ILE n 
1 8   PRO n 
1 9   LYS n 
1 10  TRP n 
1 11  ARG n 
1 12  LYS n 
1 13  THR n 
1 14  HIS n 
1 15  LEU n 
1 16  THR n 
1 17  TYR n 
1 18  ARG n 
1 19  ILE n 
1 20  VAL n 
1 21  ASN n 
1 22  TYR n 
1 23  THR n 
1 24  PRO n 
1 25  ASP n 
1 26  LEU n 
1 27  PRO n 
1 28  LYS n 
1 29  ASP n 
1 30  ALA n 
1 31  VAL n 
1 32  ASP n 
1 33  SER n 
1 34  ALA n 
1 35  VAL n 
1 36  GLU n 
1 37  LYS n 
1 38  ALA n 
1 39  LEU n 
1 40  LYS n 
1 41  VAL n 
1 42  TRP n 
1 43  GLU n 
1 44  GLU n 
1 45  VAL n 
1 46  THR n 
1 47  PRO n 
1 48  LEU n 
1 49  THR n 
1 50  PHE n 
1 51  SER n 
1 52  ARG n 
1 53  LEU n 
1 54  TYR n 
1 55  GLU n 
1 56  GLY n 
1 57  GLU n 
1 58  ALA n 
1 59  ASP n 
1 60  ILE n 
1 61  MET n 
1 62  ILE n 
1 63  SER n 
1 64  PHE n 
1 65  ALA n 
1 66  VAL n 
1 67  ARG n 
1 68  GLU n 
1 69  HIS n 
1 70  GLY n 
1 71  ASP n 
1 72  PHE n 
1 73  TYR n 
1 74  PRO n 
1 75  PHE n 
1 76  ASP n 
1 77  GLY n 
1 78  PRO n 
1 79  GLY n 
1 80  ASN n 
1 81  VAL n 
1 82  LEU n 
1 83  ALA n 
1 84  HIS n 
1 85  ALA n 
1 86  TYR n 
1 87  ALA n 
1 88  PRO n 
1 89  GLY n 
1 90  PRO n 
1 91  GLY n 
1 92  ILE n 
1 93  ASN n 
1 94  GLY n 
1 95  ASP n 
1 96  ALA n 
1 97  HIS n 
1 98  PHE n 
1 99  ASP n 
1 100 ASP n 
1 101 ASP n 
1 102 GLU n 
1 103 GLN n 
1 104 TRP n 
1 105 THR n 
1 106 LYS n 
1 107 ASP n 
1 108 THR n 
1 109 THR n 
1 110 GLY n 
1 111 THR n 
1 112 ASN n 
1 113 LEU n 
1 114 PHE n 
1 115 LEU n 
1 116 VAL n 
1 117 ALA n 
1 118 ALA n 
1 119 HIS n 
1 120 GLU n 
1 121 ILE n 
1 122 GLY n 
1 123 HIS n 
1 124 SER n 
1 125 LEU n 
1 126 GLY n 
1 127 LEU n 
1 128 PHE n 
1 129 HIS n 
1 130 SER n 
1 131 ALA n 
1 132 ASN n 
1 133 THR n 
1 134 GLU n 
1 135 ALA n 
1 136 LEU n 
1 137 MET n 
1 138 TYR n 
1 139 PRO n 
1 140 LEU n 
1 141 TYR n 
1 142 HIS n 
1 143 SER n 
1 144 LEU n 
1 145 THR n 
1 146 ASP n 
1 147 LEU n 
1 148 THR n 
1 149 ARG n 
1 150 PHE n 
1 151 ARG n 
1 152 LEU n 
1 153 SER n 
1 154 GLN n 
1 155 ASP n 
1 156 ASP n 
1 157 ILE n 
1 158 ASN n 
1 159 GLY n 
1 160 ILE n 
1 161 GLN n 
1 162 SER n 
1 163 LEU n 
1 164 TYR n 
1 165 GLY n 
1 166 PRO n 
1 167 PRO n 
# 
_entity_src_gen.entity_id                          1 
_entity_src_gen.pdbx_src_id                        1 
_entity_src_gen.pdbx_alt_source_flag               sample 
_entity_src_gen.pdbx_seq_type                      ? 
_entity_src_gen.pdbx_beg_seq_num                   ? 
_entity_src_gen.pdbx_end_seq_num                   ? 
_entity_src_gen.gene_src_common_name               human 
_entity_src_gen.gene_src_genus                     Homo 
_entity_src_gen.pdbx_gene_src_gene                 ? 
_entity_src_gen.gene_src_species                   ? 
_entity_src_gen.gene_src_strain                    ? 
_entity_src_gen.gene_src_tissue                    ? 
_entity_src_gen.gene_src_tissue_fraction           ? 
_entity_src_gen.gene_src_details                   ? 
_entity_src_gen.pdbx_gene_src_fragment             ? 
_entity_src_gen.pdbx_gene_src_scientific_name      'Homo sapiens' 
_entity_src_gen.pdbx_gene_src_ncbi_taxonomy_id     9606 
_entity_src_gen.pdbx_gene_src_variant              ? 
_entity_src_gen.pdbx_gene_src_cell_line            ? 
_entity_src_gen.pdbx_gene_src_atcc                 ? 
_entity_src_gen.pdbx_gene_src_organ                ? 
_entity_src_gen.pdbx_gene_src_organelle            ? 
_entity_src_gen.pdbx_gene_src_cell                 ? 
_entity_src_gen.pdbx_gene_src_cellular_location    ? 
_entity_src_gen.host_org_common_name               ? 
_entity_src_gen.pdbx_host_org_scientific_name      'Escherichia coli' 
_entity_src_gen.pdbx_host_org_ncbi_taxonomy_id     562 
_entity_src_gen.host_org_genus                     Escherichia 
_entity_src_gen.pdbx_host_org_gene                 ? 
_entity_src_gen.pdbx_host_org_organ                ? 
_entity_src_gen.host_org_species                   ? 
_entity_src_gen.pdbx_host_org_tissue               ? 
_entity_src_gen.pdbx_host_org_tissue_fraction      ? 
_entity_src_gen.pdbx_host_org_strain               ? 
_entity_src_gen.pdbx_host_org_variant              ? 
_entity_src_gen.pdbx_host_org_cell_line            ? 
_entity_src_gen.pdbx_host_org_atcc                 ? 
_entity_src_gen.pdbx_host_org_culture_collection   ? 
_entity_src_gen.pdbx_host_org_cell                 ? 
_entity_src_gen.pdbx_host_org_organelle            ? 
_entity_src_gen.pdbx_host_org_cellular_location    ? 
_entity_src_gen.pdbx_host_org_vector_type          ? 
_entity_src_gen.pdbx_host_org_vector               ? 
_entity_src_gen.host_org_details                   ? 
_entity_src_gen.expression_system_id               ? 
_entity_src_gen.plasmid_name                       ? 
_entity_src_gen.plasmid_details                    ? 
_entity_src_gen.pdbx_description                   ? 
# 
loop_
_chem_comp.id 
_chem_comp.type 
_chem_comp.mon_nstd_flag 
_chem_comp.name 
_chem_comp.pdbx_synonyms 
_chem_comp.formula 
_chem_comp.formula_weight 
ALA 'L-peptide linking' y ALANINE                                                          ? 'C3 H7 N O2'      89.093  
ARG 'L-peptide linking' y ARGININE                                                         ? 'C6 H15 N4 O2 1'  175.209 
ASN 'L-peptide linking' y ASPARAGINE                                                       ? 'C4 H8 N2 O3'     132.118 
ASP 'L-peptide linking' y 'ASPARTIC ACID'                                                  ? 'C4 H7 N O4'      133.103 
CA  non-polymer         . 'CALCIUM ION'                                                    ? 'Ca 2'            40.078  
GLN 'L-peptide linking' y GLUTAMINE                                                        ? 'C5 H10 N2 O3'    146.144 
GLU 'L-peptide linking' y 'GLUTAMIC ACID'                                                  ? 'C5 H9 N O4'      147.129 
GLY 'peptide linking'   y GLYCINE                                                          ? 'C2 H5 N O2'      75.067  
HIS 'L-peptide linking' y HISTIDINE                                                        ? 'C6 H10 N3 O2 1'  156.162 
HOH non-polymer         . WATER                                                            ? 'H2 O'            18.015  
ILE 'L-peptide linking' y ISOLEUCINE                                                       ? 'C6 H13 N O2'     131.173 
IN7 non-polymer         . '[4-(4-PHENYL-PIPERIDIN-1-YL)-BENZENESULFONYLAMINO]-ACETIC ACID' ? 'C19 H22 N2 O4 S' 374.454 
LEU 'L-peptide linking' y LEUCINE                                                          ? 'C6 H13 N O2'     131.173 
LYS 'L-peptide linking' y LYSINE                                                           ? 'C6 H15 N2 O2 1'  147.195 
MET 'L-peptide linking' y METHIONINE                                                       ? 'C5 H11 N O2 S'   149.211 
PHE 'L-peptide linking' y PHENYLALANINE                                                    ? 'C9 H11 N O2'     165.189 
PRO 'L-peptide linking' y PROLINE                                                          ? 'C5 H9 N O2'      115.130 
SER 'L-peptide linking' y SERINE                                                           ? 'C3 H7 N O3'      105.093 
SO4 non-polymer         . 'SULFATE ION'                                                    ? 'O4 S -2'         96.063  
THR 'L-peptide linking' y THREONINE                                                        ? 'C4 H9 N O3'      119.119 
TRP 'L-peptide linking' y TRYPTOPHAN                                                       ? 'C11 H12 N2 O2'   204.225 
TYR 'L-peptide linking' y TYROSINE                                                         ? 'C9 H11 N O3'     181.189 
VAL 'L-peptide linking' y VALINE                                                           ? 'C5 H11 N O2'     117.146 
ZN  non-polymer         . 'ZINC ION'                                                       ? 'Zn 2'            65.409  
# 
loop_
_pdbx_poly_seq_scheme.asym_id 
_pdbx_poly_seq_scheme.entity_id 
_pdbx_poly_seq_scheme.seq_id 
_pdbx_poly_seq_scheme.mon_id 
_pdbx_poly_seq_scheme.ndb_seq_num 
_pdbx_poly_seq_scheme.pdb_seq_num 
_pdbx_poly_seq_scheme.auth_seq_num 
_pdbx_poly_seq_scheme.pdb_mon_id 
_pdbx_poly_seq_scheme.auth_mon_id 
_pdbx_poly_seq_scheme.pdb_strand_id 
_pdbx_poly_seq_scheme.pdb_ins_code 
_pdbx_poly_seq_scheme.hetero 
A 1 1   PHE 1   83  83  PHE PHE A . n 
A 1 2   ARG 2   84  84  ARG ARG A . n 
A 1 3   THR 3   85  85  THR THR A . n 
A 1 4   PHE 4   86  86  PHE PHE A . n 
A 1 5   PRO 5   87  87  PRO PRO A . n 
A 1 6   GLY 6   88  88  GLY GLY A . n 
A 1 7   ILE 7   89  89  ILE ILE A . n 
A 1 8   PRO 8   90  90  PRO PRO A . n 
A 1 9   LYS 9   91  91  LYS LYS A . n 
A 1 10  TRP 10  92  92  TRP TRP A . n 
A 1 11  ARG 11  93  93  ARG ARG A . n 
A 1 12  LYS 12  94  94  LYS LYS A . n 
A 1 13  THR 13  95  95  THR THR A . n 
A 1 14  HIS 14  96  96  HIS HIS A . n 
A 1 15  LEU 15  97  97  LEU LEU A . n 
A 1 16  THR 16  98  98  THR THR A . n 
A 1 17  TYR 17  99  99  TYR TYR A . n 
A 1 18  ARG 18  100 100 ARG ARG A . n 
A 1 19  ILE 19  101 101 ILE ILE A . n 
A 1 20  VAL 20  102 102 VAL VAL A . n 
A 1 21  ASN 21  103 103 ASN ASN A . n 
A 1 22  TYR 22  104 104 TYR TYR A . n 
A 1 23  THR 23  105 105 THR THR A . n 
A 1 24  PRO 24  106 106 PRO PRO A . n 
A 1 25  ASP 25  107 107 ASP ASP A . n 
A 1 26  LEU 26  108 108 LEU LEU A . n 
A 1 27  PRO 27  109 109 PRO PRO A . n 
A 1 28  LYS 28  110 110 LYS LYS A . n 
A 1 29  ASP 29  111 111 ASP ASP A . n 
A 1 30  ALA 30  112 112 ALA ALA A . n 
A 1 31  VAL 31  113 113 VAL VAL A . n 
A 1 32  ASP 32  114 114 ASP ASP A . n 
A 1 33  SER 33  115 115 SER SER A . n 
A 1 34  ALA 34  116 116 ALA ALA A . n 
A 1 35  VAL 35  117 117 VAL VAL A . n 
A 1 36  GLU 36  118 118 GLU GLU A . n 
A 1 37  LYS 37  119 119 LYS LYS A . n 
A 1 38  ALA 38  120 120 ALA ALA A . n 
A 1 39  LEU 39  121 121 LEU LEU A . n 
A 1 40  LYS 40  122 122 LYS LYS A . n 
A 1 41  VAL 41  123 123 VAL VAL A . n 
A 1 42  TRP 42  124 124 TRP TRP A . n 
A 1 43  GLU 43  125 125 GLU GLU A . n 
A 1 44  GLU 44  126 126 GLU GLU A . n 
A 1 45  VAL 45  127 127 VAL VAL A . n 
A 1 46  THR 46  128 128 THR THR A . n 
A 1 47  PRO 47  129 129 PRO PRO A . n 
A 1 48  LEU 48  130 130 LEU LEU A . n 
A 1 49  THR 49  131 131 THR THR A . n 
A 1 50  PHE 50  132 132 PHE PHE A . n 
A 1 51  SER 51  133 133 SER SER A . n 
A 1 52  ARG 52  134 134 ARG ARG A . n 
A 1 53  LEU 53  135 135 LEU LEU A . n 
A 1 54  TYR 54  136 136 TYR TYR A . n 
A 1 55  GLU 55  137 137 GLU GLU A . n 
A 1 56  GLY 56  138 138 GLY GLY A . n 
A 1 57  GLU 57  139 139 GLU GLU A . n 
A 1 58  ALA 58  140 140 ALA ALA A . n 
A 1 59  ASP 59  141 141 ASP ASP A . n 
A 1 60  ILE 60  142 142 ILE ILE A . n 
A 1 61  MET 61  143 143 MET MET A . n 
A 1 62  ILE 62  144 144 ILE ILE A . n 
A 1 63  SER 63  145 145 SER SER A . n 
A 1 64  PHE 64  146 146 PHE PHE A . n 
A 1 65  ALA 65  147 147 ALA ALA A . n 
A 1 66  VAL 66  148 148 VAL VAL A . n 
A 1 67  ARG 67  149 149 ARG ARG A . n 
A 1 68  GLU 68  150 150 GLU GLU A . n 
A 1 69  HIS 69  151 151 HIS HIS A . n 
A 1 70  GLY 70  152 152 GLY GLY A . n 
A 1 71  ASP 71  153 153 ASP ASP A . n 
A 1 72  PHE 72  154 154 PHE PHE A . n 
A 1 73  TYR 73  155 155 TYR TYR A . n 
A 1 74  PRO 74  156 156 PRO PRO A . n 
A 1 75  PHE 75  157 157 PHE PHE A . n 
A 1 76  ASP 76  158 158 ASP ASP A . n 
A 1 77  GLY 77  159 159 GLY GLY A . n 
A 1 78  PRO 78  160 160 PRO PRO A . n 
A 1 79  GLY 79  161 161 GLY GLY A . n 
A 1 80  ASN 80  162 162 ASN ASN A . n 
A 1 81  VAL 81  163 163 VAL VAL A . n 
A 1 82  LEU 82  164 164 LEU LEU A . n 
A 1 83  ALA 83  165 165 ALA ALA A . n 
A 1 84  HIS 84  166 166 HIS HIS A . n 
A 1 85  ALA 85  167 167 ALA ALA A . n 
A 1 86  TYR 86  168 168 TYR TYR A . n 
A 1 87  ALA 87  169 169 ALA ALA A . n 
A 1 88  PRO 88  170 170 PRO PRO A . n 
A 1 89  GLY 89  171 171 GLY GLY A . n 
A 1 90  PRO 90  172 172 PRO PRO A . n 
A 1 91  GLY 91  173 173 GLY GLY A . n 
A 1 92  ILE 92  174 174 ILE ILE A . n 
A 1 93  ASN 93  175 175 ASN ASN A . n 
A 1 94  GLY 94  176 176 GLY GLY A . n 
A 1 95  ASP 95  177 177 ASP ASP A . n 
A 1 96  ALA 96  178 178 ALA ALA A . n 
A 1 97  HIS 97  179 179 HIS HIS A . n 
A 1 98  PHE 98  180 180 PHE PHE A . n 
A 1 99  ASP 99  181 181 ASP ASP A . n 
A 1 100 ASP 100 182 182 ASP ASP A . n 
A 1 101 ASP 101 183 183 ASP ASP A . n 
A 1 102 GLU 102 184 184 GLU GLU A . n 
A 1 103 GLN 103 185 185 GLN GLN A . n 
A 1 104 TRP 104 186 186 TRP TRP A . n 
A 1 105 THR 105 187 187 THR THR A . n 
A 1 106 LYS 106 188 188 LYS LYS A . n 
A 1 107 ASP 107 189 189 ASP ASP A . n 
A 1 108 THR 108 190 190 THR THR A . n 
A 1 109 THR 109 191 191 THR THR A . n 
A 1 110 GLY 110 192 192 GLY GLY A . n 
A 1 111 THR 111 193 193 THR THR A . n 
A 1 112 ASN 112 194 194 ASN ASN A . n 
A 1 113 LEU 113 195 195 LEU LEU A . n 
A 1 114 PHE 114 196 196 PHE PHE A . n 
A 1 115 LEU 115 197 197 LEU LEU A . n 
A 1 116 VAL 116 198 198 VAL VAL A . n 
A 1 117 ALA 117 199 199 ALA ALA A . n 
A 1 118 ALA 118 200 200 ALA ALA A . n 
A 1 119 HIS 119 201 201 HIS HIS A . n 
A 1 120 GLU 120 202 202 GLU GLU A . n 
A 1 121 ILE 121 203 203 ILE ILE A . n 
A 1 122 GLY 122 204 204 GLY GLY A . n 
A 1 123 HIS 123 205 205 HIS HIS A . n 
A 1 124 SER 124 206 206 SER SER A . n 
A 1 125 LEU 125 207 207 LEU LEU A . n 
A 1 126 GLY 126 208 208 GLY GLY A . n 
A 1 127 LEU 127 209 209 LEU LEU A . n 
A 1 128 PHE 128 210 210 PHE PHE A . n 
A 1 129 HIS 129 211 211 HIS HIS A . n 
A 1 130 SER 130 212 212 SER SER A . n 
A 1 131 ALA 131 213 213 ALA ALA A . n 
A 1 132 ASN 132 214 214 ASN ASN A . n 
A 1 133 THR 133 215 215 THR THR A . n 
A 1 134 GLU 134 216 216 GLU GLU A . n 
A 1 135 ALA 135 217 217 ALA ALA A . n 
A 1 136 LEU 136 218 218 LEU LEU A . n 
A 1 137 MET 137 219 219 MET MET A . n 
A 1 138 TYR 138 220 220 TYR TYR A . n 
A 1 139 PRO 139 221 221 PRO PRO A . n 
A 1 140 LEU 140 222 222 LEU LEU A . n 
A 1 141 TYR 141 223 223 TYR TYR A . n 
A 1 142 HIS 142 224 224 HIS HIS A . n 
A 1 143 SER 143 225 225 SER SER A . n 
A 1 144 LEU 144 226 226 LEU LEU A . n 
A 1 145 THR 145 227 227 THR THR A . n 
A 1 146 ASP 146 228 228 ASP ASP A . n 
A 1 147 LEU 147 229 229 LEU LEU A . n 
A 1 148 THR 148 230 230 THR THR A . n 
A 1 149 ARG 149 231 231 ARG ARG A . n 
A 1 150 PHE 150 232 232 PHE PHE A . n 
A 1 151 ARG 151 233 233 ARG ARG A . n 
A 1 152 LEU 152 234 234 LEU LEU A . n 
A 1 153 SER 153 235 235 SER SER A . n 
A 1 154 GLN 154 236 236 GLN GLN A . n 
A 1 155 ASP 155 237 237 ASP ASP A . n 
A 1 156 ASP 156 238 238 ASP ASP A . n 
A 1 157 ILE 157 239 239 ILE ILE A . n 
A 1 158 ASN 158 240 240 ASN ASN A . n 
A 1 159 GLY 159 241 241 GLY GLY A . n 
A 1 160 ILE 160 242 242 ILE ILE A . n 
A 1 161 GLN 161 243 243 GLN GLN A . n 
A 1 162 SER 162 244 244 SER SER A . n 
A 1 163 LEU 163 245 245 LEU LEU A . n 
A 1 164 TYR 164 246 246 TYR TYR A . n 
A 1 165 GLY 165 247 247 GLY GLY A . n 
A 1 166 PRO 166 248 248 PRO PRO A . n 
A 1 167 PRO 167 249 249 PRO PRO A . n 
# 
loop_
_pdbx_nonpoly_scheme.asym_id 
_pdbx_nonpoly_scheme.entity_id 
_pdbx_nonpoly_scheme.mon_id 
_pdbx_nonpoly_scheme.ndb_seq_num 
_pdbx_nonpoly_scheme.pdb_seq_num 
_pdbx_nonpoly_scheme.auth_seq_num 
_pdbx_nonpoly_scheme.pdb_mon_id 
_pdbx_nonpoly_scheme.auth_mon_id 
_pdbx_nonpoly_scheme.pdb_strand_id 
_pdbx_nonpoly_scheme.pdb_ins_code 
B 2 ZN  1  301 301 ZN  ZN  A . 
C 2 ZN  1  302 302 ZN  ZN  A . 
D 3 CA  1  303 303 CA  CA  A . 
E 3 CA  1  304 304 CA  CA  A . 
F 3 CA  1  305 305 CA  CA  A . 
G 4 SO4 1  501 501 SO4 SO4 A . 
H 5 IN7 1  502 502 IN7 IN7 A . 
I 6 HOH 1  401 401 HOH HOH A . 
I 6 HOH 2  402 402 HOH HOH A . 
I 6 HOH 3  403 403 HOH HOH A . 
I 6 HOH 4  404 404 HOH HOH A . 
I 6 HOH 5  405 405 HOH HOH A . 
I 6 HOH 6  406 406 HOH HOH A . 
I 6 HOH 7  407 407 HOH HOH A . 
I 6 HOH 8  408 408 HOH HOH A . 
I 6 HOH 9  409 409 HOH HOH A . 
I 6 HOH 10 410 410 HOH HOH A . 
I 6 HOH 11 411 411 HOH HOH A . 
I 6 HOH 12 412 412 HOH HOH A . 
I 6 HOH 13 413 413 HOH HOH A . 
I 6 HOH 14 414 414 HOH HOH A . 
I 6 HOH 15 415 415 HOH HOH A . 
I 6 HOH 16 416 416 HOH HOH A . 
I 6 HOH 17 417 417 HOH HOH A . 
I 6 HOH 18 418 418 HOH HOH A . 
I 6 HOH 19 419 419 HOH HOH A . 
I 6 HOH 20 420 420 HOH HOH A . 
I 6 HOH 21 421 421 HOH HOH A . 
I 6 HOH 22 422 422 HOH HOH A . 
I 6 HOH 23 423 423 HOH HOH A . 
I 6 HOH 24 424 424 HOH HOH A . 
I 6 HOH 25 425 425 HOH HOH A . 
I 6 HOH 26 426 426 HOH HOH A . 
I 6 HOH 27 427 427 HOH HOH A . 
I 6 HOH 28 428 428 HOH HOH A . 
I 6 HOH 29 429 429 HOH HOH A . 
I 6 HOH 30 430 430 HOH HOH A . 
I 6 HOH 31 431 431 HOH HOH A . 
I 6 HOH 32 432 432 HOH HOH A . 
I 6 HOH 33 433 433 HOH HOH A . 
I 6 HOH 34 434 434 HOH HOH A . 
I 6 HOH 35 435 435 HOH HOH A . 
I 6 HOH 36 436 436 HOH HOH A . 
I 6 HOH 37 437 437 HOH HOH A . 
I 6 HOH 38 438 438 HOH HOH A . 
I 6 HOH 39 439 439 HOH HOH A . 
I 6 HOH 40 440 440 HOH HOH A . 
I 6 HOH 41 441 441 HOH HOH A . 
I 6 HOH 42 442 442 HOH HOH A . 
I 6 HOH 43 443 443 HOH HOH A . 
I 6 HOH 44 444 444 HOH HOH A . 
I 6 HOH 45 445 445 HOH HOH A . 
I 6 HOH 46 446 446 HOH HOH A . 
I 6 HOH 47 447 447 HOH HOH A . 
I 6 HOH 48 448 448 HOH HOH A . 
I 6 HOH 49 449 449 HOH HOH A . 
I 6 HOH 50 450 450 HOH HOH A . 
I 6 HOH 51 451 451 HOH HOH A . 
I 6 HOH 52 452 452 HOH HOH A . 
I 6 HOH 53 453 453 HOH HOH A . 
I 6 HOH 54 454 454 HOH HOH A . 
I 6 HOH 55 455 455 HOH HOH A . 
I 6 HOH 56 456 456 HOH HOH A . 
I 6 HOH 57 457 457 HOH HOH A . 
I 6 HOH 58 458 458 HOH HOH A . 
I 6 HOH 59 459 459 HOH HOH A . 
I 6 HOH 60 460 460 HOH HOH A . 
I 6 HOH 61 461 461 HOH HOH A . 
I 6 HOH 62 462 462 HOH HOH A . 
I 6 HOH 63 463 463 HOH HOH A . 
I 6 HOH 64 464 464 HOH HOH A . 
I 6 HOH 65 465 465 HOH HOH A . 
I 6 HOH 66 466 466 HOH HOH A . 
I 6 HOH 67 467 467 HOH HOH A . 
I 6 HOH 68 468 468 HOH HOH A . 
I 6 HOH 69 469 469 HOH HOH A . 
I 6 HOH 70 470 470 HOH HOH A . 
I 6 HOH 71 471 471 HOH HOH A . 
I 6 HOH 72 472 472 HOH HOH A . 
I 6 HOH 73 473 473 HOH HOH A . 
I 6 HOH 74 474 474 HOH HOH A . 
I 6 HOH 75 475 475 HOH HOH A . 
I 6 HOH 76 476 476 HOH HOH A . 
I 6 HOH 77 477 477 HOH HOH A . 
I 6 HOH 78 478 478 HOH HOH A . 
I 6 HOH 79 479 479 HOH HOH A . 
I 6 HOH 80 480 480 HOH HOH A . 
I 6 HOH 81 481 481 HOH HOH A . 
I 6 HOH 82 482 482 HOH HOH A . 
I 6 HOH 83 483 483 HOH HOH A . 
I 6 HOH 84 484 484 HOH HOH A . 
I 6 HOH 85 485 485 HOH HOH A . 
I 6 HOH 86 486 486 HOH HOH A . 
# 
loop_
_pdbx_unobs_or_zero_occ_atoms.id 
_pdbx_unobs_or_zero_occ_atoms.PDB_model_num 
_pdbx_unobs_or_zero_occ_atoms.polymer_flag 
_pdbx_unobs_or_zero_occ_atoms.occupancy_flag 
_pdbx_unobs_or_zero_occ_atoms.auth_asym_id 
_pdbx_unobs_or_zero_occ_atoms.auth_comp_id 
_pdbx_unobs_or_zero_occ_atoms.auth_seq_id 
_pdbx_unobs_or_zero_occ_atoms.PDB_ins_code 
_pdbx_unobs_or_zero_occ_atoms.auth_atom_id 
_pdbx_unobs_or_zero_occ_atoms.label_alt_id 
_pdbx_unobs_or_zero_occ_atoms.label_asym_id 
_pdbx_unobs_or_zero_occ_atoms.label_comp_id 
_pdbx_unobs_or_zero_occ_atoms.label_seq_id 
_pdbx_unobs_or_zero_occ_atoms.label_atom_id 
1  1 Y 0 A PHE 154 ? CG  ? A PHE 72  CG  
2  1 Y 0 A PHE 154 ? CD1 ? A PHE 72  CD1 
3  1 Y 0 A PHE 154 ? CD2 ? A PHE 72  CD2 
4  1 Y 0 A PHE 154 ? CE1 ? A PHE 72  CE1 
5  1 Y 0 A PHE 154 ? CE2 ? A PHE 72  CE2 
6  1 Y 0 A PHE 154 ? CZ  ? A PHE 72  CZ  
7  1 Y 0 A GLU 216 ? CG  ? A GLU 134 CG  
8  1 Y 0 A GLU 216 ? CD  ? A GLU 134 CD  
9  1 Y 0 A GLU 216 ? OE1 ? A GLU 134 OE1 
10 1 Y 0 A GLU 216 ? OE2 ? A GLU 134 OE2 
11 1 Y 0 A ARG 233 ? CD  ? A ARG 151 CD  
12 1 Y 0 A ARG 233 ? NE  ? A ARG 151 NE  
13 1 Y 0 A ARG 233 ? CZ  ? A ARG 151 CZ  
14 1 Y 0 A ARG 233 ? NH1 ? A ARG 151 NH1 
15 1 Y 0 A ARG 233 ? NH2 ? A ARG 151 NH2 
# 
loop_
_software.name 
_software.classification 
_software.version 
_software.citation_id 
_software.pdbx_ordinal 
AMoRE   phasing          .   ? 1 
X-PLOR  refinement       3.1 ? 2 
XDS     'data reduction' .   ? 3 
AUTOMAR 'data reduction' .   ? 4 
# 
_cell.entry_id           1B8Y 
_cell.length_a           69.970 
_cell.length_b           69.970 
_cell.length_c           77.670 
_cell.angle_alpha        90.00 
_cell.angle_beta         90.00 
_cell.angle_gamma        90.00 
_cell.Z_PDB              8 
_cell.pdbx_unique_axis   ? 
# 
_symmetry.entry_id                         1B8Y 
_symmetry.space_group_name_H-M             'P 41 21 2' 
_symmetry.pdbx_full_space_group_name_H-M   ? 
_symmetry.cell_setting                     tetragonal 
_symmetry.Int_Tables_number                92 
# 
_exptl.entry_id          1B8Y 
_exptl.method            'X-RAY DIFFRACTION' 
_exptl.crystals_number   1 
# 
_exptl_crystal.id                    1 
_exptl_crystal.density_meas          ? 
_exptl_crystal.density_Matthews      2.6 
_exptl_crystal.density_percent_sol   51.35 
_exptl_crystal.description           ? 
# 
_exptl_crystal_grow.crystal_id      1 
_exptl_crystal_grow.method          'VAPOR DIFFUSION, HANGING DROP' 
_exptl_crystal_grow.temp            ? 
_exptl_crystal_grow.temp_details    ? 
_exptl_crystal_grow.pH              6.5 
_exptl_crystal_grow.pdbx_details    'pH 6.5, VAPOR DIFFUSION, HANGING DROP' 
_exptl_crystal_grow.pdbx_pH_range   . 
# 
loop_
_exptl_crystal_grow_comp.crystal_id 
_exptl_crystal_grow_comp.id 
_exptl_crystal_grow_comp.sol_id 
_exptl_crystal_grow_comp.name 
_exptl_crystal_grow_comp.volume 
_exptl_crystal_grow_comp.conc 
_exptl_crystal_grow_comp.details 
1 1 1 'PEG 8000'          ? ? ? 
1 2 1 'SODIUM CACODYLATE' ? ? ? 
1 3 1 '(NH4)2SO4'         ? ? ? 
# 
_diffrn.id                     1 
_diffrn.ambient_temp           293 
_diffrn.ambient_temp_details   ? 
_diffrn.crystal_id             1 
# 
_diffrn_detector.diffrn_id              1 
_diffrn_detector.detector               'IMAGE PLATE' 
_diffrn_detector.type                   MARRESEARCH 
_diffrn_detector.pdbx_collection_date   1995-06-15 
_diffrn_detector.details                ? 
# 
_diffrn_radiation.diffrn_id                        1 
_diffrn_radiation.wavelength_id                    1 
_diffrn_radiation.pdbx_monochromatic_or_laue_m_l   M 
_diffrn_radiation.monochromator                    GRAPHITE 
_diffrn_radiation.pdbx_diffrn_protocol             'SINGLE WAVELENGTH' 
_diffrn_radiation.pdbx_scattering_type             x-ray 
# 
_diffrn_radiation_wavelength.id           1 
_diffrn_radiation_wavelength.wavelength   1.5418 
_diffrn_radiation_wavelength.wt           1.0 
# 
_diffrn_source.diffrn_id                   1 
_diffrn_source.source                      'ROTATING ANODE' 
_diffrn_source.type                        'RIGAKU RU200' 
_diffrn_source.pdbx_synchrotron_site       ? 
_diffrn_source.pdbx_synchrotron_beamline   ? 
_diffrn_source.pdbx_wavelength             1.5418 
_diffrn_source.pdbx_wavelength_list        ? 
# 
_reflns.entry_id                     1B8Y 
_reflns.observed_criterion_sigma_I   2 
_reflns.observed_criterion_sigma_F   ? 
_reflns.d_resolution_low             29.0 
_reflns.d_resolution_high            2.0 
_reflns.number_obs                   13572 
_reflns.number_all                   ? 
_reflns.percent_possible_obs         99.9 
_reflns.pdbx_Rmerge_I_obs            ? 
_reflns.pdbx_Rsym_value              0.091 
_reflns.pdbx_netI_over_sigmaI        ? 
_reflns.B_iso_Wilson_estimate        ? 
_reflns.pdbx_redundancy              10.5 
_reflns.R_free_details               ? 
_reflns.pdbx_ordinal                 1 
_reflns.pdbx_diffrn_id               1 
# 
_reflns_shell.d_res_high             2.0 
_reflns_shell.d_res_low              2.1 
_reflns_shell.percent_possible_all   99.9 
_reflns_shell.Rmerge_I_obs           ? 
_reflns_shell.pdbx_Rsym_value        0.345 
_reflns_shell.meanI_over_sigI_obs    ? 
_reflns_shell.pdbx_redundancy        9.1 
_reflns_shell.percent_possible_obs   ? 
_reflns_shell.number_unique_all      ? 
_reflns_shell.pdbx_ordinal           1 
_reflns_shell.pdbx_diffrn_id         1 
# 
_refine.entry_id                                 1B8Y 
_refine.ls_number_reflns_obs                     12936 
_refine.ls_number_reflns_all                     ? 
_refine.pdbx_ls_sigma_I                          ? 
_refine.pdbx_ls_sigma_F                          2.0 
_refine.pdbx_data_cutoff_high_absF               ? 
_refine.pdbx_data_cutoff_low_absF                ? 
_refine.pdbx_data_cutoff_high_rms_absF           ? 
_refine.ls_d_res_low                             8.0 
_refine.ls_d_res_high                            2.0 
_refine.ls_percent_reflns_obs                    95.4 
_refine.ls_R_factor_obs                          ? 
_refine.ls_R_factor_all                          ? 
_refine.ls_R_factor_R_work                       0.1970000 
_refine.ls_R_factor_R_free                       0.2140000 
_refine.ls_R_factor_R_free_error                 ? 
_refine.ls_R_factor_R_free_error_details         ? 
_refine.ls_percent_reflns_R_free                 10.0 
_refine.ls_number_reflns_R_free                  1269 
_refine.ls_number_parameters                     ? 
_refine.ls_number_restraints                     ? 
_refine.occupancy_min                            ? 
_refine.occupancy_max                            ? 
_refine.B_iso_mean                               ? 
_refine.aniso_B[1][1]                            ? 
_refine.aniso_B[2][2]                            ? 
_refine.aniso_B[3][3]                            ? 
_refine.aniso_B[1][2]                            ? 
_refine.aniso_B[1][3]                            ? 
_refine.aniso_B[2][3]                            ? 
_refine.solvent_model_details                    ? 
_refine.solvent_model_param_ksol                 ? 
_refine.solvent_model_param_bsol                 ? 
_refine.pdbx_ls_cross_valid_method               THROUGHOUT 
_refine.details                                  
;SIDE CHAINS OF RESIDUES PHE 154, GLU 216 AND ARG 233 ARE
DISORDERED. TO REFLECT THIS, THEIR SIDE CHAIN ATOM
OCCUPANCIES ARE SET TO ZERO. THE C TERMINAL PRO 250 IS NOT
INCLUDED IN THE MODEL BECAUSE OF THE LACK OF ELECTRON
DENSITY CORRESPONDING TO THIS RESIDUE.
;
_refine.pdbx_starting_model                      ? 
_refine.pdbx_method_to_determine_struct          'MOLECULAR REPLACEMENT' 
_refine.pdbx_isotropic_thermal_model             ? 
_refine.pdbx_stereochemistry_target_values       ? 
_refine.pdbx_stereochem_target_val_spec_case     ? 
_refine.pdbx_R_Free_selection_details            RANDOM 
_refine.pdbx_overall_ESU_R                       ? 
_refine.pdbx_overall_ESU_R_Free                  ? 
_refine.overall_SU_ML                            ? 
_refine.overall_SU_B                             ? 
_refine.ls_redundancy_reflns_obs                 ? 
_refine.pdbx_refine_id                           'X-RAY DIFFRACTION' 
_refine.pdbx_diffrn_id                           1 
_refine.pdbx_TLS_residual_ADP_flag               ? 
_refine.correlation_coeff_Fo_to_Fc               ? 
_refine.correlation_coeff_Fo_to_Fc_free          ? 
_refine.pdbx_solvent_vdw_probe_radii             ? 
_refine.pdbx_solvent_ion_probe_radii             ? 
_refine.pdbx_solvent_shrinkage_radii             ? 
_refine.pdbx_overall_phase_error                 ? 
_refine.overall_SU_R_Cruickshank_DPI             ? 
_refine.pdbx_overall_SU_R_free_Cruickshank_DPI   ? 
_refine.pdbx_overall_SU_R_Blow_DPI               ? 
_refine.pdbx_overall_SU_R_free_Blow_DPI          ? 
# 
_refine_hist.pdbx_refine_id                   'X-RAY DIFFRACTION' 
_refine_hist.cycle_id                         LAST 
_refine_hist.pdbx_number_atoms_protein        1332 
_refine_hist.pdbx_number_atoms_nucleic_acid   0 
_refine_hist.pdbx_number_atoms_ligand         36 
_refine_hist.number_atoms_solvent             86 
_refine_hist.number_atoms_total               1454 
_refine_hist.d_res_high                       2.0 
_refine_hist.d_res_low                        8.0 
# 
loop_
_refine_ls_restr.type 
_refine_ls_restr.dev_ideal 
_refine_ls_restr.dev_ideal_target 
_refine_ls_restr.weight 
_refine_ls_restr.number 
_refine_ls_restr.pdbx_refine_id 
_refine_ls_restr.pdbx_restraint_function 
x_bond_d                0.011 ? ? ? 'X-RAY DIFFRACTION' ? 
x_bond_d_na             ?     ? ? ? 'X-RAY DIFFRACTION' ? 
x_bond_d_prot           ?     ? ? ? 'X-RAY DIFFRACTION' ? 
x_angle_d               ?     ? ? ? 'X-RAY DIFFRACTION' ? 
x_angle_d_na            ?     ? ? ? 'X-RAY DIFFRACTION' ? 
x_angle_d_prot          ?     ? ? ? 'X-RAY DIFFRACTION' ? 
x_angle_deg             2.6   ? ? ? 'X-RAY DIFFRACTION' ? 
x_angle_deg_na          ?     ? ? ? 'X-RAY DIFFRACTION' ? 
x_angle_deg_prot        ?     ? ? ? 'X-RAY DIFFRACTION' ? 
x_dihedral_angle_d      27.1  ? ? ? 'X-RAY DIFFRACTION' ? 
x_dihedral_angle_d_na   ?     ? ? ? 'X-RAY DIFFRACTION' ? 
x_dihedral_angle_d_prot ?     ? ? ? 'X-RAY DIFFRACTION' ? 
x_improper_angle_d      2.0   ? ? ? 'X-RAY DIFFRACTION' ? 
x_improper_angle_d_na   ?     ? ? ? 'X-RAY DIFFRACTION' ? 
x_improper_angle_d_prot ?     ? ? ? 'X-RAY DIFFRACTION' ? 
x_mcbond_it             ?     ? ? ? 'X-RAY DIFFRACTION' ? 
x_mcangle_it            ?     ? ? ? 'X-RAY DIFFRACTION' ? 
x_scbond_it             ?     ? ? ? 'X-RAY DIFFRACTION' ? 
x_scangle_it            ?     ? ? ? 'X-RAY DIFFRACTION' ? 
# 
_refine_ls_shell.pdbx_total_number_of_bins_used   8 
_refine_ls_shell.d_res_high                       2.0 
_refine_ls_shell.d_res_low                        2.09 
_refine_ls_shell.number_reflns_R_work             1379 
_refine_ls_shell.R_factor_R_work                  0.2150000 
_refine_ls_shell.percent_reflns_obs               ? 
_refine_ls_shell.R_factor_R_free                  0.2490000 
_refine_ls_shell.R_factor_R_free_error            ? 
_refine_ls_shell.percent_reflns_R_free            13 
_refine_ls_shell.number_reflns_R_free             180 
_refine_ls_shell.redundancy_reflns_obs            ? 
_refine_ls_shell.pdbx_refine_id                   'X-RAY DIFFRACTION' 
_refine_ls_shell.number_reflns_all                ? 
_refine_ls_shell.R_factor_all                     ? 
# 
_pdbx_xplor_file.serial_no        1 
_pdbx_xplor_file.param_file       PARAM19X.PRO 
_pdbx_xplor_file.topol_file       TOPH19X.PRO 
_pdbx_xplor_file.pdbx_refine_id   'X-RAY DIFFRACTION' 
# 
_struct.entry_id                  1B8Y 
_struct.title                     
'X-RAY STRUCTURE OF HUMAN STROMELYSIN CATALYTIC DOMAIN COMPLEXED WITH NON-PEPTIDE INHIBITORS: IMPLICATIONS FOR INHIBITOR SELECTIVITY' 
_struct.pdbx_model_details        ? 
_struct.pdbx_CASP_flag            ? 
_struct.pdbx_model_type_details   ? 
# 
_struct_keywords.entry_id        1B8Y 
_struct_keywords.pdbx_keywords   HYDROLASE 
_struct_keywords.text            'HYDROLASE, MATRIX METALLOPROTEINASE-3, STROMELYSIN-1' 
# 
loop_
_struct_asym.id 
_struct_asym.pdbx_blank_PDB_chainid_flag 
_struct_asym.pdbx_modified 
_struct_asym.entity_id 
_struct_asym.details 
A N N 1 ? 
B N N 2 ? 
C N N 2 ? 
D N N 3 ? 
E N N 3 ? 
F N N 3 ? 
G N N 4 ? 
H N N 5 ? 
I N N 6 ? 
# 
_struct_ref.id                         1 
_struct_ref.db_name                    UNP 
_struct_ref.db_code                    MMP3_HUMAN 
_struct_ref.entity_id                  1 
_struct_ref.pdbx_db_accession          P08254 
_struct_ref.pdbx_db_isoform            ? 
_struct_ref.pdbx_seq_one_letter_code   ? 
_struct_ref.pdbx_align_begin           ? 
# 
_struct_ref_seq.align_id                      1 
_struct_ref_seq.ref_id                        1 
_struct_ref_seq.pdbx_PDB_id_code              1B8Y 
_struct_ref_seq.pdbx_strand_id                A 
_struct_ref_seq.seq_align_beg                 1 
_struct_ref_seq.pdbx_seq_align_beg_ins_code   ? 
_struct_ref_seq.seq_align_end                 167 
_struct_ref_seq.pdbx_seq_align_end_ins_code   ? 
_struct_ref_seq.pdbx_db_accession             P08254 
_struct_ref_seq.db_align_beg                  100 
_struct_ref_seq.pdbx_db_align_beg_ins_code    ? 
_struct_ref_seq.db_align_end                  266 
_struct_ref_seq.pdbx_db_align_end_ins_code    ? 
_struct_ref_seq.pdbx_auth_seq_align_beg       83 
_struct_ref_seq.pdbx_auth_seq_align_end       249 
# 
loop_
_pdbx_struct_assembly.id 
_pdbx_struct_assembly.details 
_pdbx_struct_assembly.method_details 
_pdbx_struct_assembly.oligomeric_details 
_pdbx_struct_assembly.oligomeric_count 
1 author_defined_assembly   ?        monomeric 1 
2 software_defined_assembly PISA,PQS dimeric   2 
# 
loop_
_pdbx_struct_assembly_prop.biol_id 
_pdbx_struct_assembly_prop.type 
_pdbx_struct_assembly_prop.value 
_pdbx_struct_assembly_prop.details 
2 'ABSA (A^2)' 4080  ? 
2 MORE         -161  ? 
2 'SSA (A^2)'  14980 ? 
# 
loop_
_pdbx_struct_assembly_gen.assembly_id 
_pdbx_struct_assembly_gen.oper_expression 
_pdbx_struct_assembly_gen.asym_id_list 
1 1   A,B,C,D,E,F,G,H,I 
2 1,2 A,B,C,D,E,F,G,H,I 
# 
loop_
_pdbx_struct_oper_list.id 
_pdbx_struct_oper_list.type 
_pdbx_struct_oper_list.name 
_pdbx_struct_oper_list.symmetry_operation 
_pdbx_struct_oper_list.matrix[1][1] 
_pdbx_struct_oper_list.matrix[1][2] 
_pdbx_struct_oper_list.matrix[1][3] 
_pdbx_struct_oper_list.vector[1] 
_pdbx_struct_oper_list.matrix[2][1] 
_pdbx_struct_oper_list.matrix[2][2] 
_pdbx_struct_oper_list.matrix[2][3] 
_pdbx_struct_oper_list.vector[2] 
_pdbx_struct_oper_list.matrix[3][1] 
_pdbx_struct_oper_list.matrix[3][2] 
_pdbx_struct_oper_list.matrix[3][3] 
_pdbx_struct_oper_list.vector[3] 
1 'identity operation'         1_555 x,y,z    1.0000000000  0.0000000000  0.0000000000  0.0000000000   0.0000000000  1.0000000000 0.0000000000 0.0000000000   0.0000000000  0.0000000000 1.0000000000  0.0000000000   
2 'crystal symmetry operation' 7_556 y,x,-z+1 -0.4842814584 -0.8749054145 -0.0034619080 -23.7751851194 -0.8749054145 0.4842582193 0.0058730525 -13.9411002380 -0.0034619080 0.0058730525 -0.9999767610 -18.5330503460 
# 
_struct_biol.id   1 
# 
loop_
_struct_conf.conf_type_id 
_struct_conf.id 
_struct_conf.pdbx_PDB_helix_id 
_struct_conf.beg_label_comp_id 
_struct_conf.beg_label_asym_id 
_struct_conf.beg_label_seq_id 
_struct_conf.pdbx_beg_PDB_ins_code 
_struct_conf.end_label_comp_id 
_struct_conf.end_label_asym_id 
_struct_conf.end_label_seq_id 
_struct_conf.pdbx_end_PDB_ins_code 
_struct_conf.beg_auth_comp_id 
_struct_conf.beg_auth_asym_id 
_struct_conf.beg_auth_seq_id 
_struct_conf.end_auth_comp_id 
_struct_conf.end_auth_asym_id 
_struct_conf.end_auth_seq_id 
_struct_conf.pdbx_PDB_helix_class 
_struct_conf.details 
_struct_conf.pdbx_PDB_helix_length 
HELX_P HELX_P1 1 LYS A 28  ? VAL A 45  ? LYS A 110 VAL A 127 1 ? 18 
HELX_P HELX_P2 2 LEU A 113 ? SER A 124 ? LEU A 195 SER A 206 1 ? 12 
HELX_P HELX_P3 3 LEU A 147 ? ARG A 149 ? LEU A 229 ARG A 231 5 ? 3  
HELX_P HELX_P4 4 GLN A 154 ? TYR A 164 ? GLN A 236 TYR A 246 1 ? 11 
# 
_struct_conf_type.id          HELX_P 
_struct_conf_type.criteria    ? 
_struct_conf_type.reference   ? 
# 
loop_
_struct_conn.id 
_struct_conn.conn_type_id 
_struct_conn.pdbx_leaving_atom_flag 
_struct_conn.pdbx_PDB_id 
_struct_conn.ptnr1_label_asym_id 
_struct_conn.ptnr1_label_comp_id 
_struct_conn.ptnr1_label_seq_id 
_struct_conn.ptnr1_label_atom_id 
_struct_conn.pdbx_ptnr1_label_alt_id 
_struct_conn.pdbx_ptnr1_PDB_ins_code 
_struct_conn.pdbx_ptnr1_standard_comp_id 
_struct_conn.ptnr1_symmetry 
_struct_conn.ptnr2_label_asym_id 
_struct_conn.ptnr2_label_comp_id 
_struct_conn.ptnr2_label_seq_id 
_struct_conn.ptnr2_label_atom_id 
_struct_conn.pdbx_ptnr2_label_alt_id 
_struct_conn.pdbx_ptnr2_PDB_ins_code 
_struct_conn.ptnr1_auth_asym_id 
_struct_conn.ptnr1_auth_comp_id 
_struct_conn.ptnr1_auth_seq_id 
_struct_conn.ptnr2_auth_asym_id 
_struct_conn.ptnr2_auth_comp_id 
_struct_conn.ptnr2_auth_seq_id 
_struct_conn.ptnr2_symmetry 
_struct_conn.pdbx_ptnr3_label_atom_id 
_struct_conn.pdbx_ptnr3_label_seq_id 
_struct_conn.pdbx_ptnr3_label_comp_id 
_struct_conn.pdbx_ptnr3_label_asym_id 
_struct_conn.pdbx_ptnr3_label_alt_id 
_struct_conn.pdbx_ptnr3_PDB_ins_code 
_struct_conn.details 
_struct_conn.pdbx_dist_value 
_struct_conn.pdbx_value_order 
_struct_conn.pdbx_role 
metalc1  metalc ? ? A ASP 25  OD2 ? ? ? 1_555 F CA  . CA ? ? A ASP 107 A CA  305 1_555 ? ? ? ? ? ? ? 2.634 ? ? 
metalc2  metalc ? ? A ASP 25  OD1 ? ? ? 1_555 F CA  . CA ? ? A ASP 107 A CA  305 1_555 ? ? ? ? ? ? ? 3.239 ? ? 
metalc3  metalc ? ? A ASP 59  O   ? ? ? 1_555 E CA  . CA ? ? A ASP 141 A CA  304 1_555 ? ? ? ? ? ? ? 2.417 ? ? 
metalc4  metalc ? ? A HIS 69  NE2 ? ? ? 1_555 C ZN  . ZN ? ? A HIS 151 A ZN  302 1_555 ? ? ? ? ? ? ? 2.174 ? ? 
metalc5  metalc ? ? A ASP 71  OD2 ? ? ? 1_555 C ZN  . ZN ? ? A ASP 153 A ZN  302 1_555 ? ? ? ? ? ? ? 2.168 ? ? 
metalc6  metalc ? ? A ASP 76  OD1 ? ? ? 1_555 D CA  . CA ? ? A ASP 158 A CA  303 1_555 ? ? ? ? ? ? ? 2.518 ? ? 
metalc7  metalc ? ? A GLY 77  O   ? ? ? 1_555 D CA  . CA ? ? A GLY 159 A CA  303 1_555 ? ? ? ? ? ? ? 2.375 ? ? 
metalc8  metalc ? ? A GLY 79  O   ? ? ? 1_555 D CA  . CA ? ? A GLY 161 A CA  303 1_555 ? ? ? ? ? ? ? 2.491 ? ? 
metalc9  metalc ? ? A VAL 81  O   ? ? ? 1_555 D CA  . CA ? ? A VAL 163 A CA  303 1_555 ? ? ? ? ? ? ? 2.440 ? ? 
metalc10 metalc ? ? A HIS 84  NE2 ? ? ? 1_555 C ZN  . ZN ? ? A HIS 166 A ZN  302 1_555 ? ? ? ? ? ? ? 2.145 ? ? 
metalc11 metalc ? ? A GLY 91  O   ? ? ? 1_555 E CA  . CA ? ? A GLY 173 A CA  304 1_555 ? ? ? ? ? ? ? 2.439 ? ? 
metalc12 metalc ? ? A ASN 93  O   ? ? ? 1_555 E CA  . CA ? ? A ASN 175 A CA  304 1_555 ? ? ? ? ? ? ? 2.437 ? ? 
metalc13 metalc ? ? A ASP 95  OD1 ? ? ? 1_555 E CA  . CA ? ? A ASP 177 A CA  304 1_555 ? ? ? ? ? ? ? 2.490 ? ? 
metalc14 metalc ? ? A HIS 97  ND1 ? ? ? 1_555 C ZN  . ZN ? ? A HIS 179 A ZN  302 1_555 ? ? ? ? ? ? ? 2.216 ? ? 
metalc15 metalc ? ? A ASP 99  OD2 ? ? ? 1_555 D CA  . CA ? ? A ASP 181 A CA  303 1_555 ? ? ? ? ? ? ? 2.494 ? ? 
metalc16 metalc ? ? A ASP 100 O   ? ? ? 1_555 F CA  . CA ? ? A ASP 182 A CA  305 1_555 ? ? ? ? ? ? ? 2.684 ? ? 
metalc17 metalc ? ? A ASP 100 OD1 ? ? ? 1_555 F CA  . CA ? ? A ASP 182 A CA  305 1_555 ? ? ? ? ? ? ? 2.639 ? ? 
metalc18 metalc ? ? A GLU 102 OE2 ? ? ? 1_555 D CA  . CA ? ? A GLU 184 A CA  303 1_555 ? ? ? ? ? ? ? 2.421 ? ? 
metalc19 metalc ? ? A GLU 102 O   ? ? ? 1_555 F CA  . CA ? ? A GLU 184 A CA  305 1_555 ? ? ? ? ? ? ? 2.496 ? ? 
metalc20 metalc ? ? A HIS 119 NE2 ? ? ? 1_555 B ZN  . ZN ? ? A HIS 201 A ZN  301 1_555 ? ? ? ? ? ? ? 2.216 ? ? 
metalc21 metalc ? ? A HIS 123 NE2 ? ? ? 1_555 B ZN  . ZN ? ? A HIS 205 A ZN  301 1_555 ? ? ? ? ? ? ? 2.207 ? ? 
metalc22 metalc ? ? A HIS 129 NE2 ? ? ? 1_555 B ZN  . ZN ? ? A HIS 211 A ZN  301 1_555 ? ? ? ? ? ? ? 2.216 ? ? 
metalc23 metalc ? ? B ZN  .   ZN  ? ? ? 1_555 H IN7 . O4 ? ? A ZN  301 A IN7 502 1_555 ? ? ? ? ? ? ? 2.022 ? ? 
metalc24 metalc ? ? E CA  .   CA  ? ? ? 1_555 I HOH . O  ? ? A CA  304 A HOH 403 1_555 ? ? ? ? ? ? ? 2.556 ? ? 
metalc25 metalc ? ? E CA  .   CA  ? ? ? 1_555 I HOH . O  ? ? A CA  304 A HOH 404 1_555 ? ? ? ? ? ? ? 2.534 ? ? 
metalc26 metalc ? ? F CA  .   CA  ? ? ? 1_555 I HOH . O  ? ? A CA  305 A HOH 401 1_555 ? ? ? ? ? ? ? 2.525 ? ? 
# 
_struct_conn_type.id          metalc 
_struct_conn_type.criteria    ? 
_struct_conn_type.reference   ? 
# 
loop_
_pdbx_struct_conn_angle.id 
_pdbx_struct_conn_angle.ptnr1_label_atom_id 
_pdbx_struct_conn_angle.ptnr1_label_alt_id 
_pdbx_struct_conn_angle.ptnr1_label_asym_id 
_pdbx_struct_conn_angle.ptnr1_label_comp_id 
_pdbx_struct_conn_angle.ptnr1_label_seq_id 
_pdbx_struct_conn_angle.ptnr1_auth_atom_id 
_pdbx_struct_conn_angle.ptnr1_auth_asym_id 
_pdbx_struct_conn_angle.ptnr1_auth_comp_id 
_pdbx_struct_conn_angle.ptnr1_auth_seq_id 
_pdbx_struct_conn_angle.ptnr1_PDB_ins_code 
_pdbx_struct_conn_angle.ptnr1_symmetry 
_pdbx_struct_conn_angle.ptnr2_label_atom_id 
_pdbx_struct_conn_angle.ptnr2_label_alt_id 
_pdbx_struct_conn_angle.ptnr2_label_asym_id 
_pdbx_struct_conn_angle.ptnr2_label_comp_id 
_pdbx_struct_conn_angle.ptnr2_label_seq_id 
_pdbx_struct_conn_angle.ptnr2_auth_atom_id 
_pdbx_struct_conn_angle.ptnr2_auth_asym_id 
_pdbx_struct_conn_angle.ptnr2_auth_comp_id 
_pdbx_struct_conn_angle.ptnr2_auth_seq_id 
_pdbx_struct_conn_angle.ptnr2_PDB_ins_code 
_pdbx_struct_conn_angle.ptnr2_symmetry 
_pdbx_struct_conn_angle.ptnr3_label_atom_id 
_pdbx_struct_conn_angle.ptnr3_label_alt_id 
_pdbx_struct_conn_angle.ptnr3_label_asym_id 
_pdbx_struct_conn_angle.ptnr3_label_comp_id 
_pdbx_struct_conn_angle.ptnr3_label_seq_id 
_pdbx_struct_conn_angle.ptnr3_auth_atom_id 
_pdbx_struct_conn_angle.ptnr3_auth_asym_id 
_pdbx_struct_conn_angle.ptnr3_auth_comp_id 
_pdbx_struct_conn_angle.ptnr3_auth_seq_id 
_pdbx_struct_conn_angle.ptnr3_PDB_ins_code 
_pdbx_struct_conn_angle.ptnr3_symmetry 
_pdbx_struct_conn_angle.value 
_pdbx_struct_conn_angle.value_esd 
1  OD2 ? A ASP 25  ? A ASP 107 ? 1_555 CA ? F CA . ? A CA 305 ? 1_555 OD1 ? A ASP 25  ? A ASP 107 ? 1_555 41.1  ? 
2  OD2 ? A ASP 25  ? A ASP 107 ? 1_555 CA ? F CA . ? A CA 305 ? 1_555 O   ? A ASP 100 ? A ASP 182 ? 1_555 166.8 ? 
3  OD1 ? A ASP 25  ? A ASP 107 ? 1_555 CA ? F CA . ? A CA 305 ? 1_555 O   ? A ASP 100 ? A ASP 182 ? 1_555 152.0 ? 
4  OD2 ? A ASP 25  ? A ASP 107 ? 1_555 CA ? F CA . ? A CA 305 ? 1_555 OD1 ? A ASP 100 ? A ASP 182 ? 1_555 97.8  ? 
5  OD1 ? A ASP 25  ? A ASP 107 ? 1_555 CA ? F CA . ? A CA 305 ? 1_555 OD1 ? A ASP 100 ? A ASP 182 ? 1_555 108.9 ? 
6  O   ? A ASP 100 ? A ASP 182 ? 1_555 CA ? F CA . ? A CA 305 ? 1_555 OD1 ? A ASP 100 ? A ASP 182 ? 1_555 77.2  ? 
7  OD2 ? A ASP 25  ? A ASP 107 ? 1_555 CA ? F CA . ? A CA 305 ? 1_555 O   ? A GLU 102 ? A GLU 184 ? 1_555 75.4  ? 
8  OD1 ? A ASP 25  ? A ASP 107 ? 1_555 CA ? F CA . ? A CA 305 ? 1_555 O   ? A GLU 102 ? A GLU 184 ? 1_555 106.5 ? 
9  O   ? A ASP 100 ? A ASP 182 ? 1_555 CA ? F CA . ? A CA 305 ? 1_555 O   ? A GLU 102 ? A GLU 184 ? 1_555 95.2  ? 
10 OD1 ? A ASP 100 ? A ASP 182 ? 1_555 CA ? F CA . ? A CA 305 ? 1_555 O   ? A GLU 102 ? A GLU 184 ? 1_555 113.3 ? 
11 OD2 ? A ASP 25  ? A ASP 107 ? 1_555 CA ? F CA . ? A CA 305 ? 1_555 O   ? I HOH .   ? A HOH 401 ? 1_555 97.8  ? 
12 OD1 ? A ASP 25  ? A ASP 107 ? 1_555 CA ? F CA . ? A CA 305 ? 1_555 O   ? I HOH .   ? A HOH 401 ? 1_555 56.7  ? 
13 O   ? A ASP 100 ? A ASP 182 ? 1_555 CA ? F CA . ? A CA 305 ? 1_555 O   ? I HOH .   ? A HOH 401 ? 1_555 95.3  ? 
14 OD1 ? A ASP 100 ? A ASP 182 ? 1_555 CA ? F CA . ? A CA 305 ? 1_555 O   ? I HOH .   ? A HOH 401 ? 1_555 106.3 ? 
15 O   ? A GLU 102 ? A GLU 184 ? 1_555 CA ? F CA . ? A CA 305 ? 1_555 O   ? I HOH .   ? A HOH 401 ? 1_555 140.3 ? 
16 O   ? A ASP 59  ? A ASP 141 ? 1_555 CA ? E CA . ? A CA 304 ? 1_555 O   ? A GLY 91  ? A GLY 173 ? 1_555 176.1 ? 
17 O   ? A ASP 59  ? A ASP 141 ? 1_555 CA ? E CA . ? A CA 304 ? 1_555 O   ? A ASN 93  ? A ASN 175 ? 1_555 98.3  ? 
18 O   ? A GLY 91  ? A GLY 173 ? 1_555 CA ? E CA . ? A CA 304 ? 1_555 O   ? A ASN 93  ? A ASN 175 ? 1_555 85.5  ? 
19 O   ? A ASP 59  ? A ASP 141 ? 1_555 CA ? E CA . ? A CA 304 ? 1_555 OD1 ? A ASP 95  ? A ASP 177 ? 1_555 84.4  ? 
20 O   ? A GLY 91  ? A GLY 173 ? 1_555 CA ? E CA . ? A CA 304 ? 1_555 OD1 ? A ASP 95  ? A ASP 177 ? 1_555 96.5  ? 
21 O   ? A ASN 93  ? A ASN 175 ? 1_555 CA ? E CA . ? A CA 304 ? 1_555 OD1 ? A ASP 95  ? A ASP 177 ? 1_555 96.1  ? 
22 O   ? A ASP 59  ? A ASP 141 ? 1_555 CA ? E CA . ? A CA 304 ? 1_555 O   ? I HOH .   ? A HOH 403 ? 1_555 88.2  ? 
23 O   ? A GLY 91  ? A GLY 173 ? 1_555 CA ? E CA . ? A CA 304 ? 1_555 O   ? I HOH .   ? A HOH 403 ? 1_555 91.7  ? 
24 O   ? A ASN 93  ? A ASN 175 ? 1_555 CA ? E CA . ? A CA 304 ? 1_555 O   ? I HOH .   ? A HOH 403 ? 1_555 73.4  ? 
25 OD1 ? A ASP 95  ? A ASP 177 ? 1_555 CA ? E CA . ? A CA 304 ? 1_555 O   ? I HOH .   ? A HOH 403 ? 1_555 166.2 ? 
26 O   ? A ASP 59  ? A ASP 141 ? 1_555 CA ? E CA . ? A CA 304 ? 1_555 O   ? I HOH .   ? A HOH 404 ? 1_555 96.2  ? 
27 O   ? A GLY 91  ? A GLY 173 ? 1_555 CA ? E CA . ? A CA 304 ? 1_555 O   ? I HOH .   ? A HOH 404 ? 1_555 79.8  ? 
28 O   ? A ASN 93  ? A ASN 175 ? 1_555 CA ? E CA . ? A CA 304 ? 1_555 O   ? I HOH .   ? A HOH 404 ? 1_555 160.5 ? 
29 OD1 ? A ASP 95  ? A ASP 177 ? 1_555 CA ? E CA . ? A CA 304 ? 1_555 O   ? I HOH .   ? A HOH 404 ? 1_555 98.2  ? 
30 O   ? I HOH .   ? A HOH 403 ? 1_555 CA ? E CA . ? A CA 304 ? 1_555 O   ? I HOH .   ? A HOH 404 ? 1_555 94.2  ? 
31 NE2 ? A HIS 69  ? A HIS 151 ? 1_555 ZN ? C ZN . ? A ZN 302 ? 1_555 OD2 ? A ASP 71  ? A ASP 153 ? 1_555 111.7 ? 
32 NE2 ? A HIS 69  ? A HIS 151 ? 1_555 ZN ? C ZN . ? A ZN 302 ? 1_555 NE2 ? A HIS 84  ? A HIS 166 ? 1_555 117.8 ? 
33 OD2 ? A ASP 71  ? A ASP 153 ? 1_555 ZN ? C ZN . ? A ZN 302 ? 1_555 NE2 ? A HIS 84  ? A HIS 166 ? 1_555 110.2 ? 
34 NE2 ? A HIS 69  ? A HIS 151 ? 1_555 ZN ? C ZN . ? A ZN 302 ? 1_555 ND1 ? A HIS 97  ? A HIS 179 ? 1_555 109.9 ? 
35 OD2 ? A ASP 71  ? A ASP 153 ? 1_555 ZN ? C ZN . ? A ZN 302 ? 1_555 ND1 ? A HIS 97  ? A HIS 179 ? 1_555 97.6  ? 
36 NE2 ? A HIS 84  ? A HIS 166 ? 1_555 ZN ? C ZN . ? A ZN 302 ? 1_555 ND1 ? A HIS 97  ? A HIS 179 ? 1_555 107.6 ? 
37 OD1 ? A ASP 76  ? A ASP 158 ? 1_555 CA ? D CA . ? A CA 303 ? 1_555 O   ? A GLY 77  ? A GLY 159 ? 1_555 85.5  ? 
38 OD1 ? A ASP 76  ? A ASP 158 ? 1_555 CA ? D CA . ? A CA 303 ? 1_555 O   ? A GLY 79  ? A GLY 161 ? 1_555 86.1  ? 
39 O   ? A GLY 77  ? A GLY 159 ? 1_555 CA ? D CA . ? A CA 303 ? 1_555 O   ? A GLY 79  ? A GLY 161 ? 1_555 90.3  ? 
40 OD1 ? A ASP 76  ? A ASP 158 ? 1_555 CA ? D CA . ? A CA 303 ? 1_555 O   ? A VAL 81  ? A VAL 163 ? 1_555 88.0  ? 
41 O   ? A GLY 77  ? A GLY 159 ? 1_555 CA ? D CA . ? A CA 303 ? 1_555 O   ? A VAL 81  ? A VAL 163 ? 1_555 172.8 ? 
42 O   ? A GLY 79  ? A GLY 161 ? 1_555 CA ? D CA . ? A CA 303 ? 1_555 O   ? A VAL 81  ? A VAL 163 ? 1_555 92.2  ? 
43 OD1 ? A ASP 76  ? A ASP 158 ? 1_555 CA ? D CA . ? A CA 303 ? 1_555 OD2 ? A ASP 99  ? A ASP 181 ? 1_555 92.3  ? 
44 O   ? A GLY 77  ? A GLY 159 ? 1_555 CA ? D CA . ? A CA 303 ? 1_555 OD2 ? A ASP 99  ? A ASP 181 ? 1_555 87.9  ? 
45 O   ? A GLY 79  ? A GLY 161 ? 1_555 CA ? D CA . ? A CA 303 ? 1_555 OD2 ? A ASP 99  ? A ASP 181 ? 1_555 177.7 ? 
46 O   ? A VAL 81  ? A VAL 163 ? 1_555 CA ? D CA . ? A CA 303 ? 1_555 OD2 ? A ASP 99  ? A ASP 181 ? 1_555 89.5  ? 
47 OD1 ? A ASP 76  ? A ASP 158 ? 1_555 CA ? D CA . ? A CA 303 ? 1_555 OE2 ? A GLU 102 ? A GLU 184 ? 1_555 175.0 ? 
48 O   ? A GLY 77  ? A GLY 159 ? 1_555 CA ? D CA . ? A CA 303 ? 1_555 OE2 ? A GLU 102 ? A GLU 184 ? 1_555 93.0  ? 
49 O   ? A GLY 79  ? A GLY 161 ? 1_555 CA ? D CA . ? A CA 303 ? 1_555 OE2 ? A GLU 102 ? A GLU 184 ? 1_555 89.1  ? 
50 O   ? A VAL 81  ? A VAL 163 ? 1_555 CA ? D CA . ? A CA 303 ? 1_555 OE2 ? A GLU 102 ? A GLU 184 ? 1_555 93.8  ? 
51 OD2 ? A ASP 99  ? A ASP 181 ? 1_555 CA ? D CA . ? A CA 303 ? 1_555 OE2 ? A GLU 102 ? A GLU 184 ? 1_555 92.4  ? 
52 NE2 ? A HIS 119 ? A HIS 201 ? 1_555 ZN ? B ZN . ? A ZN 301 ? 1_555 NE2 ? A HIS 123 ? A HIS 205 ? 1_555 105.2 ? 
53 NE2 ? A HIS 119 ? A HIS 201 ? 1_555 ZN ? B ZN . ? A ZN 301 ? 1_555 NE2 ? A HIS 129 ? A HIS 211 ? 1_555 105.7 ? 
54 NE2 ? A HIS 123 ? A HIS 205 ? 1_555 ZN ? B ZN . ? A ZN 301 ? 1_555 NE2 ? A HIS 129 ? A HIS 211 ? 1_555 109.3 ? 
55 NE2 ? A HIS 119 ? A HIS 201 ? 1_555 ZN ? B ZN . ? A ZN 301 ? 1_555 O4  ? H IN7 .   ? A IN7 502 ? 1_555 117.3 ? 
56 NE2 ? A HIS 123 ? A HIS 205 ? 1_555 ZN ? B ZN . ? A ZN 301 ? 1_555 O4  ? H IN7 .   ? A IN7 502 ? 1_555 123.8 ? 
57 NE2 ? A HIS 129 ? A HIS 211 ? 1_555 ZN ? B ZN . ? A ZN 301 ? 1_555 O4  ? H IN7 .   ? A IN7 502 ? 1_555 93.3  ? 
# 
_struct_sheet.id               A 
_struct_sheet.type             ? 
_struct_sheet.number_strands   5 
_struct_sheet.details          ? 
# 
loop_
_struct_sheet_order.sheet_id 
_struct_sheet_order.range_id_1 
_struct_sheet_order.range_id_2 
_struct_sheet_order.offset 
_struct_sheet_order.sense 
A 1 2 ? parallel      
A 2 3 ? parallel      
A 3 4 ? parallel      
A 4 5 ? anti-parallel 
# 
loop_
_struct_sheet_range.sheet_id 
_struct_sheet_range.id 
_struct_sheet_range.beg_label_comp_id 
_struct_sheet_range.beg_label_asym_id 
_struct_sheet_range.beg_label_seq_id 
_struct_sheet_range.pdbx_beg_PDB_ins_code 
_struct_sheet_range.end_label_comp_id 
_struct_sheet_range.end_label_asym_id 
_struct_sheet_range.end_label_seq_id 
_struct_sheet_range.pdbx_end_PDB_ins_code 
_struct_sheet_range.beg_auth_comp_id 
_struct_sheet_range.beg_auth_asym_id 
_struct_sheet_range.beg_auth_seq_id 
_struct_sheet_range.end_auth_comp_id 
_struct_sheet_range.end_auth_asym_id 
_struct_sheet_range.end_auth_seq_id 
A 1 THR A 49 ? ARG A 52 ? THR A 131 ARG A 134 
A 2 HIS A 14 ? ILE A 19 ? HIS A 96  ILE A 101 
A 3 ILE A 60 ? ALA A 65 ? ILE A 142 ALA A 147 
A 4 ALA A 96 ? ASP A 99 ? ALA A 178 ASP A 181 
A 5 ALA A 83 ? ALA A 85 ? ALA A 165 ALA A 167 
# 
loop_
_pdbx_struct_sheet_hbond.sheet_id 
_pdbx_struct_sheet_hbond.range_id_1 
_pdbx_struct_sheet_hbond.range_id_2 
_pdbx_struct_sheet_hbond.range_1_label_atom_id 
_pdbx_struct_sheet_hbond.range_1_label_comp_id 
_pdbx_struct_sheet_hbond.range_1_label_asym_id 
_pdbx_struct_sheet_hbond.range_1_label_seq_id 
_pdbx_struct_sheet_hbond.range_1_PDB_ins_code 
_pdbx_struct_sheet_hbond.range_1_auth_atom_id 
_pdbx_struct_sheet_hbond.range_1_auth_comp_id 
_pdbx_struct_sheet_hbond.range_1_auth_asym_id 
_pdbx_struct_sheet_hbond.range_1_auth_seq_id 
_pdbx_struct_sheet_hbond.range_2_label_atom_id 
_pdbx_struct_sheet_hbond.range_2_label_comp_id 
_pdbx_struct_sheet_hbond.range_2_label_asym_id 
_pdbx_struct_sheet_hbond.range_2_label_seq_id 
_pdbx_struct_sheet_hbond.range_2_PDB_ins_code 
_pdbx_struct_sheet_hbond.range_2_auth_atom_id 
_pdbx_struct_sheet_hbond.range_2_auth_comp_id 
_pdbx_struct_sheet_hbond.range_2_auth_asym_id 
_pdbx_struct_sheet_hbond.range_2_auth_seq_id 
A 1 2 O THR A 49 ? O THR A 131 N LEU A 15 ? N LEU A 97  
A 2 3 O ARG A 18 ? O ARG A 100 N ILE A 60 ? N ILE A 142 
A 3 4 O SER A 63 ? O SER A 145 N ALA A 96 ? N ALA A 178 
A 4 5 O HIS A 97 ? O HIS A 179 N HIS A 84 ? N HIS A 166 
# 
loop_
_struct_site.id 
_struct_site.pdbx_evidence_code 
_struct_site.pdbx_auth_asym_id 
_struct_site.pdbx_auth_comp_id 
_struct_site.pdbx_auth_seq_id 
_struct_site.pdbx_auth_ins_code 
_struct_site.pdbx_num_residues 
_struct_site.details 
IN7 Author   ? ?   ?   ? 1  'IN7 IS THE BINDING SITE FOR THE DIPHENYLPIPERIDINE SULFONAMIDE INHIBITOR.' 
ZN1 Author   ? ?   ?   ? 4  'ZN1 IS THE CATALYTIC ZINC BINDING SITE OF ZN 301.'                         
ZN2 Author   ? ?   ?   ? 4  'ZN2 IS THE STRUCTURAL ZINC BINDING SITE OF ZN 302.'                        
CA1 Author   ? ?   ?   ? 6  'CA1 IS THE FIRST CALCIUM BINDING SITE OF CA 303.'                          
CA2 Author   ? ?   ?   ? 6  'CA2 IS THE SECOND CALCIUM BINDING SITE OF CA 304.'                         
CA3 Author   ? ?   ?   ? 4  'CA3 IS THE THIRD CALCIUM BINDING SITE OF CA 305.'                          
AC1 Software A ZN  301 ? 4  'BINDING SITE FOR RESIDUE ZN A 301'                                         
AC2 Software A ZN  302 ? 4  'BINDING SITE FOR RESIDUE ZN A 302'                                         
AC3 Software A CA  303 ? 6  'BINDING SITE FOR RESIDUE CA A 303'                                         
AC4 Software A CA  304 ? 6  'BINDING SITE FOR RESIDUE CA A 304'                                         
AC5 Software A CA  305 ? 4  'BINDING SITE FOR RESIDUE CA A 305'                                         
AC6 Software A SO4 501 ? 5  'BINDING SITE FOR RESIDUE SO4 A 501'                                        
AC7 Software A IN7 502 ? 14 'BINDING SITE FOR RESIDUE IN7 A 502'                                        
# 
loop_
_struct_site_gen.id 
_struct_site_gen.site_id 
_struct_site_gen.pdbx_num_res 
_struct_site_gen.label_comp_id 
_struct_site_gen.label_asym_id 
_struct_site_gen.label_seq_id 
_struct_site_gen.pdbx_auth_ins_code 
_struct_site_gen.auth_comp_id 
_struct_site_gen.auth_asym_id 
_struct_site_gen.auth_seq_id 
_struct_site_gen.label_atom_id 
_struct_site_gen.label_alt_id 
_struct_site_gen.symmetry 
_struct_site_gen.details 
1  IN7 1  IN7 H .   ? IN7 A 502 . ? 1_555 ? 
2  ZN1 4  HIS A 119 ? HIS A 201 . ? 1_555 ? 
3  ZN1 4  HIS A 123 ? HIS A 205 . ? 1_555 ? 
4  ZN1 4  HIS A 129 ? HIS A 211 . ? 1_555 ? 
5  ZN1 4  IN7 H .   ? IN7 A 502 . ? 1_555 ? 
6  ZN2 4  HIS A 69  ? HIS A 151 . ? 1_555 ? 
7  ZN2 4  ASP A 71  ? ASP A 153 . ? 1_555 ? 
8  ZN2 4  HIS A 84  ? HIS A 166 . ? 1_555 ? 
9  ZN2 4  HIS A 97  ? HIS A 179 . ? 1_555 ? 
10 CA1 6  ASP A 76  ? ASP A 158 . ? 1_555 ? 
11 CA1 6  GLY A 77  ? GLY A 159 . ? 1_555 ? 
12 CA1 6  GLY A 79  ? GLY A 161 . ? 1_555 ? 
13 CA1 6  VAL A 81  ? VAL A 163 . ? 1_555 ? 
14 CA1 6  ASP A 99  ? ASP A 181 . ? 1_555 ? 
15 CA1 6  GLU A 102 ? GLU A 184 . ? 1_555 ? 
16 CA2 6  ASP A 59  ? ASP A 141 . ? 1_555 ? 
17 CA2 6  GLY A 91  ? GLY A 173 . ? 1_555 ? 
18 CA2 6  ASN A 93  ? ASN A 175 . ? 1_555 ? 
19 CA2 6  ASP A 95  ? ASP A 177 . ? 1_555 ? 
20 CA2 6  HOH I .   ? HOH A 403 . ? 1_555 ? 
21 CA2 6  HOH I .   ? HOH A 404 . ? 1_555 ? 
22 CA3 4  ASP A 25  ? ASP A 107 . ? 1_555 ? 
23 CA3 4  ASP A 100 ? ASP A 182 . ? 1_555 ? 
24 CA3 4  GLU A 102 ? GLU A 184 . ? 1_555 ? 
25 CA3 4  HOH I .   ? HOH A 401 . ? 1_555 ? 
26 AC1 4  HIS A 119 ? HIS A 201 . ? 1_555 ? 
27 AC1 4  HIS A 123 ? HIS A 205 . ? 1_555 ? 
28 AC1 4  HIS A 129 ? HIS A 211 . ? 1_555 ? 
29 AC1 4  IN7 H .   ? IN7 A 502 . ? 1_555 ? 
30 AC2 4  HIS A 69  ? HIS A 151 . ? 1_555 ? 
31 AC2 4  ASP A 71  ? ASP A 153 . ? 1_555 ? 
32 AC2 4  HIS A 84  ? HIS A 166 . ? 1_555 ? 
33 AC2 4  HIS A 97  ? HIS A 179 . ? 1_555 ? 
34 AC3 6  ASP A 76  ? ASP A 158 . ? 1_555 ? 
35 AC3 6  GLY A 77  ? GLY A 159 . ? 1_555 ? 
36 AC3 6  GLY A 79  ? GLY A 161 . ? 1_555 ? 
37 AC3 6  VAL A 81  ? VAL A 163 . ? 1_555 ? 
38 AC3 6  ASP A 99  ? ASP A 181 . ? 1_555 ? 
39 AC3 6  GLU A 102 ? GLU A 184 . ? 1_555 ? 
40 AC4 6  ASP A 59  ? ASP A 141 . ? 1_555 ? 
41 AC4 6  GLY A 91  ? GLY A 173 . ? 1_555 ? 
42 AC4 6  ASN A 93  ? ASN A 175 . ? 1_555 ? 
43 AC4 6  ASP A 95  ? ASP A 177 . ? 1_555 ? 
44 AC4 6  HOH I .   ? HOH A 403 . ? 1_555 ? 
45 AC4 6  HOH I .   ? HOH A 404 . ? 1_555 ? 
46 AC5 4  ASP A 25  ? ASP A 107 . ? 1_555 ? 
47 AC5 4  ASP A 100 ? ASP A 182 . ? 1_555 ? 
48 AC5 4  GLU A 102 ? GLU A 184 . ? 1_555 ? 
49 AC5 4  HOH I .   ? HOH A 401 . ? 1_555 ? 
50 AC6 5  PRO A 27  ? PRO A 109 . ? 1_555 ? 
51 AC6 5  PRO A 27  ? PRO A 109 . ? 7_556 ? 
52 AC6 5  LYS A 28  ? LYS A 110 . ? 7_556 ? 
53 AC6 5  LYS A 28  ? LYS A 110 . ? 1_555 ? 
54 AC6 5  HOH I .   ? HOH A 444 . ? 7_556 ? 
55 AC7 14 LEU A 82  ? LEU A 164 . ? 1_555 ? 
56 AC7 14 ALA A 83  ? ALA A 165 . ? 1_555 ? 
57 AC7 14 HIS A 119 ? HIS A 201 . ? 1_555 ? 
58 AC7 14 GLU A 120 ? GLU A 202 . ? 1_555 ? 
59 AC7 14 HIS A 129 ? HIS A 211 . ? 1_555 ? 
60 AC7 14 ALA A 135 ? ALA A 217 . ? 1_555 ? 
61 AC7 14 LEU A 136 ? LEU A 218 . ? 1_555 ? 
62 AC7 14 TYR A 138 ? TYR A 220 . ? 1_555 ? 
63 AC7 14 PRO A 139 ? PRO A 221 . ? 1_555 ? 
64 AC7 14 LEU A 140 ? LEU A 222 . ? 1_555 ? 
65 AC7 14 TYR A 141 ? TYR A 223 . ? 1_555 ? 
66 AC7 14 HIS A 142 ? HIS A 224 . ? 1_555 ? 
67 AC7 14 ZN  B .   ? ZN  A 301 . ? 1_555 ? 
68 AC7 14 HOH I .   ? HOH A 406 . ? 1_555 ? 
# 
loop_
_pdbx_validate_rmsd_angle.id 
_pdbx_validate_rmsd_angle.PDB_model_num 
_pdbx_validate_rmsd_angle.auth_atom_id_1 
_pdbx_validate_rmsd_angle.auth_asym_id_1 
_pdbx_validate_rmsd_angle.auth_comp_id_1 
_pdbx_validate_rmsd_angle.auth_seq_id_1 
_pdbx_validate_rmsd_angle.PDB_ins_code_1 
_pdbx_validate_rmsd_angle.label_alt_id_1 
_pdbx_validate_rmsd_angle.auth_atom_id_2 
_pdbx_validate_rmsd_angle.auth_asym_id_2 
_pdbx_validate_rmsd_angle.auth_comp_id_2 
_pdbx_validate_rmsd_angle.auth_seq_id_2 
_pdbx_validate_rmsd_angle.PDB_ins_code_2 
_pdbx_validate_rmsd_angle.label_alt_id_2 
_pdbx_validate_rmsd_angle.auth_atom_id_3 
_pdbx_validate_rmsd_angle.auth_asym_id_3 
_pdbx_validate_rmsd_angle.auth_comp_id_3 
_pdbx_validate_rmsd_angle.auth_seq_id_3 
_pdbx_validate_rmsd_angle.PDB_ins_code_3 
_pdbx_validate_rmsd_angle.label_alt_id_3 
_pdbx_validate_rmsd_angle.angle_value 
_pdbx_validate_rmsd_angle.angle_target_value 
_pdbx_validate_rmsd_angle.angle_deviation 
_pdbx_validate_rmsd_angle.angle_standard_deviation 
_pdbx_validate_rmsd_angle.linker_flag 
1 1 CD A ARG 93  ? ? NE A ARG 93  ? ? CZ  A ARG 93  ? ? 132.34 123.60 8.74  1.40 N 
2 1 NE A ARG 93  ? ? CZ A ARG 93  ? ? NH1 A ARG 93  ? ? 125.18 120.30 4.88  0.50 N 
3 1 NE A ARG 93  ? ? CZ A ARG 93  ? ? NH2 A ARG 93  ? ? 115.75 120.30 -4.55 0.50 N 
4 1 NE A ARG 100 ? ? CZ A ARG 100 ? ? NH1 A ARG 100 ? ? 123.95 120.30 3.65  0.50 N 
# 
loop_
_pdbx_validate_torsion.id 
_pdbx_validate_torsion.PDB_model_num 
_pdbx_validate_torsion.auth_comp_id 
_pdbx_validate_torsion.auth_asym_id 
_pdbx_validate_torsion.auth_seq_id 
_pdbx_validate_torsion.PDB_ins_code 
_pdbx_validate_torsion.label_alt_id 
_pdbx_validate_torsion.phi 
_pdbx_validate_torsion.psi 
1 1 ILE A 89  ? ? 33.48   68.20   
2 1 ARG A 93  ? ? -106.45 65.72   
3 1 ARG A 149 ? ? 52.43   -128.80 
4 1 HIS A 151 ? ? -145.03 20.80   
5 1 ASN A 162 ? ? 60.74   -123.93 
6 1 PHE A 210 ? ? -105.86 -149.51 
7 1 SER A 225 ? ? -117.07 -160.99 
# 
_pdbx_struct_special_symmetry.id              1 
_pdbx_struct_special_symmetry.PDB_model_num   1 
_pdbx_struct_special_symmetry.auth_asym_id    A 
_pdbx_struct_special_symmetry.auth_comp_id    SO4 
_pdbx_struct_special_symmetry.auth_seq_id     501 
_pdbx_struct_special_symmetry.PDB_ins_code    ? 
_pdbx_struct_special_symmetry.label_asym_id   G 
_pdbx_struct_special_symmetry.label_comp_id   SO4 
_pdbx_struct_special_symmetry.label_seq_id    . 
# 
loop_
_chem_comp_atom.comp_id 
_chem_comp_atom.atom_id 
_chem_comp_atom.type_symbol 
_chem_comp_atom.pdbx_aromatic_flag 
_chem_comp_atom.pdbx_stereo_config 
_chem_comp_atom.pdbx_ordinal 
ALA N    N  N N 1   
ALA CA   C  N S 2   
ALA C    C  N N 3   
ALA O    O  N N 4   
ALA CB   C  N N 5   
ALA OXT  O  N N 6   
ALA H    H  N N 7   
ALA H2   H  N N 8   
ALA HA   H  N N 9   
ALA HB1  H  N N 10  
ALA HB2  H  N N 11  
ALA HB3  H  N N 12  
ALA HXT  H  N N 13  
ARG N    N  N N 14  
ARG CA   C  N S 15  
ARG C    C  N N 16  
ARG O    O  N N 17  
ARG CB   C  N N 18  
ARG CG   C  N N 19  
ARG CD   C  N N 20  
ARG NE   N  N N 21  
ARG CZ   C  N N 22  
ARG NH1  N  N N 23  
ARG NH2  N  N N 24  
ARG OXT  O  N N 25  
ARG H    H  N N 26  
ARG H2   H  N N 27  
ARG HA   H  N N 28  
ARG HB2  H  N N 29  
ARG HB3  H  N N 30  
ARG HG2  H  N N 31  
ARG HG3  H  N N 32  
ARG HD2  H  N N 33  
ARG HD3  H  N N 34  
ARG HE   H  N N 35  
ARG HH11 H  N N 36  
ARG HH12 H  N N 37  
ARG HH21 H  N N 38  
ARG HH22 H  N N 39  
ARG HXT  H  N N 40  
ASN N    N  N N 41  
ASN CA   C  N S 42  
ASN C    C  N N 43  
ASN O    O  N N 44  
ASN CB   C  N N 45  
ASN CG   C  N N 46  
ASN OD1  O  N N 47  
ASN ND2  N  N N 48  
ASN OXT  O  N N 49  
ASN H    H  N N 50  
ASN H2   H  N N 51  
ASN HA   H  N N 52  
ASN HB2  H  N N 53  
ASN HB3  H  N N 54  
ASN HD21 H  N N 55  
ASN HD22 H  N N 56  
ASN HXT  H  N N 57  
ASP N    N  N N 58  
ASP CA   C  N S 59  
ASP C    C  N N 60  
ASP O    O  N N 61  
ASP CB   C  N N 62  
ASP CG   C  N N 63  
ASP OD1  O  N N 64  
ASP OD2  O  N N 65  
ASP OXT  O  N N 66  
ASP H    H  N N 67  
ASP H2   H  N N 68  
ASP HA   H  N N 69  
ASP HB2  H  N N 70  
ASP HB3  H  N N 71  
ASP HD2  H  N N 72  
ASP HXT  H  N N 73  
CA  CA   CA N N 74  
GLN N    N  N N 75  
GLN CA   C  N S 76  
GLN C    C  N N 77  
GLN O    O  N N 78  
GLN CB   C  N N 79  
GLN CG   C  N N 80  
GLN CD   C  N N 81  
GLN OE1  O  N N 82  
GLN NE2  N  N N 83  
GLN OXT  O  N N 84  
GLN H    H  N N 85  
GLN H2   H  N N 86  
GLN HA   H  N N 87  
GLN HB2  H  N N 88  
GLN HB3  H  N N 89  
GLN HG2  H  N N 90  
GLN HG3  H  N N 91  
GLN HE21 H  N N 92  
GLN HE22 H  N N 93  
GLN HXT  H  N N 94  
GLU N    N  N N 95  
GLU CA   C  N S 96  
GLU C    C  N N 97  
GLU O    O  N N 98  
GLU CB   C  N N 99  
GLU CG   C  N N 100 
GLU CD   C  N N 101 
GLU OE1  O  N N 102 
GLU OE2  O  N N 103 
GLU OXT  O  N N 104 
GLU H    H  N N 105 
GLU H2   H  N N 106 
GLU HA   H  N N 107 
GLU HB2  H  N N 108 
GLU HB3  H  N N 109 
GLU HG2  H  N N 110 
GLU HG3  H  N N 111 
GLU HE2  H  N N 112 
GLU HXT  H  N N 113 
GLY N    N  N N 114 
GLY CA   C  N N 115 
GLY C    C  N N 116 
GLY O    O  N N 117 
GLY OXT  O  N N 118 
GLY H    H  N N 119 
GLY H2   H  N N 120 
GLY HA2  H  N N 121 
GLY HA3  H  N N 122 
GLY HXT  H  N N 123 
HIS N    N  N N 124 
HIS CA   C  N S 125 
HIS C    C  N N 126 
HIS O    O  N N 127 
HIS CB   C  N N 128 
HIS CG   C  Y N 129 
HIS ND1  N  Y N 130 
HIS CD2  C  Y N 131 
HIS CE1  C  Y N 132 
HIS NE2  N  Y N 133 
HIS OXT  O  N N 134 
HIS H    H  N N 135 
HIS H2   H  N N 136 
HIS HA   H  N N 137 
HIS HB2  H  N N 138 
HIS HB3  H  N N 139 
HIS HD1  H  N N 140 
HIS HD2  H  N N 141 
HIS HE1  H  N N 142 
HIS HE2  H  N N 143 
HIS HXT  H  N N 144 
HOH O    O  N N 145 
HOH H1   H  N N 146 
HOH H2   H  N N 147 
ILE N    N  N N 148 
ILE CA   C  N S 149 
ILE C    C  N N 150 
ILE O    O  N N 151 
ILE CB   C  N S 152 
ILE CG1  C  N N 153 
ILE CG2  C  N N 154 
ILE CD1  C  N N 155 
ILE OXT  O  N N 156 
ILE H    H  N N 157 
ILE H2   H  N N 158 
ILE HA   H  N N 159 
ILE HB   H  N N 160 
ILE HG12 H  N N 161 
ILE HG13 H  N N 162 
ILE HG21 H  N N 163 
ILE HG22 H  N N 164 
ILE HG23 H  N N 165 
ILE HD11 H  N N 166 
ILE HD12 H  N N 167 
ILE HD13 H  N N 168 
ILE HXT  H  N N 169 
IN7 C1   C  Y N 170 
IN7 C2   C  Y N 171 
IN7 C3   C  Y N 172 
IN7 C7   C  N N 173 
IN7 C6   C  Y N 174 
IN7 O2   O  N N 175 
IN7 C4   C  Y N 176 
IN7 C5   C  Y N 177 
IN7 O3   O  N N 178 
IN7 S    S  N N 179 
IN7 C11  C  N N 180 
IN7 C13  C  N N 181 
IN7 C15  C  N N 182 
IN7 N1   N  N N 183 
IN7 C18  C  N N 184 
IN7 C10  C  Y N 185 
IN7 C12  C  Y N 186 
IN7 C14  C  Y N 187 
IN7 C16  C  Y N 188 
IN7 C17  C  Y N 189 
IN7 C19  C  Y N 190 
IN7 O1   O  N N 191 
IN7 N2   N  N N 192 
IN7 C8   C  N N 193 
IN7 C9   C  N N 194 
IN7 O4   O  N N 195 
IN7 H2   H  N N 196 
IN7 H3   H  N N 197 
IN7 H71  H  N N 198 
IN7 H72  H  N N 199 
IN7 H6   H  N N 200 
IN7 H5   H  N N 201 
IN7 HO3  H  N N 202 
IN7 H11  H  N N 203 
IN7 H131 H  N N 204 
IN7 H132 H  N N 205 
IN7 H151 H  N N 206 
IN7 H152 H  N N 207 
IN7 H181 H  N N 208 
IN7 H182 H  N N 209 
IN7 H10  H  N N 210 
IN7 H12  H  N N 211 
IN7 H14  H  N N 212 
IN7 H17  H  N N 213 
IN7 H19  H  N N 214 
IN7 HN2  H  N N 215 
IN7 H81  H  N N 216 
IN7 H82  H  N N 217 
LEU N    N  N N 218 
LEU CA   C  N S 219 
LEU C    C  N N 220 
LEU O    O  N N 221 
LEU CB   C  N N 222 
LEU CG   C  N N 223 
LEU CD1  C  N N 224 
LEU CD2  C  N N 225 
LEU OXT  O  N N 226 
LEU H    H  N N 227 
LEU H2   H  N N 228 
LEU HA   H  N N 229 
LEU HB2  H  N N 230 
LEU HB3  H  N N 231 
LEU HG   H  N N 232 
LEU HD11 H  N N 233 
LEU HD12 H  N N 234 
LEU HD13 H  N N 235 
LEU HD21 H  N N 236 
LEU HD22 H  N N 237 
LEU HD23 H  N N 238 
LEU HXT  H  N N 239 
LYS N    N  N N 240 
LYS CA   C  N S 241 
LYS C    C  N N 242 
LYS O    O  N N 243 
LYS CB   C  N N 244 
LYS CG   C  N N 245 
LYS CD   C  N N 246 
LYS CE   C  N N 247 
LYS NZ   N  N N 248 
LYS OXT  O  N N 249 
LYS H    H  N N 250 
LYS H2   H  N N 251 
LYS HA   H  N N 252 
LYS HB2  H  N N 253 
LYS HB3  H  N N 254 
LYS HG2  H  N N 255 
LYS HG3  H  N N 256 
LYS HD2  H  N N 257 
LYS HD3  H  N N 258 
LYS HE2  H  N N 259 
LYS HE3  H  N N 260 
LYS HZ1  H  N N 261 
LYS HZ2  H  N N 262 
LYS HZ3  H  N N 263 
LYS HXT  H  N N 264 
MET N    N  N N 265 
MET CA   C  N S 266 
MET C    C  N N 267 
MET O    O  N N 268 
MET CB   C  N N 269 
MET CG   C  N N 270 
MET SD   S  N N 271 
MET CE   C  N N 272 
MET OXT  O  N N 273 
MET H    H  N N 274 
MET H2   H  N N 275 
MET HA   H  N N 276 
MET HB2  H  N N 277 
MET HB3  H  N N 278 
MET HG2  H  N N 279 
MET HG3  H  N N 280 
MET HE1  H  N N 281 
MET HE2  H  N N 282 
MET HE3  H  N N 283 
MET HXT  H  N N 284 
PHE N    N  N N 285 
PHE CA   C  N S 286 
PHE C    C  N N 287 
PHE O    O  N N 288 
PHE CB   C  N N 289 
PHE CG   C  Y N 290 
PHE CD1  C  Y N 291 
PHE CD2  C  Y N 292 
PHE CE1  C  Y N 293 
PHE CE2  C  Y N 294 
PHE CZ   C  Y N 295 
PHE OXT  O  N N 296 
PHE H    H  N N 297 
PHE H2   H  N N 298 
PHE HA   H  N N 299 
PHE HB2  H  N N 300 
PHE HB3  H  N N 301 
PHE HD1  H  N N 302 
PHE HD2  H  N N 303 
PHE HE1  H  N N 304 
PHE HE2  H  N N 305 
PHE HZ   H  N N 306 
PHE HXT  H  N N 307 
PRO N    N  N N 308 
PRO CA   C  N S 309 
PRO C    C  N N 310 
PRO O    O  N N 311 
PRO CB   C  N N 312 
PRO CG   C  N N 313 
PRO CD   C  N N 314 
PRO OXT  O  N N 315 
PRO H    H  N N 316 
PRO HA   H  N N 317 
PRO HB2  H  N N 318 
PRO HB3  H  N N 319 
PRO HG2  H  N N 320 
PRO HG3  H  N N 321 
PRO HD2  H  N N 322 
PRO HD3  H  N N 323 
PRO HXT  H  N N 324 
SER N    N  N N 325 
SER CA   C  N S 326 
SER C    C  N N 327 
SER O    O  N N 328 
SER CB   C  N N 329 
SER OG   O  N N 330 
SER OXT  O  N N 331 
SER H    H  N N 332 
SER H2   H  N N 333 
SER HA   H  N N 334 
SER HB2  H  N N 335 
SER HB3  H  N N 336 
SER HG   H  N N 337 
SER HXT  H  N N 338 
SO4 S    S  N N 339 
SO4 O1   O  N N 340 
SO4 O2   O  N N 341 
SO4 O3   O  N N 342 
SO4 O4   O  N N 343 
THR N    N  N N 344 
THR CA   C  N S 345 
THR C    C  N N 346 
THR O    O  N N 347 
THR CB   C  N R 348 
THR OG1  O  N N 349 
THR CG2  C  N N 350 
THR OXT  O  N N 351 
THR H    H  N N 352 
THR H2   H  N N 353 
THR HA   H  N N 354 
THR HB   H  N N 355 
THR HG1  H  N N 356 
THR HG21 H  N N 357 
THR HG22 H  N N 358 
THR HG23 H  N N 359 
THR HXT  H  N N 360 
TRP N    N  N N 361 
TRP CA   C  N S 362 
TRP C    C  N N 363 
TRP O    O  N N 364 
TRP CB   C  N N 365 
TRP CG   C  Y N 366 
TRP CD1  C  Y N 367 
TRP CD2  C  Y N 368 
TRP NE1  N  Y N 369 
TRP CE2  C  Y N 370 
TRP CE3  C  Y N 371 
TRP CZ2  C  Y N 372 
TRP CZ3  C  Y N 373 
TRP CH2  C  Y N 374 
TRP OXT  O  N N 375 
TRP H    H  N N 376 
TRP H2   H  N N 377 
TRP HA   H  N N 378 
TRP HB2  H  N N 379 
TRP HB3  H  N N 380 
TRP HD1  H  N N 381 
TRP HE1  H  N N 382 
TRP HE3  H  N N 383 
TRP HZ2  H  N N 384 
TRP HZ3  H  N N 385 
TRP HH2  H  N N 386 
TRP HXT  H  N N 387 
TYR N    N  N N 388 
TYR CA   C  N S 389 
TYR C    C  N N 390 
TYR O    O  N N 391 
TYR CB   C  N N 392 
TYR CG   C  Y N 393 
TYR CD1  C  Y N 394 
TYR CD2  C  Y N 395 
TYR CE1  C  Y N 396 
TYR CE2  C  Y N 397 
TYR CZ   C  Y N 398 
TYR OH   O  N N 399 
TYR OXT  O  N N 400 
TYR H    H  N N 401 
TYR H2   H  N N 402 
TYR HA   H  N N 403 
TYR HB2  H  N N 404 
TYR HB3  H  N N 405 
TYR HD1  H  N N 406 
TYR HD2  H  N N 407 
TYR HE1  H  N N 408 
TYR HE2  H  N N 409 
TYR HH   H  N N 410 
TYR HXT  H  N N 411 
VAL N    N  N N 412 
VAL CA   C  N S 413 
VAL C    C  N N 414 
VAL O    O  N N 415 
VAL CB   C  N N 416 
VAL CG1  C  N N 417 
VAL CG2  C  N N 418 
VAL OXT  O  N N 419 
VAL H    H  N N 420 
VAL H2   H  N N 421 
VAL HA   H  N N 422 
VAL HB   H  N N 423 
VAL HG11 H  N N 424 
VAL HG12 H  N N 425 
VAL HG13 H  N N 426 
VAL HG21 H  N N 427 
VAL HG22 H  N N 428 
VAL HG23 H  N N 429 
VAL HXT  H  N N 430 
ZN  ZN   ZN N N 431 
# 
loop_
_chem_comp_bond.comp_id 
_chem_comp_bond.atom_id_1 
_chem_comp_bond.atom_id_2 
_chem_comp_bond.value_order 
_chem_comp_bond.pdbx_aromatic_flag 
_chem_comp_bond.pdbx_stereo_config 
_chem_comp_bond.pdbx_ordinal 
ALA N   CA   sing N N 1   
ALA N   H    sing N N 2   
ALA N   H2   sing N N 3   
ALA CA  C    sing N N 4   
ALA CA  CB   sing N N 5   
ALA CA  HA   sing N N 6   
ALA C   O    doub N N 7   
ALA C   OXT  sing N N 8   
ALA CB  HB1  sing N N 9   
ALA CB  HB2  sing N N 10  
ALA CB  HB3  sing N N 11  
ALA OXT HXT  sing N N 12  
ARG N   CA   sing N N 13  
ARG N   H    sing N N 14  
ARG N   H2   sing N N 15  
ARG CA  C    sing N N 16  
ARG CA  CB   sing N N 17  
ARG CA  HA   sing N N 18  
ARG C   O    doub N N 19  
ARG C   OXT  sing N N 20  
ARG CB  CG   sing N N 21  
ARG CB  HB2  sing N N 22  
ARG CB  HB3  sing N N 23  
ARG CG  CD   sing N N 24  
ARG CG  HG2  sing N N 25  
ARG CG  HG3  sing N N 26  
ARG CD  NE   sing N N 27  
ARG CD  HD2  sing N N 28  
ARG CD  HD3  sing N N 29  
ARG NE  CZ   sing N N 30  
ARG NE  HE   sing N N 31  
ARG CZ  NH1  sing N N 32  
ARG CZ  NH2  doub N N 33  
ARG NH1 HH11 sing N N 34  
ARG NH1 HH12 sing N N 35  
ARG NH2 HH21 sing N N 36  
ARG NH2 HH22 sing N N 37  
ARG OXT HXT  sing N N 38  
ASN N   CA   sing N N 39  
ASN N   H    sing N N 40  
ASN N   H2   sing N N 41  
ASN CA  C    sing N N 42  
ASN CA  CB   sing N N 43  
ASN CA  HA   sing N N 44  
ASN C   O    doub N N 45  
ASN C   OXT  sing N N 46  
ASN CB  CG   sing N N 47  
ASN CB  HB2  sing N N 48  
ASN CB  HB3  sing N N 49  
ASN CG  OD1  doub N N 50  
ASN CG  ND2  sing N N 51  
ASN ND2 HD21 sing N N 52  
ASN ND2 HD22 sing N N 53  
ASN OXT HXT  sing N N 54  
ASP N   CA   sing N N 55  
ASP N   H    sing N N 56  
ASP N   H2   sing N N 57  
ASP CA  C    sing N N 58  
ASP CA  CB   sing N N 59  
ASP CA  HA   sing N N 60  
ASP C   O    doub N N 61  
ASP C   OXT  sing N N 62  
ASP CB  CG   sing N N 63  
ASP CB  HB2  sing N N 64  
ASP CB  HB3  sing N N 65  
ASP CG  OD1  doub N N 66  
ASP CG  OD2  sing N N 67  
ASP OD2 HD2  sing N N 68  
ASP OXT HXT  sing N N 69  
GLN N   CA   sing N N 70  
GLN N   H    sing N N 71  
GLN N   H2   sing N N 72  
GLN CA  C    sing N N 73  
GLN CA  CB   sing N N 74  
GLN CA  HA   sing N N 75  
GLN C   O    doub N N 76  
GLN C   OXT  sing N N 77  
GLN CB  CG   sing N N 78  
GLN CB  HB2  sing N N 79  
GLN CB  HB3  sing N N 80  
GLN CG  CD   sing N N 81  
GLN CG  HG2  sing N N 82  
GLN CG  HG3  sing N N 83  
GLN CD  OE1  doub N N 84  
GLN CD  NE2  sing N N 85  
GLN NE2 HE21 sing N N 86  
GLN NE2 HE22 sing N N 87  
GLN OXT HXT  sing N N 88  
GLU N   CA   sing N N 89  
GLU N   H    sing N N 90  
GLU N   H2   sing N N 91  
GLU CA  C    sing N N 92  
GLU CA  CB   sing N N 93  
GLU CA  HA   sing N N 94  
GLU C   O    doub N N 95  
GLU C   OXT  sing N N 96  
GLU CB  CG   sing N N 97  
GLU CB  HB2  sing N N 98  
GLU CB  HB3  sing N N 99  
GLU CG  CD   sing N N 100 
GLU CG  HG2  sing N N 101 
GLU CG  HG3  sing N N 102 
GLU CD  OE1  doub N N 103 
GLU CD  OE2  sing N N 104 
GLU OE2 HE2  sing N N 105 
GLU OXT HXT  sing N N 106 
GLY N   CA   sing N N 107 
GLY N   H    sing N N 108 
GLY N   H2   sing N N 109 
GLY CA  C    sing N N 110 
GLY CA  HA2  sing N N 111 
GLY CA  HA3  sing N N 112 
GLY C   O    doub N N 113 
GLY C   OXT  sing N N 114 
GLY OXT HXT  sing N N 115 
HIS N   CA   sing N N 116 
HIS N   H    sing N N 117 
HIS N   H2   sing N N 118 
HIS CA  C    sing N N 119 
HIS CA  CB   sing N N 120 
HIS CA  HA   sing N N 121 
HIS C   O    doub N N 122 
HIS C   OXT  sing N N 123 
HIS CB  CG   sing N N 124 
HIS CB  HB2  sing N N 125 
HIS CB  HB3  sing N N 126 
HIS CG  ND1  sing Y N 127 
HIS CG  CD2  doub Y N 128 
HIS ND1 CE1  doub Y N 129 
HIS ND1 HD1  sing N N 130 
HIS CD2 NE2  sing Y N 131 
HIS CD2 HD2  sing N N 132 
HIS CE1 NE2  sing Y N 133 
HIS CE1 HE1  sing N N 134 
HIS NE2 HE2  sing N N 135 
HIS OXT HXT  sing N N 136 
HOH O   H1   sing N N 137 
HOH O   H2   sing N N 138 
ILE N   CA   sing N N 139 
ILE N   H    sing N N 140 
ILE N   H2   sing N N 141 
ILE CA  C    sing N N 142 
ILE CA  CB   sing N N 143 
ILE CA  HA   sing N N 144 
ILE C   O    doub N N 145 
ILE C   OXT  sing N N 146 
ILE CB  CG1  sing N N 147 
ILE CB  CG2  sing N N 148 
ILE CB  HB   sing N N 149 
ILE CG1 CD1  sing N N 150 
ILE CG1 HG12 sing N N 151 
ILE CG1 HG13 sing N N 152 
ILE CG2 HG21 sing N N 153 
ILE CG2 HG22 sing N N 154 
ILE CG2 HG23 sing N N 155 
ILE CD1 HD11 sing N N 156 
ILE CD1 HD12 sing N N 157 
ILE CD1 HD13 sing N N 158 
ILE OXT HXT  sing N N 159 
IN7 C1  C2   doub Y N 160 
IN7 C1  C6   sing Y N 161 
IN7 C1  N1   sing N N 162 
IN7 C2  C3   sing Y N 163 
IN7 C2  H2   sing N N 164 
IN7 C3  C4   doub Y N 165 
IN7 C3  H3   sing N N 166 
IN7 C7  C11  sing N N 167 
IN7 C7  C18  sing N N 168 
IN7 C7  H71  sing N N 169 
IN7 C7  H72  sing N N 170 
IN7 C6  C5   doub Y N 171 
IN7 C6  H6   sing N N 172 
IN7 O2  S    doub N N 173 
IN7 C4  C5   sing Y N 174 
IN7 C4  S    sing N N 175 
IN7 C5  H5   sing N N 176 
IN7 O3  C9   sing N N 177 
IN7 O3  HO3  sing N N 178 
IN7 S   O1   doub N N 179 
IN7 S   N2   sing N N 180 
IN7 C11 C13  sing N N 181 
IN7 C11 C16  sing N N 182 
IN7 C11 H11  sing N N 183 
IN7 C13 C15  sing N N 184 
IN7 C13 H131 sing N N 185 
IN7 C13 H132 sing N N 186 
IN7 C15 N1   sing N N 187 
IN7 C15 H151 sing N N 188 
IN7 C15 H152 sing N N 189 
IN7 N1  C18  sing N N 190 
IN7 C18 H181 sing N N 191 
IN7 C18 H182 sing N N 192 
IN7 C10 C12  doub Y N 193 
IN7 C10 C19  sing Y N 194 
IN7 C10 H10  sing N N 195 
IN7 C12 C14  sing Y N 196 
IN7 C12 H12  sing N N 197 
IN7 C14 C16  doub Y N 198 
IN7 C14 H14  sing N N 199 
IN7 C16 C17  sing Y N 200 
IN7 C17 C19  doub Y N 201 
IN7 C17 H17  sing N N 202 
IN7 C19 H19  sing N N 203 
IN7 N2  C8   sing N N 204 
IN7 N2  HN2  sing N N 205 
IN7 C8  C9   sing N N 206 
IN7 C8  H81  sing N N 207 
IN7 C8  H82  sing N N 208 
IN7 C9  O4   doub N N 209 
LEU N   CA   sing N N 210 
LEU N   H    sing N N 211 
LEU N   H2   sing N N 212 
LEU CA  C    sing N N 213 
LEU CA  CB   sing N N 214 
LEU CA  HA   sing N N 215 
LEU C   O    doub N N 216 
LEU C   OXT  sing N N 217 
LEU CB  CG   sing N N 218 
LEU CB  HB2  sing N N 219 
LEU CB  HB3  sing N N 220 
LEU CG  CD1  sing N N 221 
LEU CG  CD2  sing N N 222 
LEU CG  HG   sing N N 223 
LEU CD1 HD11 sing N N 224 
LEU CD1 HD12 sing N N 225 
LEU CD1 HD13 sing N N 226 
LEU CD2 HD21 sing N N 227 
LEU CD2 HD22 sing N N 228 
LEU CD2 HD23 sing N N 229 
LEU OXT HXT  sing N N 230 
LYS N   CA   sing N N 231 
LYS N   H    sing N N 232 
LYS N   H2   sing N N 233 
LYS CA  C    sing N N 234 
LYS CA  CB   sing N N 235 
LYS CA  HA   sing N N 236 
LYS C   O    doub N N 237 
LYS C   OXT  sing N N 238 
LYS CB  CG   sing N N 239 
LYS CB  HB2  sing N N 240 
LYS CB  HB3  sing N N 241 
LYS CG  CD   sing N N 242 
LYS CG  HG2  sing N N 243 
LYS CG  HG3  sing N N 244 
LYS CD  CE   sing N N 245 
LYS CD  HD2  sing N N 246 
LYS CD  HD3  sing N N 247 
LYS CE  NZ   sing N N 248 
LYS CE  HE2  sing N N 249 
LYS CE  HE3  sing N N 250 
LYS NZ  HZ1  sing N N 251 
LYS NZ  HZ2  sing N N 252 
LYS NZ  HZ3  sing N N 253 
LYS OXT HXT  sing N N 254 
MET N   CA   sing N N 255 
MET N   H    sing N N 256 
MET N   H2   sing N N 257 
MET CA  C    sing N N 258 
MET CA  CB   sing N N 259 
MET CA  HA   sing N N 260 
MET C   O    doub N N 261 
MET C   OXT  sing N N 262 
MET CB  CG   sing N N 263 
MET CB  HB2  sing N N 264 
MET CB  HB3  sing N N 265 
MET CG  SD   sing N N 266 
MET CG  HG2  sing N N 267 
MET CG  HG3  sing N N 268 
MET SD  CE   sing N N 269 
MET CE  HE1  sing N N 270 
MET CE  HE2  sing N N 271 
MET CE  HE3  sing N N 272 
MET OXT HXT  sing N N 273 
PHE N   CA   sing N N 274 
PHE N   H    sing N N 275 
PHE N   H2   sing N N 276 
PHE CA  C    sing N N 277 
PHE CA  CB   sing N N 278 
PHE CA  HA   sing N N 279 
PHE C   O    doub N N 280 
PHE C   OXT  sing N N 281 
PHE CB  CG   sing N N 282 
PHE CB  HB2  sing N N 283 
PHE CB  HB3  sing N N 284 
PHE CG  CD1  doub Y N 285 
PHE CG  CD2  sing Y N 286 
PHE CD1 CE1  sing Y N 287 
PHE CD1 HD1  sing N N 288 
PHE CD2 CE2  doub Y N 289 
PHE CD2 HD2  sing N N 290 
PHE CE1 CZ   doub Y N 291 
PHE CE1 HE1  sing N N 292 
PHE CE2 CZ   sing Y N 293 
PHE CE2 HE2  sing N N 294 
PHE CZ  HZ   sing N N 295 
PHE OXT HXT  sing N N 296 
PRO N   CA   sing N N 297 
PRO N   CD   sing N N 298 
PRO N   H    sing N N 299 
PRO CA  C    sing N N 300 
PRO CA  CB   sing N N 301 
PRO CA  HA   sing N N 302 
PRO C   O    doub N N 303 
PRO C   OXT  sing N N 304 
PRO CB  CG   sing N N 305 
PRO CB  HB2  sing N N 306 
PRO CB  HB3  sing N N 307 
PRO CG  CD   sing N N 308 
PRO CG  HG2  sing N N 309 
PRO CG  HG3  sing N N 310 
PRO CD  HD2  sing N N 311 
PRO CD  HD3  sing N N 312 
PRO OXT HXT  sing N N 313 
SER N   CA   sing N N 314 
SER N   H    sing N N 315 
SER N   H2   sing N N 316 
SER CA  C    sing N N 317 
SER CA  CB   sing N N 318 
SER CA  HA   sing N N 319 
SER C   O    doub N N 320 
SER C   OXT  sing N N 321 
SER CB  OG   sing N N 322 
SER CB  HB2  sing N N 323 
SER CB  HB3  sing N N 324 
SER OG  HG   sing N N 325 
SER OXT HXT  sing N N 326 
SO4 S   O1   doub N N 327 
SO4 S   O2   doub N N 328 
SO4 S   O3   sing N N 329 
SO4 S   O4   sing N N 330 
THR N   CA   sing N N 331 
THR N   H    sing N N 332 
THR N   H2   sing N N 333 
THR CA  C    sing N N 334 
THR CA  CB   sing N N 335 
THR CA  HA   sing N N 336 
THR C   O    doub N N 337 
THR C   OXT  sing N N 338 
THR CB  OG1  sing N N 339 
THR CB  CG2  sing N N 340 
THR CB  HB   sing N N 341 
THR OG1 HG1  sing N N 342 
THR CG2 HG21 sing N N 343 
THR CG2 HG22 sing N N 344 
THR CG2 HG23 sing N N 345 
THR OXT HXT  sing N N 346 
TRP N   CA   sing N N 347 
TRP N   H    sing N N 348 
TRP N   H2   sing N N 349 
TRP CA  C    sing N N 350 
TRP CA  CB   sing N N 351 
TRP CA  HA   sing N N 352 
TRP C   O    doub N N 353 
TRP C   OXT  sing N N 354 
TRP CB  CG   sing N N 355 
TRP CB  HB2  sing N N 356 
TRP CB  HB3  sing N N 357 
TRP CG  CD1  doub Y N 358 
TRP CG  CD2  sing Y N 359 
TRP CD1 NE1  sing Y N 360 
TRP CD1 HD1  sing N N 361 
TRP CD2 CE2  doub Y N 362 
TRP CD2 CE3  sing Y N 363 
TRP NE1 CE2  sing Y N 364 
TRP NE1 HE1  sing N N 365 
TRP CE2 CZ2  sing Y N 366 
TRP CE3 CZ3  doub Y N 367 
TRP CE3 HE3  sing N N 368 
TRP CZ2 CH2  doub Y N 369 
TRP CZ2 HZ2  sing N N 370 
TRP CZ3 CH2  sing Y N 371 
TRP CZ3 HZ3  sing N N 372 
TRP CH2 HH2  sing N N 373 
TRP OXT HXT  sing N N 374 
TYR N   CA   sing N N 375 
TYR N   H    sing N N 376 
TYR N   H2   sing N N 377 
TYR CA  C    sing N N 378 
TYR CA  CB   sing N N 379 
TYR CA  HA   sing N N 380 
TYR C   O    doub N N 381 
TYR C   OXT  sing N N 382 
TYR CB  CG   sing N N 383 
TYR CB  HB2  sing N N 384 
TYR CB  HB3  sing N N 385 
TYR CG  CD1  doub Y N 386 
TYR CG  CD2  sing Y N 387 
TYR CD1 CE1  sing Y N 388 
TYR CD1 HD1  sing N N 389 
TYR CD2 CE2  doub Y N 390 
TYR CD2 HD2  sing N N 391 
TYR CE1 CZ   doub Y N 392 
TYR CE1 HE1  sing N N 393 
TYR CE2 CZ   sing Y N 394 
TYR CE2 HE2  sing N N 395 
TYR CZ  OH   sing N N 396 
TYR OH  HH   sing N N 397 
TYR OXT HXT  sing N N 398 
VAL N   CA   sing N N 399 
VAL N   H    sing N N 400 
VAL N   H2   sing N N 401 
VAL CA  C    sing N N 402 
VAL CA  CB   sing N N 403 
VAL CA  HA   sing N N 404 
VAL C   O    doub N N 405 
VAL C   OXT  sing N N 406 
VAL CB  CG1  sing N N 407 
VAL CB  CG2  sing N N 408 
VAL CB  HB   sing N N 409 
VAL CG1 HG11 sing N N 410 
VAL CG1 HG12 sing N N 411 
VAL CG1 HG13 sing N N 412 
VAL CG2 HG21 sing N N 413 
VAL CG2 HG22 sing N N 414 
VAL CG2 HG23 sing N N 415 
VAL OXT HXT  sing N N 416 
# 
_atom_sites.entry_id                    1B8Y 
_atom_sites.fract_transf_matrix[1][1]   0.00878649 
_atom_sites.fract_transf_matrix[1][2]   -0.00651544 
_atom_sites.fract_transf_matrix[1][3]   -0.00919826 
_atom_sites.fract_transf_matrix[2][1]   0.00147710 
_atom_sites.fract_transf_matrix[2][2]   -0.01089652 
_atom_sites.fract_transf_matrix[2][3]   0.00912936 
_atom_sites.fract_transf_matrix[3][1]   -0.01006689 
_atom_sites.fract_transf_matrix[3][2]   -0.00591252 
_atom_sites.fract_transf_matrix[3][3]   -0.00542821 
_atom_sites.fract_transf_vector[1]      0.164006 
_atom_sites.fract_transf_vector[2]      0.216409 
_atom_sites.fract_transf_vector[3]      0.288815 
# 
loop_
_atom_type.symbol 
C  
CA 
N  
O  
S  
ZN 
# 
loop_
_atom_site.group_PDB 
_atom_site.id 
_atom_site.type_symbol 
_atom_site.label_atom_id 
_atom_site.label_alt_id 
_atom_site.label_comp_id 
_atom_site.label_asym_id 
_atom_site.label_entity_id 
_atom_site.label_seq_id 
_atom_site.pdbx_PDB_ins_code 
_atom_site.Cartn_x 
_atom_site.Cartn_y 
_atom_site.Cartn_z 
_atom_site.occupancy 
_atom_site.B_iso_or_equiv 
_atom_site.pdbx_formal_charge 
_atom_site.auth_seq_id 
_atom_site.auth_comp_id 
_atom_site.auth_asym_id 
_atom_site.auth_atom_id 
_atom_site.pdbx_PDB_model_num 
ATOM   1    N  N   . PHE A 1 1   ? 9.486   13.468  5.966   1.00 34.07 ? 83  PHE A N   1 
ATOM   2    C  CA  . PHE A 1 1   ? 8.188   12.816  5.755   1.00 33.44 ? 83  PHE A CA  1 
ATOM   3    C  C   . PHE A 1 1   ? 7.074   13.835  5.761   1.00 34.29 ? 83  PHE A C   1 
ATOM   4    O  O   . PHE A 1 1   ? 7.234   14.975  6.181   1.00 35.34 ? 83  PHE A O   1 
ATOM   5    C  CB  . PHE A 1 1   ? 7.981   11.668  6.765   1.00 31.45 ? 83  PHE A CB  1 
ATOM   6    C  CG  . PHE A 1 1   ? 7.876   12.131  8.205   1.00 31.34 ? 83  PHE A CG  1 
ATOM   7    C  CD1 . PHE A 1 1   ? 6.603   12.451  8.742   1.00 30.65 ? 83  PHE A CD1 1 
ATOM   8    C  CD2 . PHE A 1 1   ? 9.040   12.215  9.002   1.00 31.44 ? 83  PHE A CD2 1 
ATOM   9    C  CE1 . PHE A 1 1   ? 6.499   12.849  10.091  1.00 30.22 ? 83  PHE A CE1 1 
ATOM   10   C  CE2 . PHE A 1 1   ? 8.943   12.620  10.348  1.00 29.19 ? 83  PHE A CE2 1 
ATOM   11   C  CZ  . PHE A 1 1   ? 7.670   12.930  10.876  1.00 30.03 ? 83  PHE A CZ  1 
ATOM   12   N  N   . ARG A 1 2   ? 5.921   13.370  5.275   1.00 33.13 ? 84  ARG A N   1 
ATOM   13   C  CA  . ARG A 1 2   ? 4.749   14.213  5.346   1.00 32.25 ? 84  ARG A CA  1 
ATOM   14   C  C   . ARG A 1 2   ? 3.577   13.338  5.749   1.00 29.72 ? 84  ARG A C   1 
ATOM   15   O  O   . ARG A 1 2   ? 3.526   12.161  5.441   1.00 28.70 ? 84  ARG A O   1 
ATOM   16   C  CB  . ARG A 1 2   ? 4.586   14.922  4.008   1.00 36.78 ? 84  ARG A CB  1 
ATOM   17   C  CG  . ARG A 1 2   ? 3.627   16.096  4.036   1.00 47.10 ? 84  ARG A CG  1 
ATOM   18   C  CD  . ARG A 1 2   ? 3.506   16.790  2.680   1.00 57.16 ? 84  ARG A CD  1 
ATOM   19   N  NE  . ARG A 1 2   ? 2.460   17.818  2.741   1.00 66.41 ? 84  ARG A NE  1 
ATOM   20   C  CZ  . ARG A 1 2   ? 2.078   18.533  1.649   1.00 71.17 ? 84  ARG A CZ  1 
ATOM   21   N  NH1 . ARG A 1 2   ? 2.631   18.323  0.449   1.00 71.95 ? 84  ARG A NH1 1 
ATOM   22   N  NH2 . ARG A 1 2   ? 1.128   19.462  1.778   1.00 73.28 ? 84  ARG A NH2 1 
ATOM   23   N  N   . THR A 1 3   ? 2.658   13.955  6.494   1.00 27.04 ? 85  THR A N   1 
ATOM   24   C  CA  . THR A 1 3   ? 1.425   13.238  6.789   1.00 24.56 ? 85  THR A CA  1 
ATOM   25   C  C   . THR A 1 3   ? 0.315   13.891  5.995   1.00 23.05 ? 85  THR A C   1 
ATOM   26   O  O   . THR A 1 3   ? 0.524   14.932  5.386   1.00 23.22 ? 85  THR A O   1 
ATOM   27   C  CB  . THR A 1 3   ? 1.144   13.260  8.301   1.00 24.67 ? 85  THR A CB  1 
ATOM   28   O  OG1 . THR A 1 3   ? 1.067   14.608  8.763   1.00 27.76 ? 85  THR A OG1 1 
ATOM   29   C  CG2 . THR A 1 3   ? 2.190   12.501  9.114   1.00 26.37 ? 85  THR A CG2 1 
ATOM   30   N  N   . PHE A 1 4   ? -0.871  13.255  6.025   1.00 21.34 ? 86  PHE A N   1 
ATOM   31   C  CA  . PHE A 1 4   ? -2.019  13.932  5.420   1.00 22.44 ? 86  PHE A CA  1 
ATOM   32   C  C   . PHE A 1 4   ? -2.459  15.125  6.271   1.00 24.79 ? 86  PHE A C   1 
ATOM   33   O  O   . PHE A 1 4   ? -2.233  15.171  7.475   1.00 25.22 ? 86  PHE A O   1 
ATOM   34   C  CB  . PHE A 1 4   ? -3.217  12.976  5.260   1.00 20.56 ? 86  PHE A CB  1 
ATOM   35   C  CG  . PHE A 1 4   ? -2.976  11.889  4.249   1.00 16.64 ? 86  PHE A CG  1 
ATOM   36   C  CD1 . PHE A 1 4   ? -3.258  12.140  2.895   1.00 18.36 ? 86  PHE A CD1 1 
ATOM   37   C  CD2 . PHE A 1 4   ? -2.490  10.640  4.677   1.00 18.85 ? 86  PHE A CD2 1 
ATOM   38   C  CE1 . PHE A 1 4   ? -3.043  11.128  1.940   1.00 17.45 ? 86  PHE A CE1 1 
ATOM   39   C  CE2 . PHE A 1 4   ? -2.280  9.617   3.728   1.00 17.69 ? 86  PHE A CE2 1 
ATOM   40   C  CZ  . PHE A 1 4   ? -2.550  9.876   2.369   1.00 16.75 ? 86  PHE A CZ  1 
ATOM   41   N  N   . PRO A 1 5   ? -3.114  16.096  5.596   1.00 26.73 ? 87  PRO A N   1 
ATOM   42   C  CA  . PRO A 1 5   ? -3.812  17.163  6.333   1.00 28.42 ? 87  PRO A CA  1 
ATOM   43   C  C   . PRO A 1 5   ? -4.788  16.698  7.429   1.00 27.52 ? 87  PRO A C   1 
ATOM   44   O  O   . PRO A 1 5   ? -5.660  15.862  7.205   1.00 27.46 ? 87  PRO A O   1 
ATOM   45   C  CB  . PRO A 1 5   ? -4.513  17.919  5.193   1.00 30.63 ? 87  PRO A CB  1 
ATOM   46   C  CG  . PRO A 1 5   ? -3.687  17.656  3.934   1.00 31.73 ? 87  PRO A CG  1 
ATOM   47   C  CD  . PRO A 1 5   ? -3.219  16.229  4.141   1.00 28.63 ? 87  PRO A CD  1 
ATOM   48   N  N   . GLY A 1 6   ? -4.593  17.299  8.624   1.00 25.26 ? 88  GLY A N   1 
ATOM   49   C  CA  . GLY A 1 6   ? -5.454  16.990  9.783   1.00 25.34 ? 88  GLY A CA  1 
ATOM   50   C  C   . GLY A 1 6   ? -5.152  15.673  10.495  1.00 24.73 ? 88  GLY A C   1 
ATOM   51   O  O   . GLY A 1 6   ? -5.925  15.091  11.266  1.00 25.02 ? 88  GLY A O   1 
ATOM   52   N  N   . ILE A 1 7   ? -3.962  15.194  10.080  1.00 22.24 ? 89  ILE A N   1 
ATOM   53   C  CA  . ILE A 1 7   ? -3.361  13.951  10.523  1.00 18.59 ? 89  ILE A CA  1 
ATOM   54   C  C   . ILE A 1 7   ? -4.324  12.818  10.841  1.00 17.04 ? 89  ILE A C   1 
ATOM   55   O  O   . ILE A 1 7   ? -4.460  12.391  11.988  1.00 14.09 ? 89  ILE A O   1 
ATOM   56   C  CB  . ILE A 1 7   ? -2.403  14.193  11.696  1.00 20.16 ? 89  ILE A CB  1 
ATOM   57   C  CG1 . ILE A 1 7   ? -1.814  15.595  11.879  1.00 22.21 ? 89  ILE A CG1 1 
ATOM   58   C  CG2 . ILE A 1 7   ? -1.296  13.150  11.621  1.00 23.80 ? 89  ILE A CG2 1 
ATOM   59   C  CD1 . ILE A 1 7   ? -1.006  16.156  10.710  1.00 27.69 ? 89  ILE A CD1 1 
ATOM   60   N  N   . PRO A 1 8   ? -5.000  12.273  9.803   1.00 15.97 ? 90  PRO A N   1 
ATOM   61   C  CA  . PRO A 1 8   ? -5.728  11.015  10.038  1.00 17.12 ? 90  PRO A CA  1 
ATOM   62   C  C   . PRO A 1 8   ? -4.797  9.854   10.400  1.00 16.41 ? 90  PRO A C   1 
ATOM   63   O  O   . PRO A 1 8   ? -3.739  9.649   9.833   1.00 17.83 ? 90  PRO A O   1 
ATOM   64   C  CB  . PRO A 1 8   ? -6.503  10.836  8.728   1.00 16.19 ? 90  PRO A CB  1 
ATOM   65   C  CG  . PRO A 1 8   ? -5.651  11.535  7.666   1.00 16.32 ? 90  PRO A CG  1 
ATOM   66   C  CD  . PRO A 1 8   ? -5.084  12.730  8.419   1.00 15.90 ? 90  PRO A CD  1 
ATOM   67   N  N   . LYS A 1 9   ? -5.265  9.128   11.431  1.00 16.43 ? 91  LYS A N   1 
ATOM   68   C  CA  . LYS A 1 9   ? -4.549  7.970   11.949  1.00 15.95 ? 91  LYS A CA  1 
ATOM   69   C  C   . LYS A 1 9   ? -5.602  6.996   12.472  1.00 14.35 ? 91  LYS A C   1 
ATOM   70   O  O   . LYS A 1 9   ? -6.711  7.392   12.797  1.00 14.56 ? 91  LYS A O   1 
ATOM   71   C  CB  . LYS A 1 9   ? -3.506  8.437   13.000  1.00 22.20 ? 91  LYS A CB  1 
ATOM   72   C  CG  . LYS A 1 9   ? -4.033  8.473   14.443  1.00 29.75 ? 91  LYS A CG  1 
ATOM   73   C  CD  . LYS A 1 9   ? -3.615  9.633   15.363  1.00 38.83 ? 91  LYS A CD  1 
ATOM   74   C  CE  . LYS A 1 9   ? -2.502  9.456   16.422  1.00 43.71 ? 91  LYS A CE  1 
ATOM   75   N  NZ  . LYS A 1 9   ? -2.437  10.670  17.288  1.00 48.12 ? 91  LYS A NZ  1 
ATOM   76   N  N   . TRP A 1 10  ? -5.235  5.709   12.533  1.00 13.94 ? 92  TRP A N   1 
ATOM   77   C  CA  . TRP A 1 10  ? -6.083  4.724   13.201  1.00 13.01 ? 92  TRP A CA  1 
ATOM   78   C  C   . TRP A 1 10  ? -5.912  4.832   14.706  1.00 13.48 ? 92  TRP A C   1 
ATOM   79   O  O   . TRP A 1 10  ? -4.825  4.928   15.237  1.00 12.95 ? 92  TRP A O   1 
ATOM   80   C  CB  . TRP A 1 10  ? -5.706  3.275   12.794  1.00 13.65 ? 92  TRP A CB  1 
ATOM   81   C  CG  . TRP A 1 10  ? -5.822  3.040   11.293  1.00 11.68 ? 92  TRP A CG  1 
ATOM   82   C  CD1 . TRP A 1 10  ? -4.761  3.080   10.375  1.00 11.79 ? 92  TRP A CD1 1 
ATOM   83   C  CD2 . TRP A 1 10  ? -6.992  2.746   10.491  1.00 12.43 ? 92  TRP A CD2 1 
ATOM   84   N  NE1 . TRP A 1 10  ? -5.194  2.844   9.106   1.00 13.04 ? 92  TRP A NE1 1 
ATOM   85   C  CE2 . TRP A 1 10  ? -6.561  2.629   9.123   1.00 11.08 ? 92  TRP A CE2 1 
ATOM   86   C  CE3 . TRP A 1 10  ? -8.360  2.579   10.804  1.00 12.87 ? 92  TRP A CE3 1 
ATOM   87   C  CZ2 . TRP A 1 10  ? -7.482  2.343   8.098   1.00 11.36 ? 92  TRP A CZ2 1 
ATOM   88   C  CZ3 . TRP A 1 10  ? -9.280  2.301   9.763   1.00 13.23 ? 92  TRP A CZ3 1 
ATOM   89   C  CH2 . TRP A 1 10  ? -8.848  2.183   8.424   1.00 11.42 ? 92  TRP A CH2 1 
ATOM   90   N  N   . ARG A 1 11  ? -7.051  4.805   15.387  1.00 14.45 ? 93  ARG A N   1 
ATOM   91   C  CA  . ARG A 1 11  ? -6.917  4.803   16.835  1.00 16.61 ? 93  ARG A CA  1 
ATOM   92   C  C   . ARG A 1 11  ? -7.238  3.445   17.364  1.00 18.54 ? 93  ARG A C   1 
ATOM   93   O  O   . ARG A 1 11  ? -8.225  3.265   18.085  1.00 19.77 ? 93  ARG A O   1 
ATOM   94   C  CB  . ARG A 1 11  ? -7.835  5.821   17.479  1.00 15.97 ? 93  ARG A CB  1 
ATOM   95   C  CG  . ARG A 1 11  ? -7.508  7.198   16.956  1.00 17.74 ? 93  ARG A CG  1 
ATOM   96   C  CD  . ARG A 1 11  ? -7.638  8.230   18.052  1.00 21.10 ? 93  ARG A CD  1 
ATOM   97   N  NE  . ARG A 1 11  ? -7.123  9.555   17.707  1.00 19.04 ? 93  ARG A NE  1 
ATOM   98   C  CZ  . ARG A 1 11  ? -7.144  10.270  16.561  1.00 18.32 ? 93  ARG A CZ  1 
ATOM   99   N  NH1 . ARG A 1 11  ? -7.731  9.880   15.415  1.00 17.74 ? 93  ARG A NH1 1 
ATOM   100  N  NH2 . ARG A 1 11  ? -6.521  11.431  16.598  1.00 19.61 ? 93  ARG A NH2 1 
ATOM   101  N  N   . LYS A 1 12  ? -6.348  2.518   16.968  1.00 19.72 ? 94  LYS A N   1 
ATOM   102  C  CA  . LYS A 1 12  ? -6.410  1.110   17.333  1.00 20.71 ? 94  LYS A CA  1 
ATOM   103  C  C   . LYS A 1 12  ? -5.211  0.480   16.686  1.00 22.55 ? 94  LYS A C   1 
ATOM   104  O  O   . LYS A 1 12  ? -4.731  0.970   15.668  1.00 24.41 ? 94  LYS A O   1 
ATOM   105  C  CB  . LYS A 1 12  ? -7.689  0.413   16.855  1.00 22.27 ? 94  LYS A CB  1 
ATOM   106  C  CG  . LYS A 1 12  ? -7.929  0.417   15.346  1.00 24.58 ? 94  LYS A CG  1 
ATOM   107  C  CD  . LYS A 1 12  ? -9.229  -0.309  15.004  1.00 28.15 ? 94  LYS A CD  1 
ATOM   108  C  CE  . LYS A 1 12  ? -9.563  -0.223  13.521  1.00 28.65 ? 94  LYS A CE  1 
ATOM   109  N  NZ  . LYS A 1 12  ? -10.956 -0.638  13.315  1.00 28.69 ? 94  LYS A NZ  1 
ATOM   110  N  N   . THR A 1 13  ? -4.731  -0.589  17.334  1.00 23.31 ? 95  THR A N   1 
ATOM   111  C  CA  . THR A 1 13  ? -3.517  -1.177  16.783  1.00 25.25 ? 95  THR A CA  1 
ATOM   112  C  C   . THR A 1 13  ? -3.732  -2.460  15.981  1.00 24.97 ? 95  THR A C   1 
ATOM   113  O  O   . THR A 1 13  ? -2.864  -2.860  15.218  1.00 26.51 ? 95  THR A O   1 
ATOM   114  C  CB  . THR A 1 13  ? -2.464  -1.371  17.877  1.00 26.07 ? 95  THR A CB  1 
ATOM   115  O  OG1 . THR A 1 13  ? -2.957  -2.263  18.877  1.00 23.92 ? 95  THR A OG1 1 
ATOM   116  C  CG2 . THR A 1 13  ? -2.046  -0.042  18.508  1.00 29.25 ? 95  THR A CG2 1 
ATOM   117  N  N   . HIS A 1 14  ? -4.929  -3.063  16.173  1.00 23.73 ? 96  HIS A N   1 
ATOM   118  C  CA  . HIS A 1 14  ? -5.261  -4.260  15.401  1.00 23.83 ? 96  HIS A CA  1 
ATOM   119  C  C   . HIS A 1 14  ? -6.198  -3.989  14.233  1.00 21.54 ? 96  HIS A C   1 
ATOM   120  O  O   . HIS A 1 14  ? -7.393  -3.748  14.388  1.00 20.77 ? 96  HIS A O   1 
ATOM   121  C  CB  . HIS A 1 14  ? -5.805  -5.373  16.310  1.00 31.39 ? 96  HIS A CB  1 
ATOM   122  C  CG  . HIS A 1 14  ? -5.871  -6.657  15.504  1.00 41.87 ? 96  HIS A CG  1 
ATOM   123  N  ND1 . HIS A 1 14  ? -4.805  -7.207  14.887  1.00 44.59 ? 96  HIS A ND1 1 
ATOM   124  C  CD2 . HIS A 1 14  ? -7.004  -7.433  15.216  1.00 44.58 ? 96  HIS A CD2 1 
ATOM   125  C  CE1 . HIS A 1 14  ? -5.241  -8.312  14.212  1.00 45.23 ? 96  HIS A CE1 1 
ATOM   126  N  NE2 . HIS A 1 14  ? -6.594  -8.450  14.414  1.00 46.28 ? 96  HIS A NE2 1 
ATOM   127  N  N   . LEU A 1 15  ? -5.547  -4.059  13.053  1.00 18.57 ? 97  LEU A N   1 
ATOM   128  C  CA  . LEU A 1 15  ? -6.172  -3.796  11.758  1.00 14.96 ? 97  LEU A CA  1 
ATOM   129  C  C   . LEU A 1 15  ? -6.479  -5.080  10.996  1.00 15.05 ? 97  LEU A C   1 
ATOM   130  O  O   . LEU A 1 15  ? -5.839  -6.103  11.178  1.00 15.71 ? 97  LEU A O   1 
ATOM   131  C  CB  . LEU A 1 15  ? -5.230  -2.898  10.956  1.00 15.62 ? 97  LEU A CB  1 
ATOM   132  C  CG  . LEU A 1 15  ? -5.384  -1.376  11.081  1.00 17.98 ? 97  LEU A CG  1 
ATOM   133  C  CD1 . LEU A 1 15  ? -5.869  -0.861  12.425  1.00 19.48 ? 97  LEU A CD1 1 
ATOM   134  C  CD2 . LEU A 1 15  ? -4.072  -0.693  10.741  1.00 17.37 ? 97  LEU A CD2 1 
ATOM   135  N  N   . THR A 1 16  ? -7.511  -4.982  10.141  1.00 12.20 ? 98  THR A N   1 
ATOM   136  C  CA  . THR A 1 16  ? -7.852  -6.121  9.302   1.00 11.86 ? 98  THR A CA  1 
ATOM   137  C  C   . THR A 1 16  ? -7.779  -5.694  7.860   1.00 11.28 ? 98  THR A C   1 
ATOM   138  O  O   . THR A 1 16  ? -8.025  -4.547  7.553   1.00 10.27 ? 98  THR A O   1 
ATOM   139  C  CB  . THR A 1 16  ? -9.255  -6.643  9.618   1.00 12.07 ? 98  THR A CB  1 
ATOM   140  O  OG1 . THR A 1 16  ? -10.205 -5.595  9.433   1.00 11.82 ? 98  THR A OG1 1 
ATOM   141  C  CG2 . THR A 1 16  ? -9.362  -7.223  11.030  1.00 13.28 ? 98  THR A CG2 1 
ATOM   142  N  N   . TYR A 1 17  ? -7.427  -6.671  7.010   1.00 11.96 ? 99  TYR A N   1 
ATOM   143  C  CA  . TYR A 1 17  ? -7.443  -6.444  5.564   1.00 11.08 ? 99  TYR A CA  1 
ATOM   144  C  C   . TYR A 1 17  ? -8.189  -7.586  4.877   1.00 11.28 ? 99  TYR A C   1 
ATOM   145  O  O   . TYR A 1 17  ? -8.273  -8.685  5.403   1.00 11.16 ? 99  TYR A O   1 
ATOM   146  C  CB  . TYR A 1 17  ? -6.015  -6.270  4.987   1.00 9.64  ? 99  TYR A CB  1 
ATOM   147  C  CG  . TYR A 1 17  ? -5.210  -7.559  4.984   1.00 13.38 ? 99  TYR A CG  1 
ATOM   148  C  CD1 . TYR A 1 17  ? -4.639  -8.039  6.183   1.00 16.53 ? 99  TYR A CD1 1 
ATOM   149  C  CD2 . TYR A 1 17  ? -5.049  -8.254  3.763   1.00 15.81 ? 99  TYR A CD2 1 
ATOM   150  C  CE1 . TYR A 1 17  ? -3.862  -9.215  6.153   1.00 18.29 ? 99  TYR A CE1 1 
ATOM   151  C  CE2 . TYR A 1 17  ? -4.279  -9.426  3.729   1.00 15.94 ? 99  TYR A CE2 1 
ATOM   152  C  CZ  . TYR A 1 17  ? -3.680  -9.881  4.919   1.00 18.71 ? 99  TYR A CZ  1 
ATOM   153  O  OH  . TYR A 1 17  ? -2.892  -11.017 4.876   1.00 23.16 ? 99  TYR A OH  1 
ATOM   154  N  N   . ARG A 1 18  ? -8.707  -7.264  3.676   1.00 11.76 ? 100 ARG A N   1 
ATOM   155  C  CA  . ARG A 1 18  ? -9.320  -8.285  2.832   1.00 8.66  ? 100 ARG A CA  1 
ATOM   156  C  C   . ARG A 1 18  ? -8.881  -8.069  1.406   1.00 8.36  ? 100 ARG A C   1 
ATOM   157  O  O   . ARG A 1 18  ? -8.987  -6.975  0.897   1.00 9.62  ? 100 ARG A O   1 
ATOM   158  C  CB  . ARG A 1 18  ? -10.847 -8.185  2.962   1.00 9.77  ? 100 ARG A CB  1 
ATOM   159  C  CG  . ARG A 1 18  ? -11.654 -9.062  2.015   1.00 8.59  ? 100 ARG A CG  1 
ATOM   160  C  CD  . ARG A 1 18  ? -13.144 -8.880  2.225   1.00 11.86 ? 100 ARG A CD  1 
ATOM   161  N  NE  . ARG A 1 18  ? -13.868 -9.587  1.173   1.00 10.88 ? 100 ARG A NE  1 
ATOM   162  C  CZ  . ARG A 1 18  ? -15.181 -9.380  0.907   1.00 11.05 ? 100 ARG A CZ  1 
ATOM   163  N  NH1 . ARG A 1 18  ? -15.970 -8.592  1.632   1.00 10.54 ? 100 ARG A NH1 1 
ATOM   164  N  NH2 . ARG A 1 18  ? -15.729 -9.959  -0.147  1.00 10.55 ? 100 ARG A NH2 1 
ATOM   165  N  N   . ILE A 1 19  ? -8.400  -9.149  0.768   1.00 7.44  ? 101 ILE A N   1 
ATOM   166  C  CA  . ILE A 1 19  ? -8.150  -9.075  -0.669  1.00 9.60  ? 101 ILE A CA  1 
ATOM   167  C  C   . ILE A 1 19  ? -9.433  -9.502  -1.361  1.00 11.42 ? 101 ILE A C   1 
ATOM   168  O  O   . ILE A 1 19  ? -9.789  -10.670 -1.368  1.00 13.89 ? 101 ILE A O   1 
ATOM   169  C  CB  . ILE A 1 19  ? -6.956  -9.988  -1.018  1.00 11.30 ? 101 ILE A CB  1 
ATOM   170  C  CG1 . ILE A 1 19  ? -5.731  -9.538  -0.211  1.00 12.91 ? 101 ILE A CG1 1 
ATOM   171  C  CG2 . ILE A 1 19  ? -6.635  -9.975  -2.518  1.00 11.83 ? 101 ILE A CG2 1 
ATOM   172  C  CD1 . ILE A 1 19  ? -4.495  -10.424 -0.367  1.00 12.46 ? 101 ILE A CD1 1 
ATOM   173  N  N   . VAL A 1 20  ? -10.140 -8.489  -1.892  1.00 10.08 ? 102 VAL A N   1 
ATOM   174  C  CA  . VAL A 1 20  ? -11.448 -8.832  -2.440  1.00 10.90 ? 102 VAL A CA  1 
ATOM   175  C  C   . VAL A 1 20  ? -11.450 -9.568  -3.769  1.00 11.11 ? 102 VAL A C   1 
ATOM   176  O  O   . VAL A 1 20  ? -12.265 -10.463 -3.967  1.00 12.67 ? 102 VAL A O   1 
ATOM   177  C  CB  . VAL A 1 20  ? -12.510 -7.687  -2.350  1.00 14.25 ? 102 VAL A CB  1 
ATOM   178  C  CG1 . VAL A 1 20  ? -12.102 -6.542  -1.430  1.00 13.76 ? 102 VAL A CG1 1 
ATOM   179  C  CG2 . VAL A 1 20  ? -13.135 -7.226  -3.666  1.00 13.69 ? 102 VAL A CG2 1 
ATOM   180  N  N   . ASN A 1 21  ? -10.470 -9.201  -4.619  1.00 8.22  ? 103 ASN A N   1 
ATOM   181  C  CA  . ASN A 1 21  ? -10.337 -9.912  -5.892  1.00 7.34  ? 103 ASN A CA  1 
ATOM   182  C  C   . ASN A 1 21  ? -8.868  -9.941  -6.324  1.00 7.77  ? 103 ASN A C   1 
ATOM   183  O  O   . ASN A 1 21  ? -7.995  -9.422  -5.619  1.00 8.33  ? 103 ASN A O   1 
ATOM   184  C  CB  . ASN A 1 21  ? -11.315 -9.326  -6.938  1.00 7.57  ? 103 ASN A CB  1 
ATOM   185  C  CG  . ASN A 1 21  ? -11.054 -7.845  -7.187  1.00 10.65 ? 103 ASN A CG  1 
ATOM   186  O  OD1 . ASN A 1 21  ? -9.965  -7.342  -6.959  1.00 12.47 ? 103 ASN A OD1 1 
ATOM   187  N  ND2 . ASN A 1 21  ? -12.091 -7.162  -7.687  1.00 10.54 ? 103 ASN A ND2 1 
ATOM   188  N  N   . TYR A 1 22  ? -8.636  -10.582 -7.493  1.00 7.93  ? 104 TYR A N   1 
ATOM   189  C  CA  . TYR A 1 22  ? -7.270  -10.905 -7.932  1.00 7.53  ? 104 TYR A CA  1 
ATOM   190  C  C   . TYR A 1 22  ? -6.988  -10.559 -9.388  1.00 8.14  ? 104 TYR A C   1 
ATOM   191  O  O   . TYR A 1 22  ? -7.790  -10.795 -10.278 1.00 8.60  ? 104 TYR A O   1 
ATOM   192  C  CB  . TYR A 1 22  ? -7.036  -12.412 -7.802  1.00 7.76  ? 104 TYR A CB  1 
ATOM   193  C  CG  . TYR A 1 22  ? -6.792  -12.799 -6.370  1.00 8.97  ? 104 TYR A CG  1 
ATOM   194  C  CD1 . TYR A 1 22  ? -7.880  -13.125 -5.527  1.00 9.42  ? 104 TYR A CD1 1 
ATOM   195  C  CD2 . TYR A 1 22  ? -5.462  -12.825 -5.918  1.00 8.82  ? 104 TYR A CD2 1 
ATOM   196  C  CE1 . TYR A 1 22  ? -7.618  -13.512 -4.196  1.00 8.03  ? 104 TYR A CE1 1 
ATOM   197  C  CE2 . TYR A 1 22  ? -5.213  -13.201 -4.590  1.00 8.17  ? 104 TYR A CE2 1 
ATOM   198  C  CZ  . TYR A 1 22  ? -6.284  -13.550 -3.750  1.00 9.40  ? 104 TYR A CZ  1 
ATOM   199  O  OH  . TYR A 1 22  ? -5.960  -13.931 -2.450  1.00 9.89  ? 104 TYR A OH  1 
ATOM   200  N  N   . THR A 1 23  ? -5.743  -10.053 -9.588  1.00 8.45  ? 105 THR A N   1 
ATOM   201  C  CA  . THR A 1 23  ? -5.274  -9.796  -10.961 1.00 7.65  ? 105 THR A CA  1 
ATOM   202  C  C   . THR A 1 23  ? -5.117  -11.053 -11.848 1.00 9.11  ? 105 THR A C   1 
ATOM   203  O  O   . THR A 1 23  ? -4.757  -12.137 -11.370 1.00 11.31 ? 105 THR A O   1 
ATOM   204  C  CB  . THR A 1 23  ? -3.946  -9.001  -10.881 1.00 6.80  ? 105 THR A CB  1 
ATOM   205  O  OG1 . THR A 1 23  ? -3.488  -8.676  -12.199 1.00 7.14  ? 105 THR A OG1 1 
ATOM   206  C  CG2 . THR A 1 23  ? -2.831  -9.715  -10.106 1.00 3.39  ? 105 THR A CG2 1 
ATOM   207  N  N   . PRO A 1 24  ? -5.388  -10.928 -13.187 1.00 8.82  ? 106 PRO A N   1 
ATOM   208  C  CA  . PRO A 1 24  ? -4.992  -12.016 -14.081 1.00 7.65  ? 106 PRO A CA  1 
ATOM   209  C  C   . PRO A 1 24  ? -3.501  -12.294 -14.120 1.00 9.50  ? 106 PRO A C   1 
ATOM   210  O  O   . PRO A 1 24  ? -3.110  -13.400 -14.470 1.00 11.21 ? 106 PRO A O   1 
ATOM   211  C  CB  . PRO A 1 24  ? -5.498  -11.568 -15.448 1.00 7.58  ? 106 PRO A CB  1 
ATOM   212  C  CG  . PRO A 1 24  ? -6.583  -10.523 -15.174 1.00 7.10  ? 106 PRO A CG  1 
ATOM   213  C  CD  . PRO A 1 24  ? -6.059  -9.847  -13.919 1.00 7.82  ? 106 PRO A CD  1 
ATOM   214  N  N   . ASP A 1 25  ? -2.690  -11.282 -13.745 1.00 7.64  ? 107 ASP A N   1 
ATOM   215  C  CA  . ASP A 1 25  ? -1.272  -11.321 -14.113 1.00 9.70  ? 107 ASP A CA  1 
ATOM   216  C  C   . ASP A 1 25  ? -0.353  -12.274 -13.384 1.00 10.65 ? 107 ASP A C   1 
ATOM   217  O  O   . ASP A 1 25  ? 0.641   -12.723 -13.940 1.00 11.51 ? 107 ASP A O   1 
ATOM   218  C  CB  . ASP A 1 25  ? -0.649  -9.933  -14.019 1.00 9.62  ? 107 ASP A CB  1 
ATOM   219  C  CG  . ASP A 1 25  ? -1.371  -8.911  -14.875 1.00 11.73 ? 107 ASP A CG  1 
ATOM   220  O  OD1 . ASP A 1 25  ? -2.005  -9.286  -15.844 1.00 11.12 ? 107 ASP A OD1 1 
ATOM   221  O  OD2 . ASP A 1 25  ? -1.287  -7.734  -14.559 1.00 12.65 ? 107 ASP A OD2 1 
ATOM   222  N  N   . LEU A 1 26  ? -0.737  -12.552 -12.119 1.00 11.08 ? 108 LEU A N   1 
ATOM   223  C  CA  . LEU A 1 26  ? 0.074   -13.371 -11.222 1.00 10.57 ? 108 LEU A CA  1 
ATOM   224  C  C   . LEU A 1 26  ? -0.813  -14.465 -10.646 1.00 12.36 ? 108 LEU A C   1 
ATOM   225  O  O   . LEU A 1 26  ? -2.026  -14.281 -10.562 1.00 12.78 ? 108 LEU A O   1 
ATOM   226  C  CB  . LEU A 1 26  ? 0.543   -12.501 -10.059 1.00 11.75 ? 108 LEU A CB  1 
ATOM   227  C  CG  . LEU A 1 26  ? 1.928   -11.828 -10.062 1.00 16.11 ? 108 LEU A CG  1 
ATOM   228  C  CD1 . LEU A 1 26  ? 2.869   -12.280 -11.182 1.00 16.76 ? 108 LEU A CD1 1 
ATOM   229  C  CD2 . LEU A 1 26  ? 1.829   -10.312 -9.868  1.00 16.31 ? 108 LEU A CD2 1 
ATOM   230  N  N   . PRO A 1 27  ? -0.205  -15.630 -10.253 1.00 12.39 ? 109 PRO A N   1 
ATOM   231  C  CA  . PRO A 1 27  ? -0.951  -16.564 -9.397  1.00 12.20 ? 109 PRO A CA  1 
ATOM   232  C  C   . PRO A 1 27  ? -1.288  -15.957 -8.038  1.00 11.75 ? 109 PRO A C   1 
ATOM   233  O  O   . PRO A 1 27  ? -0.652  -15.001 -7.598  1.00 12.00 ? 109 PRO A O   1 
ATOM   234  C  CB  . PRO A 1 27  ? -0.038  -17.801 -9.325  1.00 11.80 ? 109 PRO A CB  1 
ATOM   235  C  CG  . PRO A 1 27  ? 1.369   -17.306 -9.656  1.00 14.12 ? 109 PRO A CG  1 
ATOM   236  C  CD  . PRO A 1 27  ? 1.138   -16.118 -10.588 1.00 11.33 ? 109 PRO A CD  1 
ATOM   237  N  N   . LYS A 1 28  ? -2.359  -16.523 -7.442  1.00 10.44 ? 110 LYS A N   1 
ATOM   238  C  CA  . LYS A 1 28  ? -2.845  -15.943 -6.193  1.00 11.16 ? 110 LYS A CA  1 
ATOM   239  C  C   . LYS A 1 28  ? -1.855  -15.990 -5.058  1.00 11.25 ? 110 LYS A C   1 
ATOM   240  O  O   . LYS A 1 28  ? -1.865  -15.168 -4.153  1.00 11.92 ? 110 LYS A O   1 
ATOM   241  C  CB  . LYS A 1 28  ? -4.108  -16.629 -5.676  1.00 12.12 ? 110 LYS A CB  1 
ATOM   242  C  CG  . LYS A 1 28  ? -5.352  -16.517 -6.559  1.00 14.19 ? 110 LYS A CG  1 
ATOM   243  C  CD  . LYS A 1 28  ? -6.593  -17.007 -5.797  1.00 17.83 ? 110 LYS A CD  1 
ATOM   244  C  CE  . LYS A 1 28  ? -7.883  -16.761 -6.579  1.00 22.09 ? 110 LYS A CE  1 
ATOM   245  N  NZ  . LYS A 1 28  ? -8.087  -17.791 -7.603  1.00 22.31 ? 110 LYS A NZ  1 
ATOM   246  N  N   . ASP A 1 29  ? -1.008  -17.028 -5.116  1.00 10.72 ? 111 ASP A N   1 
ATOM   247  C  CA  . ASP A 1 29  ? -0.004  -17.099 -4.073  1.00 11.64 ? 111 ASP A CA  1 
ATOM   248  C  C   . ASP A 1 29  ? 1.027   -15.998 -4.170  1.00 11.27 ? 111 ASP A C   1 
ATOM   249  O  O   . ASP A 1 29  ? 1.486   -15.520 -3.144  1.00 11.42 ? 111 ASP A O   1 
ATOM   250  C  CB  . ASP A 1 29  ? 0.595   -18.511 -3.962  1.00 16.68 ? 111 ASP A CB  1 
ATOM   251  C  CG  . ASP A 1 29  ? 1.736   -18.777 -4.931  1.00 24.31 ? 111 ASP A CG  1 
ATOM   252  O  OD1 . ASP A 1 29  ? 1.549   -18.690 -6.141  1.00 26.83 ? 111 ASP A OD1 1 
ATOM   253  O  OD2 . ASP A 1 29  ? 2.832   -19.059 -4.459  1.00 30.74 ? 111 ASP A OD2 1 
ATOM   254  N  N   . ALA A 1 30  ? 1.305   -15.588 -5.428  1.00 10.73 ? 112 ALA A N   1 
ATOM   255  C  CA  . ALA A 1 30  ? 2.217   -14.452 -5.608  1.00 9.10  ? 112 ALA A CA  1 
ATOM   256  C  C   . ALA A 1 30  ? 1.630   -13.127 -5.140  1.00 10.37 ? 112 ALA A C   1 
ATOM   257  O  O   . ALA A 1 30  ? 2.336   -12.326 -4.545  1.00 10.11 ? 112 ALA A O   1 
ATOM   258  C  CB  . ALA A 1 30  ? 2.637   -14.370 -7.081  1.00 8.88  ? 112 ALA A CB  1 
ATOM   259  N  N   . VAL A 1 31  ? 0.290   -12.946 -5.369  1.00 11.11 ? 113 VAL A N   1 
ATOM   260  C  CA  . VAL A 1 31  ? -0.290  -11.714 -4.824  1.00 11.08 ? 113 VAL A CA  1 
ATOM   261  C  C   . VAL A 1 31  ? -0.468  -11.662 -3.321  1.00 13.53 ? 113 VAL A C   1 
ATOM   262  O  O   . VAL A 1 31  ? -0.167  -10.647 -2.717  1.00 15.00 ? 113 VAL A O   1 
ATOM   263  C  CB  . VAL A 1 31  ? -1.486  -11.103 -5.602  1.00 11.69 ? 113 VAL A CB  1 
ATOM   264  C  CG1 . VAL A 1 31  ? -1.786  -11.786 -6.925  1.00 9.25  ? 113 VAL A CG1 1 
ATOM   265  C  CG2 . VAL A 1 31  ? -2.699  -10.679 -4.781  1.00 10.97 ? 113 VAL A CG2 1 
ATOM   266  N  N   . ASP A 1 32  ? -0.913  -12.812 -2.737  1.00 13.19 ? 114 ASP A N   1 
ATOM   267  C  CA  . ASP A 1 32  ? -0.948  -12.885 -1.275  1.00 9.93  ? 114 ASP A CA  1 
ATOM   268  C  C   . ASP A 1 32  ? 0.392   -12.563 -0.676  1.00 10.94 ? 114 ASP A C   1 
ATOM   269  O  O   . ASP A 1 32  ? 0.489   -11.818 0.279   1.00 9.98  ? 114 ASP A O   1 
ATOM   270  C  CB  . ASP A 1 32  ? -1.357  -14.269 -0.737  1.00 11.48 ? 114 ASP A CB  1 
ATOM   271  C  CG  . ASP A 1 32  ? -2.805  -14.622 -1.010  1.00 10.54 ? 114 ASP A CG  1 
ATOM   272  O  OD1 . ASP A 1 32  ? -3.490  -13.769 -1.551  1.00 11.64 ? 114 ASP A OD1 1 
ATOM   273  O  OD2 . ASP A 1 32  ? -3.245  -15.750 -0.717  1.00 11.09 ? 114 ASP A OD2 1 
ATOM   274  N  N   . SER A 1 33  ? 1.413   -13.177 -1.284  1.00 12.02 ? 115 SER A N   1 
ATOM   275  C  CA  . SER A 1 33  ? 2.783   -13.006 -0.815  1.00 14.58 ? 115 SER A CA  1 
ATOM   276  C  C   . SER A 1 33  ? 3.290   -11.568 -0.838  1.00 15.50 ? 115 SER A C   1 
ATOM   277  O  O   . SER A 1 33  ? 4.011   -11.119 0.051   1.00 15.15 ? 115 SER A O   1 
ATOM   278  C  CB  . SER A 1 33  ? 3.664   -13.896 -1.669  1.00 18.60 ? 115 SER A CB  1 
ATOM   279  O  OG  . SER A 1 33  ? 4.882   -14.169 -0.974  1.00 30.73 ? 115 SER A OG  1 
ATOM   280  N  N   . ALA A 1 34  ? 2.859   -10.864 -1.906  1.00 14.55 ? 116 ALA A N   1 
ATOM   281  C  CA  . ALA A 1 34  ? 3.273   -9.470  -2.063  1.00 14.98 ? 116 ALA A CA  1 
ATOM   282  C  C   . ALA A 1 34  ? 2.629   -8.547  -1.058  1.00 15.54 ? 116 ALA A C   1 
ATOM   283  O  O   . ALA A 1 34  ? 3.285   -7.664  -0.504  1.00 14.02 ? 116 ALA A O   1 
ATOM   284  C  CB  . ALA A 1 34  ? 2.946   -8.958  -3.468  1.00 15.42 ? 116 ALA A CB  1 
ATOM   285  N  N   . VAL A 1 35  ? 1.319   -8.806  -0.830  1.00 16.16 ? 117 VAL A N   1 
ATOM   286  C  CA  . VAL A 1 35  ? 0.658   -7.961  0.152   1.00 16.19 ? 117 VAL A CA  1 
ATOM   287  C  C   . VAL A 1 35  ? 1.008   -8.245  1.586   1.00 15.58 ? 117 VAL A C   1 
ATOM   288  O  O   . VAL A 1 35  ? 1.082   -7.306  2.361   1.00 16.50 ? 117 VAL A O   1 
ATOM   289  C  CB  . VAL A 1 35  ? -0.868  -7.764  -0.046  1.00 15.41 ? 117 VAL A CB  1 
ATOM   290  C  CG1 . VAL A 1 35  ? -1.265  -7.852  -1.513  1.00 14.29 ? 117 VAL A CG1 1 
ATOM   291  C  CG2 . VAL A 1 35  ? -1.760  -8.565  0.892   1.00 17.52 ? 117 VAL A CG2 1 
ATOM   292  N  N   . GLU A 1 36  ? 1.239   -9.536  1.901   1.00 16.49 ? 118 GLU A N   1 
ATOM   293  C  CA  . GLU A 1 36  ? 1.710   -9.798  3.264   1.00 20.42 ? 118 GLU A CA  1 
ATOM   294  C  C   . GLU A 1 36  ? 3.122   -9.358  3.602   1.00 19.29 ? 118 GLU A C   1 
ATOM   295  O  O   . GLU A 1 36  ? 3.395   -8.928  4.711   1.00 16.90 ? 118 GLU A O   1 
ATOM   296  C  CB  . GLU A 1 36  ? 1.384   -11.198 3.825   1.00 25.75 ? 118 GLU A CB  1 
ATOM   297  C  CG  . GLU A 1 36  ? 1.511   -12.481 2.999   1.00 37.38 ? 118 GLU A CG  1 
ATOM   298  C  CD  . GLU A 1 36  ? 0.122   -13.115 2.808   1.00 43.29 ? 118 GLU A CD  1 
ATOM   299  O  OE1 . GLU A 1 36  ? -0.860  -12.371 2.691   1.00 46.25 ? 118 GLU A OE1 1 
ATOM   300  O  OE2 . GLU A 1 36  ? 0.013   -14.353 2.748   1.00 43.72 ? 118 GLU A OE2 1 
ATOM   301  N  N   . LYS A 1 37  ? 3.982   -9.407  2.576   1.00 19.53 ? 119 LYS A N   1 
ATOM   302  C  CA  . LYS A 1 37  ? 5.290   -8.775  2.735   1.00 21.14 ? 119 LYS A CA  1 
ATOM   303  C  C   . LYS A 1 37  ? 5.210   -7.243  2.883   1.00 20.23 ? 119 LYS A C   1 
ATOM   304  O  O   . LYS A 1 37  ? 5.897   -6.624  3.688   1.00 19.34 ? 119 LYS A O   1 
ATOM   305  C  CB  . LYS A 1 37  ? 6.111   -9.258  1.552   1.00 25.02 ? 119 LYS A CB  1 
ATOM   306  C  CG  . LYS A 1 37  ? 7.607   -8.941  1.552   1.00 36.72 ? 119 LYS A CG  1 
ATOM   307  C  CD  . LYS A 1 37  ? 8.212   -9.389  0.205   1.00 44.69 ? 119 LYS A CD  1 
ATOM   308  C  CE  . LYS A 1 37  ? 9.642   -8.896  -0.097  1.00 48.72 ? 119 LYS A CE  1 
ATOM   309  N  NZ  . LYS A 1 37  ? 9.970   -9.152  -1.517  1.00 50.01 ? 119 LYS A NZ  1 
ATOM   310  N  N   . ALA A 1 38  ? 4.271   -6.652  2.115   1.00 18.14 ? 120 ALA A N   1 
ATOM   311  C  CA  . ALA A 1 38  ? 3.978   -5.221  2.275   1.00 17.68 ? 120 ALA A CA  1 
ATOM   312  C  C   . ALA A 1 38  ? 3.380   -4.771  3.620   1.00 16.95 ? 120 ALA A C   1 
ATOM   313  O  O   . ALA A 1 38  ? 3.682   -3.699  4.135   1.00 17.00 ? 120 ALA A O   1 
ATOM   314  C  CB  . ALA A 1 38  ? 3.061   -4.773  1.139   1.00 16.41 ? 120 ALA A CB  1 
ATOM   315  N  N   . LEU A 1 39  ? 2.544   -5.648  4.189   1.00 14.58 ? 121 LEU A N   1 
ATOM   316  C  CA  . LEU A 1 39  ? 2.043   -5.434  5.548   1.00 15.29 ? 121 LEU A CA  1 
ATOM   317  C  C   . LEU A 1 39  ? 3.129   -5.521  6.608   1.00 18.51 ? 121 LEU A C   1 
ATOM   318  O  O   . LEU A 1 39  ? 3.229   -4.689  7.497   1.00 19.71 ? 121 LEU A O   1 
ATOM   319  C  CB  . LEU A 1 39  ? 1.002   -6.500  5.885   1.00 15.01 ? 121 LEU A CB  1 
ATOM   320  C  CG  . LEU A 1 39  ? -0.484  -6.186  5.654   1.00 16.79 ? 121 LEU A CG  1 
ATOM   321  C  CD1 . LEU A 1 39  ? -0.804  -4.752  5.230   1.00 13.78 ? 121 LEU A CD1 1 
ATOM   322  C  CD2 . LEU A 1 39  ? -1.162  -7.256  4.817   1.00 13.49 ? 121 LEU A CD2 1 
ATOM   323  N  N   . LYS A 1 40  ? 3.938   -6.590  6.462   1.00 21.05 ? 122 LYS A N   1 
ATOM   324  C  CA  . LYS A 1 40  ? 5.061   -6.881  7.355   1.00 24.05 ? 122 LYS A CA  1 
ATOM   325  C  C   . LYS A 1 40  ? 6.090   -5.788  7.527   1.00 23.91 ? 122 LYS A C   1 
ATOM   326  O  O   . LYS A 1 40  ? 6.596   -5.570  8.619   1.00 24.95 ? 122 LYS A O   1 
ATOM   327  C  CB  . LYS A 1 40  ? 5.807   -8.096  6.865   1.00 29.20 ? 122 LYS A CB  1 
ATOM   328  C  CG  . LYS A 1 40  ? 5.496   -9.346  7.665   1.00 40.68 ? 122 LYS A CG  1 
ATOM   329  C  CD  . LYS A 1 40  ? 6.116   -10.545 6.943   1.00 50.15 ? 122 LYS A CD  1 
ATOM   330  C  CE  . LYS A 1 40  ? 5.664   -11.888 7.516   1.00 56.76 ? 122 LYS A CE  1 
ATOM   331  N  NZ  . LYS A 1 40  ? 5.936   -12.949 6.533   1.00 61.61 ? 122 LYS A NZ  1 
ATOM   332  N  N   . VAL A 1 41  ? 6.373   -5.104  6.393   1.00 21.54 ? 123 VAL A N   1 
ATOM   333  C  CA  . VAL A 1 41  ? 7.282   -3.949  6.421   1.00 22.59 ? 123 VAL A CA  1 
ATOM   334  C  C   . VAL A 1 41  ? 6.912   -2.875  7.460   1.00 20.46 ? 123 VAL A C   1 
ATOM   335  O  O   . VAL A 1 41  ? 7.760   -2.337  8.178   1.00 18.77 ? 123 VAL A O   1 
ATOM   336  C  CB  . VAL A 1 41  ? 7.360   -3.389  4.987   1.00 23.52 ? 123 VAL A CB  1 
ATOM   337  C  CG1 . VAL A 1 41  ? 7.878   -1.965  4.880   1.00 26.18 ? 123 VAL A CG1 1 
ATOM   338  C  CG2 . VAL A 1 41  ? 8.204   -4.314  4.110   1.00 26.30 ? 123 VAL A CG2 1 
ATOM   339  N  N   . TRP A 1 42  ? 5.592   -2.617  7.519   1.00 17.87 ? 124 TRP A N   1 
ATOM   340  C  CA  . TRP A 1 42  ? 5.120   -1.625  8.474   1.00 16.51 ? 124 TRP A CA  1 
ATOM   341  C  C   . TRP A 1 42  ? 4.915   -2.164  9.879   1.00 18.52 ? 124 TRP A C   1 
ATOM   342  O  O   . TRP A 1 42  ? 5.131   -1.465  10.863  1.00 17.93 ? 124 TRP A O   1 
ATOM   343  C  CB  . TRP A 1 42  ? 3.843   -0.974  7.961   1.00 14.94 ? 124 TRP A CB  1 
ATOM   344  C  CG  . TRP A 1 42  ? 4.080   -0.266  6.646   1.00 12.26 ? 124 TRP A CG  1 
ATOM   345  C  CD1 . TRP A 1 42  ? 3.608   -0.684  5.394   1.00 12.81 ? 124 TRP A CD1 1 
ATOM   346  C  CD2 . TRP A 1 42  ? 4.766   0.983   6.392   1.00 14.75 ? 124 TRP A CD2 1 
ATOM   347  N  NE1 . TRP A 1 42  ? 3.936   0.208   4.416   1.00 14.59 ? 124 TRP A NE1 1 
ATOM   348  C  CE2 . TRP A 1 42  ? 4.647   1.258   4.987   1.00 13.69 ? 124 TRP A CE2 1 
ATOM   349  C  CE3 . TRP A 1 42  ? 5.467   1.892   7.227   1.00 15.01 ? 124 TRP A CE3 1 
ATOM   350  C  CZ2 . TRP A 1 42  ? 5.214   2.431   4.450   1.00 14.23 ? 124 TRP A CZ2 1 
ATOM   351  C  CZ3 . TRP A 1 42  ? 6.042   3.057   6.673   1.00 14.82 ? 124 TRP A CZ3 1 
ATOM   352  C  CH2 . TRP A 1 42  ? 5.904   3.327   5.292   1.00 15.60 ? 124 TRP A CH2 1 
ATOM   353  N  N   . GLU A 1 43  ? 4.511   -3.448  9.927   1.00 19.92 ? 125 GLU A N   1 
ATOM   354  C  CA  . GLU A 1 43  ? 4.376   -4.135  11.213  1.00 23.81 ? 125 GLU A CA  1 
ATOM   355  C  C   . GLU A 1 43  ? 5.609   -4.156  12.094  1.00 24.19 ? 125 GLU A C   1 
ATOM   356  O  O   . GLU A 1 43  ? 5.527   -4.042  13.308  1.00 24.43 ? 125 GLU A O   1 
ATOM   357  C  CB  . GLU A 1 43  ? 3.968   -5.578  11.008  1.00 25.52 ? 125 GLU A CB  1 
ATOM   358  C  CG  . GLU A 1 43  ? 2.496   -5.792  11.259  1.00 33.89 ? 125 GLU A CG  1 
ATOM   359  C  CD  . GLU A 1 43  ? 2.153   -7.265  11.120  1.00 40.57 ? 125 GLU A CD  1 
ATOM   360  O  OE1 . GLU A 1 43  ? 2.739   -7.945  10.274  1.00 44.30 ? 125 GLU A OE1 1 
ATOM   361  O  OE2 . GLU A 1 43  ? 1.289   -7.733  11.863  1.00 46.08 ? 125 GLU A OE2 1 
ATOM   362  N  N   . GLU A 1 44  ? 6.762   -4.320  11.418  1.00 26.10 ? 126 GLU A N   1 
ATOM   363  C  CA  . GLU A 1 44  ? 8.022   -4.390  12.151  1.00 29.77 ? 126 GLU A CA  1 
ATOM   364  C  C   . GLU A 1 44  ? 8.414   -3.125  12.902  1.00 28.83 ? 126 GLU A C   1 
ATOM   365  O  O   . GLU A 1 44  ? 9.111   -3.179  13.906  1.00 30.67 ? 126 GLU A O   1 
ATOM   366  C  CB  . GLU A 1 44  ? 9.174   -4.693  11.210  1.00 33.57 ? 126 GLU A CB  1 
ATOM   367  C  CG  . GLU A 1 44  ? 9.259   -6.055  10.538  1.00 42.05 ? 126 GLU A CG  1 
ATOM   368  C  CD  . GLU A 1 44  ? 10.493  -5.994  9.650   1.00 50.56 ? 126 GLU A CD  1 
ATOM   369  O  OE1 . GLU A 1 44  ? 11.564  -5.645  10.156  1.00 55.00 ? 126 GLU A OE1 1 
ATOM   370  O  OE2 . GLU A 1 44  ? 10.382  -6.264  8.451   1.00 54.63 ? 126 GLU A OE2 1 
ATOM   371  N  N   . VAL A 1 45  ? 7.967   -1.982  12.353  1.00 26.70 ? 127 VAL A N   1 
ATOM   372  C  CA  . VAL A 1 45  ? 8.427   -0.731  12.951  1.00 24.77 ? 127 VAL A CA  1 
ATOM   373  C  C   . VAL A 1 45  ? 7.405   0.031   13.797  1.00 22.41 ? 127 VAL A C   1 
ATOM   374  O  O   . VAL A 1 45  ? 7.643   1.160   14.200  1.00 21.73 ? 127 VAL A O   1 
ATOM   375  C  CB  . VAL A 1 45  ? 9.078   0.157   11.872  1.00 23.59 ? 127 VAL A CB  1 
ATOM   376  C  CG1 . VAL A 1 45  ? 10.385  -0.485  11.395  1.00 21.86 ? 127 VAL A CG1 1 
ATOM   377  C  CG2 . VAL A 1 45  ? 8.140   0.464   10.695  1.00 21.14 ? 127 VAL A CG2 1 
ATOM   378  N  N   . THR A 1 46  ? 6.254   -0.644  14.037  1.00 20.77 ? 128 THR A N   1 
ATOM   379  C  CA  . THR A 1 46  ? 5.133   -0.039  14.765  1.00 19.48 ? 128 THR A CA  1 
ATOM   380  C  C   . THR A 1 46  ? 4.552   -1.067  15.728  1.00 20.82 ? 128 THR A C   1 
ATOM   381  O  O   . THR A 1 46  ? 4.919   -2.233  15.682  1.00 23.09 ? 128 THR A O   1 
ATOM   382  C  CB  . THR A 1 46  ? 4.029   0.407   13.798  1.00 19.06 ? 128 THR A CB  1 
ATOM   383  O  OG1 . THR A 1 46  ? 3.454   -0.720  13.143  1.00 18.41 ? 128 THR A OG1 1 
ATOM   384  C  CG2 . THR A 1 46  ? 4.489   1.428   12.776  1.00 18.17 ? 128 THR A CG2 1 
ATOM   385  N  N   . PRO A 1 47  ? 3.612   -0.628  16.597  1.00 19.76 ? 129 PRO A N   1 
ATOM   386  C  CA  . PRO A 1 47  ? 2.825   -1.621  17.351  1.00 20.63 ? 129 PRO A CA  1 
ATOM   387  C  C   . PRO A 1 47  ? 1.587   -2.234  16.655  1.00 21.28 ? 129 PRO A C   1 
ATOM   388  O  O   . PRO A 1 47  ? 0.822   -2.964  17.274  1.00 21.13 ? 129 PRO A O   1 
ATOM   389  C  CB  . PRO A 1 47  ? 2.461   -0.821  18.588  1.00 18.53 ? 129 PRO A CB  1 
ATOM   390  C  CG  . PRO A 1 47  ? 2.285   0.599   18.081  1.00 18.64 ? 129 PRO A CG  1 
ATOM   391  C  CD  . PRO A 1 47  ? 3.349   0.742   17.010  1.00 16.26 ? 129 PRO A CD  1 
ATOM   392  N  N   . LEU A 1 48  ? 1.429   -1.907  15.350  1.00 20.57 ? 130 LEU A N   1 
ATOM   393  C  CA  . LEU A 1 48  ? 0.270   -2.395  14.590  1.00 19.83 ? 130 LEU A CA  1 
ATOM   394  C  C   . LEU A 1 48  ? 0.388   -3.862  14.225  1.00 19.96 ? 130 LEU A C   1 
ATOM   395  O  O   . LEU A 1 48  ? 1.470   -4.362  13.943  1.00 19.97 ? 130 LEU A O   1 
ATOM   396  C  CB  . LEU A 1 48  ? 0.101   -1.578  13.301  1.00 18.70 ? 130 LEU A CB  1 
ATOM   397  C  CG  . LEU A 1 48  ? -0.043  -0.066  13.512  1.00 18.11 ? 130 LEU A CG  1 
ATOM   398  C  CD1 . LEU A 1 48  ? 0.070   0.698   12.197  1.00 17.24 ? 130 LEU A CD1 1 
ATOM   399  C  CD2 . LEU A 1 48  ? -1.315  0.302   14.271  1.00 18.32 ? 130 LEU A CD2 1 
ATOM   400  N  N   . THR A 1 49  ? -0.774  -4.529  14.228  1.00 19.24 ? 131 THR A N   1 
ATOM   401  C  CA  . THR A 1 49  ? -0.819  -5.873  13.669  1.00 19.34 ? 131 THR A CA  1 
ATOM   402  C  C   . THR A 1 49  ? -1.973  -5.991  12.709  1.00 17.58 ? 131 THR A C   1 
ATOM   403  O  O   . THR A 1 49  ? -2.972  -5.307  12.824  1.00 16.46 ? 131 THR A O   1 
ATOM   404  C  CB  . THR A 1 49  ? -0.927  -6.932  14.757  1.00 22.56 ? 131 THR A CB  1 
ATOM   405  O  OG1 . THR A 1 49  ? -2.067  -6.681  15.568  1.00 25.13 ? 131 THR A OG1 1 
ATOM   406  C  CG2 . THR A 1 49  ? 0.322   -6.987  15.640  1.00 24.68 ? 131 THR A CG2 1 
ATOM   407  N  N   . PHE A 1 50  ? -1.766  -6.874  11.730  1.00 16.76 ? 132 PHE A N   1 
ATOM   408  C  CA  . PHE A 1 50  ? -2.795  -7.043  10.702  1.00 18.00 ? 132 PHE A CA  1 
ATOM   409  C  C   . PHE A 1 50  ? -3.284  -8.475  10.670  1.00 17.89 ? 132 PHE A C   1 
ATOM   410  O  O   . PHE A 1 50  ? -2.506  -9.413  10.782  1.00 18.62 ? 132 PHE A O   1 
ATOM   411  C  CB  . PHE A 1 50  ? -2.247  -6.729  9.300   1.00 19.19 ? 132 PHE A CB  1 
ATOM   412  C  CG  . PHE A 1 50  ? -1.695  -5.331  9.178   1.00 20.15 ? 132 PHE A CG  1 
ATOM   413  C  CD1 . PHE A 1 50  ? -2.546  -4.281  8.778   1.00 21.24 ? 132 PHE A CD1 1 
ATOM   414  C  CD2 . PHE A 1 50  ? -0.327  -5.102  9.442   1.00 20.12 ? 132 PHE A CD2 1 
ATOM   415  C  CE1 . PHE A 1 50  ? -2.013  -2.988  8.613   1.00 21.72 ? 132 PHE A CE1 1 
ATOM   416  C  CE2 . PHE A 1 50  ? 0.204   -3.805  9.289   1.00 20.76 ? 132 PHE A CE2 1 
ATOM   417  C  CZ  . PHE A 1 50  ? -0.638  -2.760  8.860   1.00 21.70 ? 132 PHE A CZ  1 
ATOM   418  N  N   . SER A 1 51  ? -4.605  -8.607  10.479  1.00 17.19 ? 133 SER A N   1 
ATOM   419  C  CA  . SER A 1 51  ? -5.057  -9.953  10.177  1.00 17.66 ? 133 SER A CA  1 
ATOM   420  C  C   . SER A 1 51  ? -6.079  -9.943  9.076   1.00 15.35 ? 133 SER A C   1 
ATOM   421  O  O   . SER A 1 51  ? -6.697  -8.943  8.784   1.00 15.00 ? 133 SER A O   1 
ATOM   422  C  CB  . SER A 1 51  ? -5.567  -10.677 11.427  1.00 20.97 ? 133 SER A CB  1 
ATOM   423  O  OG  . SER A 1 51  ? -6.674  -9.954  11.956  1.00 25.78 ? 133 SER A OG  1 
ATOM   424  N  N   . ARG A 1 52  ? -6.183  -11.123 8.457   1.00 14.86 ? 134 ARG A N   1 
ATOM   425  C  CA  . ARG A 1 52  ? -6.945  -11.203 7.221   1.00 13.61 ? 134 ARG A CA  1 
ATOM   426  C  C   . ARG A 1 52  ? -8.349  -11.682 7.462   1.00 13.08 ? 134 ARG A C   1 
ATOM   427  O  O   . ARG A 1 52  ? -8.589  -12.582 8.250   1.00 15.22 ? 134 ARG A O   1 
ATOM   428  C  CB  . ARG A 1 52  ? -6.182  -12.132 6.294   1.00 14.89 ? 134 ARG A CB  1 
ATOM   429  C  CG  . ARG A 1 52  ? -6.747  -12.216 4.893   1.00 13.89 ? 134 ARG A CG  1 
ATOM   430  C  CD  . ARG A 1 52  ? -5.951  -13.217 4.075   1.00 13.81 ? 134 ARG A CD  1 
ATOM   431  N  NE  . ARG A 1 52  ? -6.561  -13.287 2.759   1.00 15.22 ? 134 ARG A NE  1 
ATOM   432  C  CZ  . ARG A 1 52  ? -5.960  -13.854 1.725   1.00 16.82 ? 134 ARG A CZ  1 
ATOM   433  N  NH1 . ARG A 1 52  ? -4.783  -14.416 1.893   1.00 17.59 ? 134 ARG A NH1 1 
ATOM   434  N  NH2 . ARG A 1 52  ? -6.543  -13.851 0.536   1.00 16.93 ? 134 ARG A NH2 1 
ATOM   435  N  N   . LEU A 1 53  ? -9.263  -11.021 6.732   1.00 13.16 ? 135 LEU A N   1 
ATOM   436  C  CA  . LEU A 1 53  ? -10.657 -11.450 6.668   1.00 13.64 ? 135 LEU A CA  1 
ATOM   437  C  C   . LEU A 1 53  ? -10.902 -11.972 5.288   1.00 14.20 ? 135 LEU A C   1 
ATOM   438  O  O   . LEU A 1 53  ? -10.400 -11.406 4.336   1.00 14.91 ? 135 LEU A O   1 
ATOM   439  C  CB  . LEU A 1 53  ? -11.637 -10.294 6.839   1.00 14.36 ? 135 LEU A CB  1 
ATOM   440  C  CG  . LEU A 1 53  ? -11.601 -9.622  8.197   1.00 17.10 ? 135 LEU A CG  1 
ATOM   441  C  CD1 . LEU A 1 53  ? -12.714 -8.580  8.317   1.00 17.69 ? 135 LEU A CD1 1 
ATOM   442  C  CD2 . LEU A 1 53  ? -11.682 -10.644 9.326   1.00 19.00 ? 135 LEU A CD2 1 
ATOM   443  N  N   . TYR A 1 54  ? -11.711 -13.031 5.223   1.00 13.67 ? 136 TYR A N   1 
ATOM   444  C  CA  . TYR A 1 54  ? -12.100 -13.554 3.921   1.00 15.24 ? 136 TYR A CA  1 
ATOM   445  C  C   . TYR A 1 54  ? -13.506 -13.136 3.486   1.00 16.32 ? 136 TYR A C   1 
ATOM   446  O  O   . TYR A 1 54  ? -13.937 -13.378 2.365   1.00 17.80 ? 136 TYR A O   1 
ATOM   447  C  CB  . TYR A 1 54  ? -11.912 -15.073 3.917   1.00 15.19 ? 136 TYR A CB  1 
ATOM   448  C  CG  . TYR A 1 54  ? -10.460 -15.464 4.137   1.00 16.45 ? 136 TYR A CG  1 
ATOM   449  C  CD1 . TYR A 1 54  ? -9.583  -15.498 3.028   1.00 15.89 ? 136 TYR A CD1 1 
ATOM   450  C  CD2 . TYR A 1 54  ? -10.024 -15.800 5.439   1.00 16.97 ? 136 TYR A CD2 1 
ATOM   451  C  CE1 . TYR A 1 54  ? -8.263  -15.936 3.217   1.00 17.41 ? 136 TYR A CE1 1 
ATOM   452  C  CE2 . TYR A 1 54  ? -8.692  -16.218 5.624   1.00 18.28 ? 136 TYR A CE2 1 
ATOM   453  C  CZ  . TYR A 1 54  ? -7.840  -16.305 4.509   1.00 17.29 ? 136 TYR A CZ  1 
ATOM   454  O  OH  . TYR A 1 54  ? -6.551  -16.772 4.672   1.00 23.65 ? 136 TYR A OH  1 
ATOM   455  N  N   . GLU A 1 55  ? -14.196 -12.493 4.445   1.00 17.44 ? 137 GLU A N   1 
ATOM   456  C  CA  . GLU A 1 55  ? -15.532 -11.964 4.198   1.00 19.56 ? 137 GLU A CA  1 
ATOM   457  C  C   . GLU A 1 55  ? -15.817 -10.762 5.094   1.00 19.59 ? 137 GLU A C   1 
ATOM   458  O  O   . GLU A 1 55  ? -15.124 -10.535 6.086   1.00 22.12 ? 137 GLU A O   1 
ATOM   459  C  CB  . GLU A 1 55  ? -16.563 -13.080 4.384   1.00 22.95 ? 137 GLU A CB  1 
ATOM   460  C  CG  . GLU A 1 55  ? -16.655 -13.602 5.825   1.00 34.41 ? 137 GLU A CG  1 
ATOM   461  C  CD  . GLU A 1 55  ? -17.319 -14.974 5.869   1.00 42.36 ? 137 GLU A CD  1 
ATOM   462  O  OE1 . GLU A 1 55  ? -18.189 -15.252 5.033   1.00 46.41 ? 137 GLU A OE1 1 
ATOM   463  O  OE2 . GLU A 1 55  ? -16.949 -15.767 6.741   1.00 48.48 ? 137 GLU A OE2 1 
ATOM   464  N  N   . GLY A 1 56  ? -16.858 -10.005 4.696   1.00 18.41 ? 138 GLY A N   1 
ATOM   465  C  CA  . GLY A 1 56  ? -17.188 -8.809  5.456   1.00 17.35 ? 138 GLY A CA  1 
ATOM   466  C  C   . GLY A 1 56  ? -16.310 -7.642  5.091   1.00 16.71 ? 138 GLY A C   1 
ATOM   467  O  O   . GLY A 1 56  ? -15.474 -7.699  4.204   1.00 15.22 ? 138 GLY A O   1 
ATOM   468  N  N   . GLU A 1 57  ? -16.543 -6.573  5.857   1.00 18.12 ? 139 GLU A N   1 
ATOM   469  C  CA  . GLU A 1 57  ? -15.805 -5.338  5.672   1.00 21.03 ? 139 GLU A CA  1 
ATOM   470  C  C   . GLU A 1 57  ? -14.559 -5.310  6.538   1.00 21.26 ? 139 GLU A C   1 
ATOM   471  O  O   . GLU A 1 57  ? -14.650 -5.305  7.759   1.00 22.77 ? 139 GLU A O   1 
ATOM   472  C  CB  . GLU A 1 57  ? -16.721 -4.207  6.098   1.00 27.60 ? 139 GLU A CB  1 
ATOM   473  C  CG  . GLU A 1 57  ? -16.457 -2.868  5.415   1.00 39.03 ? 139 GLU A CG  1 
ATOM   474  C  CD  . GLU A 1 57  ? -17.472 -2.608  4.303   1.00 46.85 ? 139 GLU A CD  1 
ATOM   475  O  OE1 . GLU A 1 57  ? -18.590 -3.180  4.305   1.00 47.50 ? 139 GLU A OE1 1 
ATOM   476  O  OE2 . GLU A 1 57  ? -17.137 -1.793  3.441   1.00 51.46 ? 139 GLU A OE2 1 
ATOM   477  N  N   . ALA A 1 58  ? -13.391 -5.306  5.851   1.00 15.96 ? 140 ALA A N   1 
ATOM   478  C  CA  . ALA A 1 58  ? -12.171 -5.113  6.629   1.00 13.88 ? 140 ALA A CA  1 
ATOM   479  C  C   . ALA A 1 58  ? -11.797 -3.644  6.692   1.00 12.56 ? 140 ALA A C   1 
ATOM   480  O  O   . ALA A 1 58  ? -12.311 -2.853  5.932   1.00 13.31 ? 140 ALA A O   1 
ATOM   481  C  CB  . ALA A 1 58  ? -11.035 -5.894  5.991   1.00 12.00 ? 140 ALA A CB  1 
ATOM   482  N  N   . ASP A 1 59  ? -10.848 -3.291  7.582   1.00 11.58 ? 141 ASP A N   1 
ATOM   483  C  CA  . ASP A 1 59  ? -10.379 -1.898  7.523   1.00 10.54 ? 141 ASP A CA  1 
ATOM   484  C  C   . ASP A 1 59  ? -9.780  -1.507  6.176   1.00 11.52 ? 141 ASP A C   1 
ATOM   485  O  O   . ASP A 1 59  ? -10.061 -0.472  5.592   1.00 10.99 ? 141 ASP A O   1 
ATOM   486  C  CB  . ASP A 1 59  ? -9.328  -1.616  8.599   1.00 9.75  ? 141 ASP A CB  1 
ATOM   487  C  CG  . ASP A 1 59  ? -9.850  -1.888  10.001  1.00 13.19 ? 141 ASP A CG  1 
ATOM   488  O  OD1 . ASP A 1 59  ? -10.827 -1.259  10.382  1.00 11.56 ? 141 ASP A OD1 1 
ATOM   489  O  OD2 . ASP A 1 59  ? -9.281  -2.716  10.721  1.00 9.36  ? 141 ASP A OD2 1 
ATOM   490  N  N   . ILE A 1 60  ? -8.903  -2.397  5.702   1.00 10.94 ? 142 ILE A N   1 
ATOM   491  C  CA  . ILE A 1 60  ? -8.227  -2.108  4.451   1.00 10.95 ? 142 ILE A CA  1 
ATOM   492  C  C   . ILE A 1 60  ? -8.727  -3.098  3.421   1.00 11.38 ? 142 ILE A C   1 
ATOM   493  O  O   . ILE A 1 60  ? -8.314  -4.245  3.419   1.00 12.16 ? 142 ILE A O   1 
ATOM   494  C  CB  . ILE A 1 60  ? -6.707  -2.232  4.657   1.00 11.44 ? 142 ILE A CB  1 
ATOM   495  C  CG1 . ILE A 1 60  ? -6.231  -1.193  5.689   1.00 11.45 ? 142 ILE A CG1 1 
ATOM   496  C  CG2 . ILE A 1 60  ? -5.963  -2.071  3.320   1.00 9.86  ? 142 ILE A CG2 1 
ATOM   497  C  CD1 . ILE A 1 60  ? -4.792  -1.401  6.149   1.00 10.77 ? 142 ILE A CD1 1 
ATOM   498  N  N   . MET A 1 61  ? -9.635  -2.595  2.559   1.00 10.72 ? 143 MET A N   1 
ATOM   499  C  CA  . MET A 1 61  ? -10.108 -3.426  1.456   1.00 9.74  ? 143 MET A CA  1 
ATOM   500  C  C   . MET A 1 61  ? -9.194  -3.232  0.256   1.00 11.18 ? 143 MET A C   1 
ATOM   501  O  O   . MET A 1 61  ? -8.929  -2.125  -0.169  1.00 12.20 ? 143 MET A O   1 
ATOM   502  C  CB  . MET A 1 61  ? -11.552 -3.050  1.108   1.00 10.01 ? 143 MET A CB  1 
ATOM   503  C  CG  . MET A 1 61  ? -12.540 -3.164  2.260   1.00 6.43  ? 143 MET A CG  1 
ATOM   504  S  SD  . MET A 1 61  ? -13.028 -4.848  2.545   1.00 10.61 ? 143 MET A SD  1 
ATOM   505  C  CE  . MET A 1 61  ? -14.260 -4.965  1.233   1.00 11.45 ? 143 MET A CE  1 
ATOM   506  N  N   . ILE A 1 62  ? -8.698  -4.383  -0.242  1.00 10.69 ? 144 ILE A N   1 
ATOM   507  C  CA  . ILE A 1 62  ? -7.760  -4.388  -1.370  1.00 10.06 ? 144 ILE A CA  1 
ATOM   508  C  C   . ILE A 1 62  ? -8.419  -5.002  -2.603  1.00 9.34  ? 144 ILE A C   1 
ATOM   509  O  O   . ILE A 1 62  ? -8.993  -6.081  -2.572  1.00 8.40  ? 144 ILE A O   1 
ATOM   510  C  CB  . ILE A 1 62  ? -6.453  -5.133  -0.966  1.00 9.06  ? 144 ILE A CB  1 
ATOM   511  C  CG1 . ILE A 1 62  ? -5.762  -4.438  0.233   1.00 8.92  ? 144 ILE A CG1 1 
ATOM   512  C  CG2 . ILE A 1 62  ? -5.477  -5.232  -2.140  1.00 8.09  ? 144 ILE A CG2 1 
ATOM   513  C  CD1 . ILE A 1 62  ? -4.686  -5.244  0.969   1.00 10.40 ? 144 ILE A CD1 1 
ATOM   514  N  N   . SER A 1 63  ? -8.304  -4.251  -3.706  1.00 9.56  ? 145 SER A N   1 
ATOM   515  C  CA  . SER A 1 63  ? -8.876  -4.774  -4.938  1.00 10.94 ? 145 SER A CA  1 
ATOM   516  C  C   . SER A 1 63  ? -8.169  -4.245  -6.174  1.00 10.93 ? 145 SER A C   1 
ATOM   517  O  O   . SER A 1 63  ? -7.412  -3.296  -6.119  1.00 9.61  ? 145 SER A O   1 
ATOM   518  C  CB  . SER A 1 63  ? -10.398 -4.526  -4.986  1.00 13.92 ? 145 SER A CB  1 
ATOM   519  O  OG  . SER A 1 63  ? -10.679 -3.127  -5.006  1.00 15.49 ? 145 SER A OG  1 
ATOM   520  N  N   . PHE A 1 64  ? -8.486  -4.966  -7.276  1.00 9.85  ? 146 PHE A N   1 
ATOM   521  C  CA  . PHE A 1 64  ? -7.976  -4.745  -8.628  1.00 11.43 ? 146 PHE A CA  1 
ATOM   522  C  C   . PHE A 1 64  ? -9.129  -4.332  -9.520  1.00 12.48 ? 146 PHE A C   1 
ATOM   523  O  O   . PHE A 1 64  ? -10.189 -4.954  -9.497  1.00 12.75 ? 146 PHE A O   1 
ATOM   524  C  CB  . PHE A 1 64  ? -7.394  -6.039  -9.201  1.00 9.37  ? 146 PHE A CB  1 
ATOM   525  C  CG  . PHE A 1 64  ? -6.142  -6.444  -8.470  1.00 10.24 ? 146 PHE A CG  1 
ATOM   526  C  CD1 . PHE A 1 64  ? -6.240  -7.225  -7.304  1.00 9.38  ? 146 PHE A CD1 1 
ATOM   527  C  CD2 . PHE A 1 64  ? -4.892  -6.021  -8.978  1.00 10.88 ? 146 PHE A CD2 1 
ATOM   528  C  CE1 . PHE A 1 64  ? -5.067  -7.602  -6.622  1.00 12.17 ? 146 PHE A CE1 1 
ATOM   529  C  CE2 . PHE A 1 64  ? -3.720  -6.396  -8.299  1.00 12.74 ? 146 PHE A CE2 1 
ATOM   530  C  CZ  . PHE A 1 64  ? -3.815  -7.186  -7.129  1.00 10.85 ? 146 PHE A CZ  1 
ATOM   531  N  N   . ALA A 1 65  ? -8.873  -3.262  -10.293 1.00 12.32 ? 147 ALA A N   1 
ATOM   532  C  CA  . ALA A 1 65  ? -9.952  -2.609  -11.031 1.00 12.76 ? 147 ALA A CA  1 
ATOM   533  C  C   . ALA A 1 65  ? -9.406  -1.785  -12.190 1.00 12.55 ? 147 ALA A C   1 
ATOM   534  O  O   . ALA A 1 65  ? -8.247  -1.403  -12.187 1.00 12.49 ? 147 ALA A O   1 
ATOM   535  C  CB  . ALA A 1 65  ? -10.692 -1.665  -10.081 1.00 14.30 ? 147 ALA A CB  1 
ATOM   536  N  N   . VAL A 1 66  ? -10.299 -1.525  -13.179 1.00 12.06 ? 148 VAL A N   1 
ATOM   537  C  CA  . VAL A 1 66  ? -9.891  -0.662  -14.295 1.00 13.61 ? 148 VAL A CA  1 
ATOM   538  C  C   . VAL A 1 66  ? -10.822 0.540   -14.426 1.00 14.36 ? 148 VAL A C   1 
ATOM   539  O  O   . VAL A 1 66  ? -11.997 0.445   -14.104 1.00 14.94 ? 148 VAL A O   1 
ATOM   540  C  CB  . VAL A 1 66  ? -9.785  -1.440  -15.639 1.00 12.00 ? 148 VAL A CB  1 
ATOM   541  C  CG1 . VAL A 1 66  ? -8.725  -2.546  -15.566 1.00 13.07 ? 148 VAL A CG1 1 
ATOM   542  C  CG2 . VAL A 1 66  ? -11.132 -1.939  -16.172 1.00 9.65  ? 148 VAL A CG2 1 
ATOM   543  N  N   . ARG A 1 67  ? -10.266 1.676   -14.910 1.00 15.37 ? 149 ARG A N   1 
ATOM   544  C  CA  . ARG A 1 67  ? -11.109 2.826   -15.283 1.00 16.60 ? 149 ARG A CA  1 
ATOM   545  C  C   . ARG A 1 67  ? -12.063 3.250   -14.166 1.00 16.81 ? 149 ARG A C   1 
ATOM   546  O  O   . ARG A 1 67  ? -11.603 3.436   -13.058 1.00 16.25 ? 149 ARG A O   1 
ATOM   547  C  CB  . ARG A 1 67  ? -11.838 2.585   -16.608 1.00 17.10 ? 149 ARG A CB  1 
ATOM   548  C  CG  . ARG A 1 67  ? -10.964 2.089   -17.750 1.00 18.51 ? 149 ARG A CG  1 
ATOM   549  C  CD  . ARG A 1 67  ? -10.091 3.177   -18.333 1.00 20.36 ? 149 ARG A CD  1 
ATOM   550  N  NE  . ARG A 1 67  ? -9.434  2.649   -19.520 1.00 21.27 ? 149 ARG A NE  1 
ATOM   551  C  CZ  . ARG A 1 67  ? -8.674  3.463   -20.296 1.00 20.94 ? 149 ARG A CZ  1 
ATOM   552  N  NH1 . ARG A 1 67  ? -8.492  4.748   -20.017 1.00 18.99 ? 149 ARG A NH1 1 
ATOM   553  N  NH2 . ARG A 1 67  ? -8.087  2.994   -21.386 1.00 22.15 ? 149 ARG A NH2 1 
ATOM   554  N  N   . GLU A 1 68  ? -13.376 3.396   -14.449 1.00 16.67 ? 150 GLU A N   1 
ATOM   555  C  CA  . GLU A 1 68  ? -14.279 3.786   -13.363 1.00 17.08 ? 150 GLU A CA  1 
ATOM   556  C  C   . GLU A 1 68  ? -14.702 2.592   -12.542 1.00 16.74 ? 150 GLU A C   1 
ATOM   557  O  O   . GLU A 1 68  ? -15.122 1.573   -13.072 1.00 17.35 ? 150 GLU A O   1 
ATOM   558  C  CB  . GLU A 1 68  ? -15.500 4.498   -13.944 1.00 21.31 ? 150 GLU A CB  1 
ATOM   559  C  CG  . GLU A 1 68  ? -16.627 4.822   -12.946 1.00 31.12 ? 150 GLU A CG  1 
ATOM   560  C  CD  . GLU A 1 68  ? -16.131 5.708   -11.815 1.00 36.73 ? 150 GLU A CD  1 
ATOM   561  O  OE1 . GLU A 1 68  ? -15.430 6.692   -12.081 1.00 40.73 ? 150 GLU A OE1 1 
ATOM   562  O  OE2 . GLU A 1 68  ? -16.451 5.407   -10.666 1.00 35.51 ? 150 GLU A OE2 1 
ATOM   563  N  N   . HIS A 1 69  ? -14.520 2.770   -11.223 1.00 14.35 ? 151 HIS A N   1 
ATOM   564  C  CA  . HIS A 1 69  ? -14.619 1.633   -10.325 1.00 14.54 ? 151 HIS A CA  1 
ATOM   565  C  C   . HIS A 1 69  ? -15.214 1.953   -8.972  1.00 14.41 ? 151 HIS A C   1 
ATOM   566  O  O   . HIS A 1 69  ? -15.036 1.205   -8.025  1.00 13.48 ? 151 HIS A O   1 
ATOM   567  C  CB  . HIS A 1 69  ? -13.268 0.910   -10.174 1.00 9.79  ? 151 HIS A CB  1 
ATOM   568  C  CG  . HIS A 1 69  ? -12.190 1.822   -9.651  1.00 11.46 ? 151 HIS A CG  1 
ATOM   569  N  ND1 . HIS A 1 69  ? -11.554 2.697   -10.428 1.00 12.96 ? 151 HIS A ND1 1 
ATOM   570  C  CD2 . HIS A 1 69  ? -11.694 1.931   -8.357  1.00 12.05 ? 151 HIS A CD2 1 
ATOM   571  C  CE1 . HIS A 1 69  ? -10.645 3.381   -9.666  1.00 12.01 ? 151 HIS A CE1 1 
ATOM   572  N  NE2 . HIS A 1 69  ? -10.743 2.899   -8.404  1.00 12.08 ? 151 HIS A NE2 1 
ATOM   573  N  N   . GLY A 1 70  ? -15.952 3.074   -8.922  1.00 16.87 ? 152 GLY A N   1 
ATOM   574  C  CA  . GLY A 1 70  ? -16.736 3.285   -7.704  1.00 18.31 ? 152 GLY A CA  1 
ATOM   575  C  C   . GLY A 1 70  ? -16.175 4.284   -6.708  1.00 21.18 ? 152 GLY A C   1 
ATOM   576  O  O   . GLY A 1 70  ? -16.569 4.308   -5.548  1.00 25.74 ? 152 GLY A O   1 
ATOM   577  N  N   . ASP A 1 71  ? -15.248 5.124   -7.209  1.00 20.49 ? 153 ASP A N   1 
ATOM   578  C  CA  . ASP A 1 71  ? -14.846 6.301   -6.438  1.00 18.32 ? 153 ASP A CA  1 
ATOM   579  C  C   . ASP A 1 71  ? -14.592 7.495   -7.325  1.00 19.37 ? 153 ASP A C   1 
ATOM   580  O  O   . ASP A 1 71  ? -14.860 7.465   -8.520  1.00 22.02 ? 153 ASP A O   1 
ATOM   581  C  CB  . ASP A 1 71  ? -13.671 6.008   -5.511  1.00 14.73 ? 153 ASP A CB  1 
ATOM   582  C  CG  . ASP A 1 71  ? -12.433 5.535   -6.219  1.00 15.88 ? 153 ASP A CG  1 
ATOM   583  O  OD1 . ASP A 1 71  ? -12.245 5.791   -7.404  1.00 14.81 ? 153 ASP A OD1 1 
ATOM   584  O  OD2 . ASP A 1 71  ? -11.640 4.900   -5.557  1.00 16.93 ? 153 ASP A OD2 1 
ATOM   585  N  N   . PHE A 1 72  ? -14.057 8.551   -6.701  1.00 20.84 ? 154 PHE A N   1 
ATOM   586  C  CA  . PHE A 1 72  ? -13.923 9.777   -7.481  1.00 22.89 ? 154 PHE A CA  1 
ATOM   587  C  C   . PHE A 1 72  ? -12.721 9.872   -8.403  1.00 23.34 ? 154 PHE A C   1 
ATOM   588  O  O   . PHE A 1 72  ? -12.496 10.898  -9.028  1.00 23.79 ? 154 PHE A O   1 
ATOM   589  C  CB  . PHE A 1 72  ? -13.948 10.969  -6.530  1.00 25.34 ? 154 PHE A CB  1 
ATOM   590  C  CG  . PHE A 1 72  ? -15.129 11.864  -6.816  0.00 23.59 ? 154 PHE A CG  1 
ATOM   591  C  CD1 . PHE A 1 72  ? -16.354 11.617  -6.153  0.00 22.91 ? 154 PHE A CD1 1 
ATOM   592  C  CD2 . PHE A 1 72  ? -14.986 12.934  -7.729  0.00 23.04 ? 154 PHE A CD2 1 
ATOM   593  C  CE1 . PHE A 1 72  ? -17.452 12.464  -6.402  0.00 22.56 ? 154 PHE A CE1 1 
ATOM   594  C  CE2 . PHE A 1 72  ? -16.088 13.779  -7.974  0.00 22.67 ? 154 PHE A CE2 1 
ATOM   595  C  CZ  . PHE A 1 72  ? -17.308 13.539  -7.306  0.00 22.37 ? 154 PHE A CZ  1 
ATOM   596  N  N   . TYR A 1 73  ? -11.949 8.762   -8.442  1.00 23.39 ? 155 TYR A N   1 
ATOM   597  C  CA  . TYR A 1 73  ? -10.681 8.783   -9.169  1.00 22.90 ? 155 TYR A CA  1 
ATOM   598  C  C   . TYR A 1 73  ? -10.526 7.576   -10.058 1.00 20.46 ? 155 TYR A C   1 
ATOM   599  O  O   . TYR A 1 73  ? -9.861  6.616   -9.698  1.00 21.82 ? 155 TYR A O   1 
ATOM   600  C  CB  . TYR A 1 73  ? -9.490  8.810   -8.205  1.00 27.33 ? 155 TYR A CB  1 
ATOM   601  C  CG  . TYR A 1 73  ? -9.642  9.945   -7.234  1.00 33.63 ? 155 TYR A CG  1 
ATOM   602  C  CD1 . TYR A 1 73  ? -9.162  11.219  -7.602  1.00 37.91 ? 155 TYR A CD1 1 
ATOM   603  C  CD2 . TYR A 1 73  ? -10.284 9.705   -6.004  1.00 37.08 ? 155 TYR A CD2 1 
ATOM   604  C  CE1 . TYR A 1 73  ? -9.394  12.304  -6.743  1.00 39.41 ? 155 TYR A CE1 1 
ATOM   605  C  CE2 . TYR A 1 73  ? -10.527 10.792  -5.153  1.00 39.43 ? 155 TYR A CE2 1 
ATOM   606  C  CZ  . TYR A 1 73  ? -10.108 12.077  -5.553  1.00 41.37 ? 155 TYR A CZ  1 
ATOM   607  O  OH  . TYR A 1 73  ? -10.430 13.153  -4.751  1.00 47.51 ? 155 TYR A OH  1 
ATOM   608  N  N   . PRO A 1 74  ? -11.145 7.635   -11.258 1.00 18.83 ? 156 PRO A N   1 
ATOM   609  C  CA  . PRO A 1 74  ? -11.055 6.473   -12.126 1.00 18.15 ? 156 PRO A CA  1 
ATOM   610  C  C   . PRO A 1 74  ? -9.635  6.284   -12.548 1.00 18.78 ? 156 PRO A C   1 
ATOM   611  O  O   . PRO A 1 74  ? -8.877  7.239   -12.656 1.00 19.39 ? 156 PRO A O   1 
ATOM   612  C  CB  . PRO A 1 74  ? -11.987 6.823   -13.281 1.00 16.90 ? 156 PRO A CB  1 
ATOM   613  C  CG  . PRO A 1 74  ? -12.034 8.342   -13.319 1.00 18.66 ? 156 PRO A CG  1 
ATOM   614  C  CD  . PRO A 1 74  ? -11.906 8.733   -11.853 1.00 20.00 ? 156 PRO A CD  1 
ATOM   615  N  N   . PHE A 1 75  ? -9.304  5.006   -12.750 1.00 17.30 ? 157 PHE A N   1 
ATOM   616  C  CA  . PHE A 1 75  ? -8.035  4.698   -13.374 1.00 16.15 ? 157 PHE A CA  1 
ATOM   617  C  C   . PHE A 1 75  ? -8.044  5.079   -14.856 1.00 16.78 ? 157 PHE A C   1 
ATOM   618  O  O   . PHE A 1 75  ? -9.069  5.414   -15.440 1.00 16.03 ? 157 PHE A O   1 
ATOM   619  C  CB  . PHE A 1 75  ? -7.695  3.218   -13.135 1.00 15.50 ? 157 PHE A CB  1 
ATOM   620  C  CG  . PHE A 1 75  ? -7.271  2.942   -11.703 1.00 11.51 ? 157 PHE A CG  1 
ATOM   621  C  CD1 . PHE A 1 75  ? -6.275  3.736   -11.092 1.00 10.81 ? 157 PHE A CD1 1 
ATOM   622  C  CD2 . PHE A 1 75  ? -7.874  1.870   -11.016 1.00 9.41  ? 157 PHE A CD2 1 
ATOM   623  C  CE1 . PHE A 1 75  ? -5.897  3.465   -9.768  1.00 12.40 ? 157 PHE A CE1 1 
ATOM   624  C  CE2 . PHE A 1 75  ? -7.501  1.602   -9.687  1.00 11.72 ? 157 PHE A CE2 1 
ATOM   625  C  CZ  . PHE A 1 75  ? -6.517  2.406   -9.074  1.00 11.99 ? 157 PHE A CZ  1 
ATOM   626  N  N   . ASP A 1 76  ? -6.809  5.038   -15.380 1.00 14.87 ? 158 ASP A N   1 
ATOM   627  C  CA  . ASP A 1 76  ? -6.513  5.754   -16.612 1.00 15.78 ? 158 ASP A CA  1 
ATOM   628  C  C   . ASP A 1 76  ? -5.858  4.908   -17.707 1.00 14.67 ? 158 ASP A C   1 
ATOM   629  O  O   . ASP A 1 76  ? -5.072  5.406   -18.493 1.00 16.13 ? 158 ASP A O   1 
ATOM   630  C  CB  . ASP A 1 76  ? -5.661  6.998   -16.247 1.00 15.48 ? 158 ASP A CB  1 
ATOM   631  C  CG  . ASP A 1 76  ? -4.379  6.639   -15.489 1.00 19.33 ? 158 ASP A CG  1 
ATOM   632  O  OD1 . ASP A 1 76  ? -4.067  5.457   -15.364 1.00 15.86 ? 158 ASP A OD1 1 
ATOM   633  O  OD2 . ASP A 1 76  ? -3.686  7.538   -15.007 1.00 22.06 ? 158 ASP A OD2 1 
ATOM   634  N  N   . GLY A 1 77  ? -6.153  3.593   -17.696 1.00 11.64 ? 159 GLY A N   1 
ATOM   635  C  CA  . GLY A 1 77  ? -5.489  2.756   -18.704 1.00 11.15 ? 159 GLY A CA  1 
ATOM   636  C  C   . GLY A 1 77  ? -4.050  2.458   -18.346 1.00 12.96 ? 159 GLY A C   1 
ATOM   637  O  O   . GLY A 1 77  ? -3.595  2.772   -17.265 1.00 13.57 ? 159 GLY A O   1 
ATOM   638  N  N   . PRO A 1 78  ? -3.313  1.821   -19.271 1.00 12.46 ? 160 PRO A N   1 
ATOM   639  C  CA  . PRO A 1 78  ? -1.905  1.494   -18.982 1.00 12.66 ? 160 PRO A CA  1 
ATOM   640  C  C   . PRO A 1 78  ? -1.003  2.701   -18.763 1.00 12.74 ? 160 PRO A C   1 
ATOM   641  O  O   . PRO A 1 78  ? -1.141  3.727   -19.401 1.00 14.51 ? 160 PRO A O   1 
ATOM   642  C  CB  . PRO A 1 78  ? -1.490  0.698   -20.207 1.00 13.71 ? 160 PRO A CB  1 
ATOM   643  C  CG  . PRO A 1 78  ? -2.783  0.260   -20.895 1.00 14.85 ? 160 PRO A CG  1 
ATOM   644  C  CD  . PRO A 1 78  ? -3.771  1.363   -20.568 1.00 13.48 ? 160 PRO A CD  1 
ATOM   645  N  N   . GLY A 1 79  ? -0.061  2.536   -17.813 1.00 13.91 ? 161 GLY A N   1 
ATOM   646  C  CA  . GLY A 1 79  ? 0.857   3.623   -17.466 1.00 14.36 ? 161 GLY A CA  1 
ATOM   647  C  C   . GLY A 1 79  ? 0.255   4.660   -16.541 1.00 15.74 ? 161 GLY A C   1 
ATOM   648  O  O   . GLY A 1 79  ? -0.858  4.507   -16.075 1.00 15.89 ? 161 GLY A O   1 
ATOM   649  N  N   . ASN A 1 80  ? 1.041   5.727   -16.290 1.00 16.29 ? 162 ASN A N   1 
ATOM   650  C  CA  . ASN A 1 80  ? 0.575   6.802   -15.399 1.00 18.92 ? 162 ASN A CA  1 
ATOM   651  C  C   . ASN A 1 80  ? 0.271   6.344   -13.960 1.00 17.37 ? 162 ASN A C   1 
ATOM   652  O  O   . ASN A 1 80  ? 1.157   5.778   -13.326 1.00 19.36 ? 162 ASN A O   1 
ATOM   653  C  CB  . ASN A 1 80  ? -0.544  7.655   -16.038 1.00 23.09 ? 162 ASN A CB  1 
ATOM   654  C  CG  . ASN A 1 80  ? -0.120  8.325   -17.341 1.00 31.49 ? 162 ASN A CG  1 
ATOM   655  O  OD1 . ASN A 1 80  ? 0.901   8.991   -17.467 1.00 36.74 ? 162 ASN A OD1 1 
ATOM   656  N  ND2 . ASN A 1 80  ? -1.011  8.150   -18.332 1.00 32.16 ? 162 ASN A ND2 1 
ATOM   657  N  N   . VAL A 1 81  ? -0.972  6.588   -13.461 1.00 14.29 ? 163 VAL A N   1 
ATOM   658  C  CA  . VAL A 1 81  ? -1.336  6.104   -12.123 1.00 14.24 ? 163 VAL A CA  1 
ATOM   659  C  C   . VAL A 1 81  ? -1.444  4.608   -12.108 1.00 12.90 ? 163 VAL A C   1 
ATOM   660  O  O   . VAL A 1 81  ? -2.226  4.025   -12.831 1.00 13.00 ? 163 VAL A O   1 
ATOM   661  C  CB  . VAL A 1 81  ? -2.671  6.680   -11.655 1.00 13.76 ? 163 VAL A CB  1 
ATOM   662  C  CG1 . VAL A 1 81  ? -3.110  6.214   -10.254 1.00 12.34 ? 163 VAL A CG1 1 
ATOM   663  C  CG2 . VAL A 1 81  ? -2.603  8.197   -11.723 1.00 16.62 ? 163 VAL A CG2 1 
ATOM   664  N  N   . LEU A 1 82  ? -0.622  4.021   -11.242 1.00 14.54 ? 164 LEU A N   1 
ATOM   665  C  CA  . LEU A 1 82  ? -0.592  2.568   -11.118 1.00 12.11 ? 164 LEU A CA  1 
ATOM   666  C  C   . LEU A 1 82  ? -1.553  2.039   -10.091 1.00 13.33 ? 164 LEU A C   1 
ATOM   667  O  O   . LEU A 1 82  ? -2.035  0.925   -10.222 1.00 13.99 ? 164 LEU A O   1 
ATOM   668  C  CB  . LEU A 1 82  ? 0.805   2.069   -10.754 1.00 13.00 ? 164 LEU A CB  1 
ATOM   669  C  CG  . LEU A 1 82  ? 1.930   2.695   -11.586 1.00 12.74 ? 164 LEU A CG  1 
ATOM   670  C  CD1 . LEU A 1 82  ? 3.299   2.251   -11.078 1.00 10.57 ? 164 LEU A CD1 1 
ATOM   671  C  CD2 . LEU A 1 82  ? 1.764   2.418   -13.081 1.00 13.07 ? 164 LEU A CD2 1 
ATOM   672  N  N   . ALA A 1 83  ? -1.787  2.877   -9.060  1.00 12.52 ? 165 ALA A N   1 
ATOM   673  C  CA  . ALA A 1 83  ? -2.602  2.480   -7.917  1.00 12.05 ? 165 ALA A CA  1 
ATOM   674  C  C   . ALA A 1 83  ? -2.909  3.708   -7.104  1.00 12.73 ? 165 ALA A C   1 
ATOM   675  O  O   . ALA A 1 83  ? -2.325  4.750   -7.339  1.00 13.60 ? 165 ALA A O   1 
ATOM   676  C  CB  . ALA A 1 83  ? -1.828  1.526   -7.006  1.00 12.71 ? 165 ALA A CB  1 
ATOM   677  N  N   . HIS A 1 84  ? -3.826  3.536   -6.136  1.00 12.22 ? 166 HIS A N   1 
ATOM   678  C  CA  . HIS A 1 84  ? -4.037  4.577   -5.129  1.00 11.38 ? 166 HIS A CA  1 
ATOM   679  C  C   . HIS A 1 84  ? -4.692  4.035   -3.870  1.00 11.57 ? 166 HIS A C   1 
ATOM   680  O  O   . HIS A 1 84  ? -5.281  2.967   -3.876  1.00 11.20 ? 166 HIS A O   1 
ATOM   681  C  CB  . HIS A 1 84  ? -4.794  5.803   -5.667  1.00 10.97 ? 166 HIS A CB  1 
ATOM   682  C  CG  . HIS A 1 84  ? -6.177  5.528   -6.212  1.00 9.72  ? 166 HIS A CG  1 
ATOM   683  N  ND1 . HIS A 1 84  ? -6.604  6.066   -7.364  1.00 11.50 ? 166 HIS A ND1 1 
ATOM   684  C  CD2 . HIS A 1 84  ? -7.205  4.767   -5.669  1.00 11.76 ? 166 HIS A CD2 1 
ATOM   685  C  CE1 . HIS A 1 84  ? -7.892  5.675   -7.582  1.00 9.92  ? 166 HIS A CE1 1 
ATOM   686  N  NE2 . HIS A 1 84  ? -8.240  4.879   -6.536  1.00 10.98 ? 166 HIS A NE2 1 
ATOM   687  N  N   . ALA A 1 85  ? -4.565  4.833   -2.802  1.00 11.09 ? 167 ALA A N   1 
ATOM   688  C  CA  . ALA A 1 85  ? -5.067  4.394   -1.508  1.00 10.67 ? 167 ALA A CA  1 
ATOM   689  C  C   . ALA A 1 85  ? -5.541  5.578   -0.698  1.00 10.95 ? 167 ALA A C   1 
ATOM   690  O  O   . ALA A 1 85  ? -5.160  6.704   -0.960  1.00 13.70 ? 167 ALA A O   1 
ATOM   691  C  CB  . ALA A 1 85  ? -3.970  3.629   -0.740  1.00 9.82  ? 167 ALA A CB  1 
ATOM   692  N  N   . TYR A 1 86  ? -6.410  5.288   0.276   1.00 11.70 ? 168 TYR A N   1 
ATOM   693  C  CA  . TYR A 1 86  ? -7.044  6.384   1.014   1.00 11.01 ? 168 TYR A CA  1 
ATOM   694  C  C   . TYR A 1 86  ? -6.538  6.382   2.445   1.00 12.77 ? 168 TYR A C   1 
ATOM   695  O  O   . TYR A 1 86  ? -6.218  5.330   2.969   1.00 13.16 ? 168 TYR A O   1 
ATOM   696  C  CB  . TYR A 1 86  ? -8.573  6.212   1.011   1.00 12.59 ? 168 TYR A CB  1 
ATOM   697  C  CG  . TYR A 1 86  ? -9.177  6.341   -0.377  1.00 17.58 ? 168 TYR A CG  1 
ATOM   698  C  CD1 . TYR A 1 86  ? -9.232  5.233   -1.262  1.00 18.01 ? 168 TYR A CD1 1 
ATOM   699  C  CD2 . TYR A 1 86  ? -9.651  7.608   -0.763  1.00 19.57 ? 168 TYR A CD2 1 
ATOM   700  C  CE1 . TYR A 1 86  ? -9.664  5.429   -2.584  1.00 17.28 ? 168 TYR A CE1 1 
ATOM   701  C  CE2 . TYR A 1 86  ? -10.087 7.804   -2.086  1.00 18.85 ? 168 TYR A CE2 1 
ATOM   702  C  CZ  . TYR A 1 86  ? -10.050 6.725   -2.987  1.00 17.40 ? 168 TYR A CZ  1 
ATOM   703  O  OH  . TYR A 1 86  ? -10.401 6.968   -4.291  1.00 16.74 ? 168 TYR A OH  1 
ATOM   704  N  N   . ALA A 1 87  ? -6.495  7.599   3.048   1.00 12.37 ? 169 ALA A N   1 
ATOM   705  C  CA  . ALA A 1 87  ? -6.037  7.796   4.437   1.00 12.03 ? 169 ALA A CA  1 
ATOM   706  C  C   . ALA A 1 87  ? -6.954  7.113   5.443   1.00 11.61 ? 169 ALA A C   1 
ATOM   707  O  O   . ALA A 1 87  ? -8.089  6.795   5.106   1.00 11.34 ? 169 ALA A O   1 
ATOM   708  C  CB  . ALA A 1 87  ? -5.973  9.308   4.699   1.00 12.25 ? 169 ALA A CB  1 
ATOM   709  N  N   . PRO A 1 88  ? -6.458  6.847   6.683   1.00 10.56 ? 170 PRO A N   1 
ATOM   710  C  CA  . PRO A 1 88  ? -7.287  6.153   7.675   1.00 9.88  ? 170 PRO A CA  1 
ATOM   711  C  C   . PRO A 1 88  ? -8.656  6.762   7.903   1.00 11.10 ? 170 PRO A C   1 
ATOM   712  O  O   . PRO A 1 88  ? -8.836  7.964   7.862   1.00 13.48 ? 170 PRO A O   1 
ATOM   713  C  CB  . PRO A 1 88  ? -6.430  6.229   8.931   1.00 11.06 ? 170 PRO A CB  1 
ATOM   714  C  CG  . PRO A 1 88  ? -4.985  6.301   8.448   1.00 9.82  ? 170 PRO A CG  1 
ATOM   715  C  CD  . PRO A 1 88  ? -5.107  7.119   7.177   1.00 10.58 ? 170 PRO A CD  1 
ATOM   716  N  N   . GLY A 1 89  ? -9.618  5.858   8.149   1.00 11.59 ? 171 GLY A N   1 
ATOM   717  C  CA  . GLY A 1 89  ? -10.990 6.312   8.427   1.00 11.68 ? 171 GLY A CA  1 
ATOM   718  C  C   . GLY A 1 89  ? -11.929 5.179   8.040   1.00 13.21 ? 171 GLY A C   1 
ATOM   719  O  O   . GLY A 1 89  ? -11.453 4.114   7.698   1.00 12.47 ? 171 GLY A O   1 
ATOM   720  N  N   . PRO A 1 90  ? -13.265 5.446   8.102   1.00 13.01 ? 172 PRO A N   1 
ATOM   721  C  CA  . PRO A 1 90  ? -14.270 4.400   7.804   1.00 11.71 ? 172 PRO A CA  1 
ATOM   722  C  C   . PRO A 1 90  ? -14.590 4.295   6.311   1.00 13.44 ? 172 PRO A C   1 
ATOM   723  O  O   . PRO A 1 90  ? -14.353 5.226   5.556   1.00 15.24 ? 172 PRO A O   1 
ATOM   724  C  CB  . PRO A 1 90  ? -15.468 4.936   8.593   1.00 11.89 ? 172 PRO A CB  1 
ATOM   725  C  CG  . PRO A 1 90  ? -15.378 6.461   8.447   1.00 10.57 ? 172 PRO A CG  1 
ATOM   726  C  CD  . PRO A 1 90  ? -13.867 6.717   8.502   1.00 10.77 ? 172 PRO A CD  1 
ATOM   727  N  N   . GLY A 1 91  ? -15.213 3.157   5.895   1.00 13.35 ? 173 GLY A N   1 
ATOM   728  C  CA  . GLY A 1 91  ? -15.659 3.151   4.492   1.00 12.13 ? 173 GLY A CA  1 
ATOM   729  C  C   . GLY A 1 91  ? -14.517 3.006   3.488   1.00 13.55 ? 173 GLY A C   1 
ATOM   730  O  O   . GLY A 1 91  ? -13.652 2.168   3.673   1.00 13.45 ? 173 GLY A O   1 
ATOM   731  N  N   . ILE A 1 92  ? -14.535 3.862   2.440   1.00 13.07 ? 174 ILE A N   1 
ATOM   732  C  CA  . ILE A 1 92  ? -13.417 3.829   1.483   1.00 14.07 ? 174 ILE A CA  1 
ATOM   733  C  C   . ILE A 1 92  ? -12.046 4.228   2.031   1.00 14.56 ? 174 ILE A C   1 
ATOM   734  O  O   . ILE A 1 92  ? -11.001 3.915   1.468   1.00 15.84 ? 174 ILE A O   1 
ATOM   735  C  CB  . ILE A 1 92  ? -13.746 4.608   0.199   1.00 14.26 ? 174 ILE A CB  1 
ATOM   736  C  CG1 . ILE A 1 92  ? -12.775 4.247   -0.932  1.00 15.12 ? 174 ILE A CG1 1 
ATOM   737  C  CG2 . ILE A 1 92  ? -13.731 6.121   0.434   1.00 17.44 ? 174 ILE A CG2 1 
ATOM   738  C  CD1 . ILE A 1 92  ? -13.238 4.799   -2.265  1.00 18.01 ? 174 ILE A CD1 1 
ATOM   739  N  N   . ASN A 1 93  ? -12.096 4.925   3.183   1.00 11.31 ? 175 ASN A N   1 
ATOM   740  C  CA  . ASN A 1 93  ? -10.819 5.244   3.808   1.00 10.46 ? 175 ASN A CA  1 
ATOM   741  C  C   . ASN A 1 93  ? -10.058 4.017   4.275   1.00 9.48  ? 175 ASN A C   1 
ATOM   742  O  O   . ASN A 1 93  ? -10.640 3.047   4.723   1.00 9.76  ? 175 ASN A O   1 
ATOM   743  C  CB  . ASN A 1 93  ? -11.058 6.218   4.938   1.00 14.57 ? 175 ASN A CB  1 
ATOM   744  C  CG  . ASN A 1 93  ? -11.507 7.549   4.394   1.00 17.74 ? 175 ASN A CG  1 
ATOM   745  O  OD1 . ASN A 1 93  ? -10.724 8.334   3.872   1.00 24.22 ? 175 ASN A OD1 1 
ATOM   746  N  ND2 . ASN A 1 93  ? -12.811 7.777   4.555   1.00 19.66 ? 175 ASN A ND2 1 
ATOM   747  N  N   . GLY A 1 94  ? -8.737  4.067   4.097   1.00 9.51  ? 176 GLY A N   1 
ATOM   748  C  CA  . GLY A 1 94  ? -7.974  2.851   4.334   1.00 9.81  ? 176 GLY A CA  1 
ATOM   749  C  C   . GLY A 1 94  ? -7.776  1.917   3.143   1.00 11.43 ? 176 GLY A C   1 
ATOM   750  O  O   . GLY A 1 94  ? -6.859  1.108   3.132   1.00 11.67 ? 176 GLY A O   1 
ATOM   751  N  N   . ASP A 1 95  ? -8.673  2.040   2.143   1.00 11.38 ? 177 ASP A N   1 
ATOM   752  C  CA  . ASP A 1 95  ? -8.643  1.052   1.066   1.00 11.17 ? 177 ASP A CA  1 
ATOM   753  C  C   . ASP A 1 95  ? -7.572  1.340   0.042   1.00 12.04 ? 177 ASP A C   1 
ATOM   754  O  O   . ASP A 1 95  ? -7.114  2.465   -0.088  1.00 12.18 ? 177 ASP A O   1 
ATOM   755  C  CB  . ASP A 1 95  ? -10.004 0.947   0.364   1.00 8.90  ? 177 ASP A CB  1 
ATOM   756  C  CG  . ASP A 1 95  ? -11.095 0.544   1.328   1.00 11.37 ? 177 ASP A CG  1 
ATOM   757  O  OD1 . ASP A 1 95  ? -10.811 0.177   2.449   1.00 13.72 ? 177 ASP A OD1 1 
ATOM   758  O  OD2 . ASP A 1 95  ? -12.253 0.574   0.951   1.00 9.91  ? 177 ASP A OD2 1 
ATOM   759  N  N   . ALA A 1 96  ? -7.207  0.256   -0.678  1.00 10.98 ? 178 ALA A N   1 
ATOM   760  C  CA  . ALA A 1 96  ? -6.204  0.402   -1.725  1.00 9.70  ? 178 ALA A CA  1 
ATOM   761  C  C   . ALA A 1 96  ? -6.671  -0.296  -2.984  1.00 8.81  ? 178 ALA A C   1 
ATOM   762  O  O   . ALA A 1 96  ? -7.115  -1.430  -2.945  1.00 8.46  ? 178 ALA A O   1 
ATOM   763  C  CB  . ALA A 1 96  ? -4.865  -0.178  -1.243  1.00 7.94  ? 178 ALA A CB  1 
ATOM   764  N  N   . HIS A 1 97  ? -6.569  0.448   -4.093  1.00 9.60  ? 179 HIS A N   1 
ATOM   765  C  CA  . HIS A 1 97  ? -7.004  -0.087  -5.387  1.00 12.17 ? 179 HIS A CA  1 
ATOM   766  C  C   . HIS A 1 97  ? -5.843  -0.110  -6.350  1.00 12.63 ? 179 HIS A C   1 
ATOM   767  O  O   . HIS A 1 97  ? -5.104  0.858   -6.411  1.00 15.33 ? 179 HIS A O   1 
ATOM   768  C  CB  . HIS A 1 97  ? -8.056  0.804   -6.037  1.00 12.39 ? 179 HIS A CB  1 
ATOM   769  C  CG  . HIS A 1 97  ? -9.213  1.014   -5.106  1.00 14.67 ? 179 HIS A CG  1 
ATOM   770  N  ND1 . HIS A 1 97  ? -9.874  2.170   -4.994  1.00 15.44 ? 179 HIS A ND1 1 
ATOM   771  C  CD2 . HIS A 1 97  ? -9.794  0.100   -4.245  1.00 16.43 ? 179 HIS A CD2 1 
ATOM   772  C  CE1 . HIS A 1 97  ? -10.866 2.015   -4.072  1.00 13.93 ? 179 HIS A CE1 1 
ATOM   773  N  NE2 . HIS A 1 97  ? -10.808 0.736   -3.613  1.00 14.32 ? 179 HIS A NE2 1 
ATOM   774  N  N   . PHE A 1 98  ? -5.722  -1.226  -7.088  1.00 11.00 ? 180 PHE A N   1 
ATOM   775  C  CA  . PHE A 1 98  ? -4.635  -1.362  -8.046  1.00 9.73  ? 180 PHE A CA  1 
ATOM   776  C  C   . PHE A 1 98  ? -5.226  -1.378  -9.433  1.00 8.16  ? 180 PHE A C   1 
ATOM   777  O  O   . PHE A 1 98  ? -6.228  -2.033  -9.693  1.00 7.04  ? 180 PHE A O   1 
ATOM   778  C  CB  . PHE A 1 98  ? -3.845  -2.656  -7.821  1.00 9.77  ? 180 PHE A CB  1 
ATOM   779  C  CG  . PHE A 1 98  ? -3.141  -2.651  -6.485  1.00 10.47 ? 180 PHE A CG  1 
ATOM   780  C  CD1 . PHE A 1 98  ? -3.853  -2.990  -5.314  1.00 11.35 ? 180 PHE A CD1 1 
ATOM   781  C  CD2 . PHE A 1 98  ? -1.777  -2.297  -6.424  1.00 13.25 ? 180 PHE A CD2 1 
ATOM   782  C  CE1 . PHE A 1 98  ? -3.206  -2.930  -4.069  1.00 11.27 ? 180 PHE A CE1 1 
ATOM   783  C  CE2 . PHE A 1 98  ? -1.122  -2.254  -5.180  1.00 13.39 ? 180 PHE A CE2 1 
ATOM   784  C  CZ  . PHE A 1 98  ? -1.852  -2.557  -4.011  1.00 12.52 ? 180 PHE A CZ  1 
ATOM   785  N  N   . ASP A 1 99  ? -4.556  -0.625  -10.304 1.00 8.53  ? 181 ASP A N   1 
ATOM   786  C  CA  . ASP A 1 99  ? -4.970  -0.566  -11.708 1.00 8.69  ? 181 ASP A CA  1 
ATOM   787  C  C   . ASP A 1 99  ? -4.594  -1.828  -12.477 1.00 9.66  ? 181 ASP A C   1 
ATOM   788  O  O   . ASP A 1 99  ? -3.431  -2.081  -12.737 1.00 11.49 ? 181 ASP A O   1 
ATOM   789  C  CB  . ASP A 1 99  ? -4.342  0.673   -12.373 1.00 7.45  ? 181 ASP A CB  1 
ATOM   790  C  CG  . ASP A 1 99  ? -4.986  1.010   -13.714 1.00 13.10 ? 181 ASP A CG  1 
ATOM   791  O  OD1 . ASP A 1 99  ? -5.678  0.184   -14.299 1.00 13.43 ? 181 ASP A OD1 1 
ATOM   792  O  OD2 . ASP A 1 99  ? -4.801  2.122   -14.175 1.00 13.73 ? 181 ASP A OD2 1 
ATOM   793  N  N   . ASP A 1 100 ? -5.628  -2.597  -12.857 1.00 9.91  ? 182 ASP A N   1 
ATOM   794  C  CA  . ASP A 1 100 ? -5.392  -3.825  -13.601 1.00 8.74  ? 182 ASP A CA  1 
ATOM   795  C  C   . ASP A 1 100 ? -5.243  -3.653  -15.108 1.00 10.75 ? 182 ASP A C   1 
ATOM   796  O  O   . ASP A 1 100 ? -5.302  -4.577  -15.906 1.00 11.15 ? 182 ASP A O   1 
ATOM   797  C  CB  . ASP A 1 100 ? -6.506  -4.808  -13.256 1.00 9.14  ? 182 ASP A CB  1 
ATOM   798  C  CG  . ASP A 1 100 ? -5.914  -6.133  -12.837 1.00 12.86 ? 182 ASP A CG  1 
ATOM   799  O  OD1 . ASP A 1 100 ? -4.774  -6.412  -13.188 1.00 12.90 ? 182 ASP A OD1 1 
ATOM   800  O  OD2 . ASP A 1 100 ? -6.598  -6.882  -12.134 1.00 12.34 ? 182 ASP A OD2 1 
ATOM   801  N  N   . ASP A 1 101 ? -5.041  -2.388  -15.502 1.00 10.22 ? 183 ASP A N   1 
ATOM   802  C  CA  . ASP A 1 101 ? -4.503  -2.231  -16.843 1.00 10.67 ? 183 ASP A CA  1 
ATOM   803  C  C   . ASP A 1 101 ? -2.986  -2.146  -16.857 1.00 11.54 ? 183 ASP A C   1 
ATOM   804  O  O   . ASP A 1 101 ? -2.384  -2.098  -17.920 1.00 12.32 ? 183 ASP A O   1 
ATOM   805  C  CB  . ASP A 1 101 ? -5.121  -1.031  -17.581 1.00 12.20 ? 183 ASP A CB  1 
ATOM   806  C  CG  . ASP A 1 101 ? -6.524  -1.312  -18.152 1.00 13.43 ? 183 ASP A CG  1 
ATOM   807  O  OD1 . ASP A 1 101 ? -6.847  -2.430  -18.623 1.00 16.07 ? 183 ASP A OD1 1 
ATOM   808  O  OD2 . ASP A 1 101 ? -7.321  -0.383  -18.132 1.00 12.71 ? 183 ASP A OD2 1 
ATOM   809  N  N   . GLU A 1 102 ? -2.395  -2.178  -15.648 1.00 11.86 ? 184 GLU A N   1 
ATOM   810  C  CA  . GLU A 1 102 ? -0.946  -2.436  -15.604 1.00 12.73 ? 184 GLU A CA  1 
ATOM   811  C  C   . GLU A 1 102 ? -0.654  -3.910  -15.702 1.00 15.68 ? 184 GLU A C   1 
ATOM   812  O  O   . GLU A 1 102 ? -1.511  -4.719  -15.399 1.00 17.26 ? 184 GLU A O   1 
ATOM   813  C  CB  . GLU A 1 102 ? -0.299  -1.964  -14.298 1.00 9.21  ? 184 GLU A CB  1 
ATOM   814  C  CG  . GLU A 1 102 ? -0.710  -0.581  -13.803 1.00 9.76  ? 184 GLU A CG  1 
ATOM   815  C  CD  . GLU A 1 102 ? -0.570  0.458   -14.889 1.00 14.51 ? 184 GLU A CD  1 
ATOM   816  O  OE1 . GLU A 1 102 ? 0.389   0.448   -15.654 1.00 17.09 ? 184 GLU A OE1 1 
ATOM   817  O  OE2 . GLU A 1 102 ? -1.443  1.298   -14.962 1.00 12.83 ? 184 GLU A OE2 1 
ATOM   818  N  N   . GLN A 1 103 ? 0.595   -4.235  -16.075 1.00 17.21 ? 185 GLN A N   1 
ATOM   819  C  CA  . GLN A 1 103 ? 0.970   -5.630  -15.926 1.00 18.37 ? 185 GLN A CA  1 
ATOM   820  C  C   . GLN A 1 103 ? 1.783   -5.835  -14.684 1.00 15.12 ? 185 GLN A C   1 
ATOM   821  O  O   . GLN A 1 103 ? 2.933   -5.439  -14.606 1.00 14.74 ? 185 GLN A O   1 
ATOM   822  C  CB  . GLN A 1 103 ? 1.738   -6.105  -17.149 1.00 26.75 ? 185 GLN A CB  1 
ATOM   823  C  CG  . GLN A 1 103 ? 1.568   -7.622  -17.259 1.00 39.44 ? 185 GLN A CG  1 
ATOM   824  C  CD  . GLN A 1 103 ? 2.718   -8.337  -17.993 1.00 48.64 ? 185 GLN A CD  1 
ATOM   825  O  OE1 . GLN A 1 103 ? 2.819   -9.572  -18.002 1.00 51.46 ? 185 GLN A OE1 1 
ATOM   826  N  NE2 . GLN A 1 103 ? 3.621   -7.526  -18.606 1.00 52.34 ? 185 GLN A NE2 1 
ATOM   827  N  N   . TRP A 1 104 ? 1.138   -6.461  -13.702 1.00 12.61 ? 186 TRP A N   1 
ATOM   828  C  CA  . TRP A 1 104 ? 1.793   -6.667  -12.417 1.00 10.92 ? 186 TRP A CA  1 
ATOM   829  C  C   . TRP A 1 104 ? 2.831   -7.770  -12.452 1.00 12.56 ? 186 TRP A C   1 
ATOM   830  O  O   . TRP A 1 104 ? 2.619   -8.819  -13.050 1.00 15.20 ? 186 TRP A O   1 
ATOM   831  C  CB  . TRP A 1 104 ? 0.723   -6.965  -11.372 1.00 8.04  ? 186 TRP A CB  1 
ATOM   832  C  CG  . TRP A 1 104 ? -0.133  -5.734  -11.245 1.00 8.53  ? 186 TRP A CG  1 
ATOM   833  C  CD1 . TRP A 1 104 ? -1.439  -5.551  -11.729 1.00 8.80  ? 186 TRP A CD1 1 
ATOM   834  C  CD2 . TRP A 1 104 ? 0.237   -4.475  -10.657 1.00 9.58  ? 186 TRP A CD2 1 
ATOM   835  N  NE1 . TRP A 1 104 ? -1.890  -4.287  -11.462 1.00 9.19  ? 186 TRP A NE1 1 
ATOM   836  C  CE2 . TRP A 1 104 ? -0.895  -3.595  -10.782 1.00 8.21  ? 186 TRP A CE2 1 
ATOM   837  C  CE3 . TRP A 1 104 ? 1.398   -4.033  -9.984  1.00 8.37  ? 186 TRP A CE3 1 
ATOM   838  C  CZ2 . TRP A 1 104 ? -0.822  -2.279  -10.295 1.00 6.91  ? 186 TRP A CZ2 1 
ATOM   839  C  CZ3 . TRP A 1 104 ? 1.444   -2.711  -9.494  1.00 10.09 ? 186 TRP A CZ3 1 
ATOM   840  C  CH2 . TRP A 1 104 ? 0.340   -1.843  -9.634  1.00 8.78  ? 186 TRP A CH2 1 
ATOM   841  N  N   . THR A 1 105 ? 3.976   -7.477  -11.795 1.00 12.21 ? 187 THR A N   1 
ATOM   842  C  CA  . THR A 1 105 ? 5.043   -8.466  -11.762 1.00 12.52 ? 187 THR A CA  1 
ATOM   843  C  C   . THR A 1 105 ? 5.550   -8.712  -10.348 1.00 14.15 ? 187 THR A C   1 
ATOM   844  O  O   . THR A 1 105 ? 5.330   -7.940  -9.431  1.00 14.19 ? 187 THR A O   1 
ATOM   845  C  CB  . THR A 1 105 ? 6.201   -8.076  -12.695 1.00 12.96 ? 187 THR A CB  1 
ATOM   846  O  OG1 . THR A 1 105 ? 6.871   -6.924  -12.182 1.00 17.25 ? 187 THR A OG1 1 
ATOM   847  C  CG2 . THR A 1 105 ? 5.758   -7.805  -14.135 1.00 14.53 ? 187 THR A CG2 1 
ATOM   848  N  N   . LYS A 1 106 ? 6.271   -9.836  -10.256 1.00 16.59 ? 188 LYS A N   1 
ATOM   849  C  CA  . LYS A 1 106 ? 7.095   -10.220 -9.118  1.00 20.35 ? 188 LYS A CA  1 
ATOM   850  C  C   . LYS A 1 106 ? 8.580   -9.852  -9.257  1.00 20.21 ? 188 LYS A C   1 
ATOM   851  O  O   . LYS A 1 106 ? 9.368   -9.987  -8.338  1.00 21.92 ? 188 LYS A O   1 
ATOM   852  C  CB  . LYS A 1 106 ? 6.903   -11.724 -8.997  1.00 24.11 ? 188 LYS A CB  1 
ATOM   853  C  CG  . LYS A 1 106 ? 7.294   -12.315 -7.662  1.00 34.30 ? 188 LYS A CG  1 
ATOM   854  C  CD  . LYS A 1 106 ? 6.948   -13.807 -7.578  1.00 39.39 ? 188 LYS A CD  1 
ATOM   855  C  CE  . LYS A 1 106 ? 7.858   -14.700 -8.422  1.00 44.09 ? 188 LYS A CE  1 
ATOM   856  N  NZ  . LYS A 1 106 ? 9.250   -14.498 -7.999  1.00 48.76 ? 188 LYS A NZ  1 
ATOM   857  N  N   . ASP A 1 107 ? 8.938   -9.392  -10.460 1.00 22.07 ? 189 ASP A N   1 
ATOM   858  C  CA  . ASP A 1 107 ? 10.347  -9.222  -10.792 1.00 25.18 ? 189 ASP A CA  1 
ATOM   859  C  C   . ASP A 1 107 ? 10.786  -7.772  -10.805 1.00 24.89 ? 189 ASP A C   1 
ATOM   860  O  O   . ASP A 1 107 ? 10.008  -6.853  -10.581 1.00 23.00 ? 189 ASP A O   1 
ATOM   861  C  CB  . ASP A 1 107 ? 10.682  -9.989  -12.101 1.00 28.55 ? 189 ASP A CB  1 
ATOM   862  C  CG  . ASP A 1 107 ? 9.853   -9.597  -13.332 1.00 30.41 ? 189 ASP A CG  1 
ATOM   863  O  OD1 . ASP A 1 107 ? 9.710   -8.404  -13.611 1.00 29.69 ? 189 ASP A OD1 1 
ATOM   864  O  OD2 . ASP A 1 107 ? 9.350   -10.499 -14.019 1.00 35.92 ? 189 ASP A OD2 1 
ATOM   865  N  N   . THR A 1 108 ? 12.087  -7.590  -11.074 1.00 27.58 ? 190 THR A N   1 
ATOM   866  C  CA  . THR A 1 108 ? 12.528  -6.209  -11.053 1.00 31.47 ? 190 THR A CA  1 
ATOM   867  C  C   . THR A 1 108 ? 12.324  -5.456  -12.357 1.00 34.47 ? 190 THR A C   1 
ATOM   868  O  O   . THR A 1 108 ? 12.779  -4.330  -12.503 1.00 36.82 ? 190 THR A O   1 
ATOM   869  C  CB  . THR A 1 108 ? 13.973  -6.083  -10.523 1.00 31.80 ? 190 THR A CB  1 
ATOM   870  O  OG1 . THR A 1 108 ? 14.964  -6.250  -11.530 1.00 35.03 ? 190 THR A OG1 1 
ATOM   871  C  CG2 . THR A 1 108 ? 14.290  -7.011  -9.354  1.00 34.54 ? 190 THR A CG2 1 
ATOM   872  N  N   . THR A 1 109 ? 11.645  -6.130  -13.311 1.00 35.09 ? 191 THR A N   1 
ATOM   873  C  CA  . THR A 1 109 ? 11.566  -5.524  -14.639 1.00 34.64 ? 191 THR A CA  1 
ATOM   874  C  C   . THR A 1 109 ? 10.290  -4.729  -14.921 1.00 35.76 ? 191 THR A C   1 
ATOM   875  O  O   . THR A 1 109 ? 10.364  -3.635  -15.472 1.00 39.00 ? 191 THR A O   1 
ATOM   876  C  CB  . THR A 1 109 ? 11.980  -6.548  -15.745 1.00 33.80 ? 191 THR A CB  1 
ATOM   877  O  OG1 . THR A 1 109 ? 13.405  -6.731  -15.682 1.00 29.23 ? 191 THR A OG1 1 
ATOM   878  C  CG2 . THR A 1 109 ? 11.647  -6.137  -17.187 1.00 34.38 ? 191 THR A CG2 1 
ATOM   879  N  N   . GLY A 1 110 ? 9.128   -5.273  -14.508 1.00 33.72 ? 192 GLY A N   1 
ATOM   880  C  CA  . GLY A 1 110 ? 7.935   -4.487  -14.858 1.00 30.46 ? 192 GLY A CA  1 
ATOM   881  C  C   . GLY A 1 110 ? 7.432   -3.507  -13.805 1.00 27.76 ? 192 GLY A C   1 
ATOM   882  O  O   . GLY A 1 110 ? 8.197   -2.869  -13.088 1.00 30.17 ? 192 GLY A O   1 
ATOM   883  N  N   . THR A 1 111 ? 6.085   -3.448  -13.717 1.00 22.50 ? 193 THR A N   1 
ATOM   884  C  CA  . THR A 1 111 ? 5.571   -2.798  -12.518 1.00 20.22 ? 193 THR A CA  1 
ATOM   885  C  C   . THR A 1 111 ? 5.352   -3.802  -11.403 1.00 16.33 ? 193 THR A C   1 
ATOM   886  O  O   . THR A 1 111 ? 4.494   -4.662  -11.465 1.00 14.25 ? 193 THR A O   1 
ATOM   887  C  CB  . THR A 1 111 ? 4.336   -1.927  -12.797 1.00 22.86 ? 193 THR A CB  1 
ATOM   888  O  OG1 . THR A 1 111 ? 3.229   -2.724  -13.149 1.00 30.30 ? 193 THR A OG1 1 
ATOM   889  C  CG2 . THR A 1 111 ? 4.588   -0.923  -13.924 1.00 25.48 ? 193 THR A CG2 1 
ATOM   890  N  N   . ASN A 1 112 ? 6.221   -3.666  -10.385 1.00 12.64 ? 194 ASN A N   1 
ATOM   891  C  CA  . ASN A 1 112 ? 6.276   -4.642  -9.307  1.00 12.05 ? 194 ASN A CA  1 
ATOM   892  C  C   . ASN A 1 112 ? 5.193   -4.388  -8.263  1.00 14.15 ? 194 ASN A C   1 
ATOM   893  O  O   . ASN A 1 112 ? 5.031   -3.293  -7.745  1.00 16.97 ? 194 ASN A O   1 
ATOM   894  C  CB  . ASN A 1 112 ? 7.724   -4.627  -8.767  1.00 10.86 ? 194 ASN A CB  1 
ATOM   895  C  CG  . ASN A 1 112 ? 7.935   -5.598  -7.641  1.00 11.86 ? 194 ASN A CG  1 
ATOM   896  O  OD1 . ASN A 1 112 ? 7.531   -5.338  -6.523  1.00 12.55 ? 194 ASN A OD1 1 
ATOM   897  N  ND2 . ASN A 1 112 ? 8.568   -6.734  -7.971  1.00 14.41 ? 194 ASN A ND2 1 
ATOM   898  N  N   . LEU A 1 113 ? 4.438   -5.472  -7.993  1.00 13.08 ? 195 LEU A N   1 
ATOM   899  C  CA  . LEU A 1 113 ? 3.296   -5.390  -7.090  1.00 12.29 ? 195 LEU A CA  1 
ATOM   900  C  C   . LEU A 1 113 ? 3.637   -5.153  -5.632  1.00 12.74 ? 195 LEU A C   1 
ATOM   901  O  O   . LEU A 1 113 ? 2.959   -4.401  -4.955  1.00 13.07 ? 195 LEU A O   1 
ATOM   902  C  CB  . LEU A 1 113 ? 2.434   -6.650  -7.268  1.00 11.72 ? 195 LEU A CB  1 
ATOM   903  C  CG  . LEU A 1 113 ? 1.170   -6.709  -6.400  1.00 11.54 ? 195 LEU A CG  1 
ATOM   904  C  CD1 . LEU A 1 113 ? 0.186   -5.576  -6.695  1.00 7.67  ? 195 LEU A CD1 1 
ATOM   905  C  CD2 . LEU A 1 113 ? 0.535   -8.096  -6.476  1.00 11.74 ? 195 LEU A CD2 1 
ATOM   906  N  N   . PHE A 1 114 ? 4.720   -5.819  -5.174  1.00 12.03 ? 196 PHE A N   1 
ATOM   907  C  CA  . PHE A 1 114 ? 5.167   -5.580  -3.806  1.00 12.77 ? 196 PHE A CA  1 
ATOM   908  C  C   . PHE A 1 114 ? 5.555   -4.120  -3.513  1.00 13.82 ? 196 PHE A C   1 
ATOM   909  O  O   . PHE A 1 114 ? 5.118   -3.545  -2.525  1.00 12.98 ? 196 PHE A O   1 
ATOM   910  C  CB  . PHE A 1 114 ? 6.286   -6.580  -3.435  1.00 13.97 ? 196 PHE A CB  1 
ATOM   911  C  CG  . PHE A 1 114 ? 7.053   -6.108  -2.217  1.00 16.68 ? 196 PHE A CG  1 
ATOM   912  C  CD1 . PHE A 1 114 ? 6.459   -6.162  -0.944  1.00 15.93 ? 196 PHE A CD1 1 
ATOM   913  C  CD2 . PHE A 1 114 ? 8.349   -5.562  -2.402  1.00 16.04 ? 196 PHE A CD2 1 
ATOM   914  C  CE1 . PHE A 1 114 ? 7.142   -5.614  0.153   1.00 15.81 ? 196 PHE A CE1 1 
ATOM   915  C  CE2 . PHE A 1 114 ? 9.029   -5.005  -1.304  1.00 16.73 ? 196 PHE A CE2 1 
ATOM   916  C  CZ  . PHE A 1 114 ? 8.406   -5.018  -0.044  1.00 17.51 ? 196 PHE A CZ  1 
ATOM   917  N  N   . LEU A 1 115 ? 6.384   -3.535  -4.410  1.00 14.11 ? 197 LEU A N   1 
ATOM   918  C  CA  . LEU A 1 115 ? 6.822   -2.158  -4.139  1.00 13.86 ? 197 LEU A CA  1 
ATOM   919  C  C   . LEU A 1 115 ? 5.681   -1.168  -4.117  1.00 12.95 ? 197 LEU A C   1 
ATOM   920  O  O   . LEU A 1 115 ? 5.614   -0.303  -3.255  1.00 12.26 ? 197 LEU A O   1 
ATOM   921  C  CB  . LEU A 1 115 ? 7.884   -1.685  -5.142  1.00 14.64 ? 197 LEU A CB  1 
ATOM   922  C  CG  . LEU A 1 115 ? 9.217   -2.438  -5.052  1.00 17.28 ? 197 LEU A CG  1 
ATOM   923  C  CD1 . LEU A 1 115 ? 10.111  -2.136  -6.249  1.00 16.62 ? 197 LEU A CD1 1 
ATOM   924  C  CD2 . LEU A 1 115 ? 9.942   -2.170  -3.728  1.00 15.33 ? 197 LEU A CD2 1 
ATOM   925  N  N   . VAL A 1 116 ? 4.767   -1.354  -5.103  1.00 11.67 ? 198 VAL A N   1 
ATOM   926  C  CA  . VAL A 1 116 ? 3.570   -0.500  -5.132  1.00 12.45 ? 198 VAL A CA  1 
ATOM   927  C  C   . VAL A 1 116 ? 2.629   -0.715  -3.937  1.00 13.31 ? 198 VAL A C   1 
ATOM   928  O  O   . VAL A 1 116 ? 2.143   0.243   -3.361  1.00 14.05 ? 198 VAL A O   1 
ATOM   929  C  CB  . VAL A 1 116 ? 2.836   -0.584  -6.501  1.00 10.90 ? 198 VAL A CB  1 
ATOM   930  C  CG1 . VAL A 1 116 ? 1.538   0.240   -6.559  1.00 9.21  ? 198 VAL A CG1 1 
ATOM   931  C  CG2 . VAL A 1 116 ? 3.767   -0.142  -7.642  1.00 11.55 ? 198 VAL A CG2 1 
ATOM   932  N  N   . ALA A 1 117 ? 2.425   -1.991  -3.554  1.00 12.37 ? 199 ALA A N   1 
ATOM   933  C  CA  . ALA A 1 117 ? 1.587   -2.282  -2.392  1.00 12.29 ? 199 ALA A CA  1 
ATOM   934  C  C   . ALA A 1 117 ? 2.123   -1.725  -1.078  1.00 13.11 ? 199 ALA A C   1 
ATOM   935  O  O   . ALA A 1 117 ? 1.371   -1.217  -0.258  1.00 14.13 ? 199 ALA A O   1 
ATOM   936  C  CB  . ALA A 1 117 ? 1.342   -3.794  -2.242  1.00 8.34  ? 199 ALA A CB  1 
ATOM   937  N  N   . ALA A 1 118 ? 3.468   -1.807  -0.923  1.00 13.30 ? 200 ALA A N   1 
ATOM   938  C  CA  . ALA A 1 118 ? 4.101   -1.259  0.280   1.00 13.19 ? 200 ALA A CA  1 
ATOM   939  C  C   . ALA A 1 118 ? 3.896   0.246   0.436   1.00 13.34 ? 200 ALA A C   1 
ATOM   940  O  O   . ALA A 1 118 ? 3.609   0.744   1.516   1.00 14.16 ? 200 ALA A O   1 
ATOM   941  C  CB  . ALA A 1 118 ? 5.594   -1.594  0.266   1.00 14.12 ? 200 ALA A CB  1 
ATOM   942  N  N   . HIS A 1 119 ? 4.015   0.933   -0.725  1.00 12.27 ? 201 HIS A N   1 
ATOM   943  C  CA  . HIS A 1 119 ? 3.769   2.366   -0.835  1.00 12.01 ? 201 HIS A CA  1 
ATOM   944  C  C   . HIS A 1 119 ? 2.331   2.760   -0.526  1.00 12.72 ? 201 HIS A C   1 
ATOM   945  O  O   . HIS A 1 119 ? 2.071   3.673   0.240   1.00 14.35 ? 201 HIS A O   1 
ATOM   946  C  CB  . HIS A 1 119 ? 4.160   2.803   -2.239  1.00 10.59 ? 201 HIS A CB  1 
ATOM   947  C  CG  . HIS A 1 119 ? 4.052   4.294   -2.440  1.00 12.65 ? 201 HIS A CG  1 
ATOM   948  N  ND1 . HIS A 1 119 ? 5.053   5.132   -2.145  1.00 13.07 ? 201 HIS A ND1 1 
ATOM   949  C  CD2 . HIS A 1 119 ? 2.998   5.048   -2.965  1.00 12.97 ? 201 HIS A CD2 1 
ATOM   950  C  CE1 . HIS A 1 119 ? 4.671   6.399   -2.475  1.00 12.00 ? 201 HIS A CE1 1 
ATOM   951  N  NE2 . HIS A 1 119 ? 3.411   6.336   -2.978  1.00 11.31 ? 201 HIS A NE2 1 
ATOM   952  N  N   . GLU A 1 120 ? 1.410   2.005   -1.156  1.00 13.03 ? 202 GLU A N   1 
ATOM   953  C  CA  . GLU A 1 120 ? -0.014  2.233   -0.899  1.00 12.90 ? 202 GLU A CA  1 
ATOM   954  C  C   . GLU A 1 120 ? -0.458  1.987   0.530   1.00 12.20 ? 202 GLU A C   1 
ATOM   955  O  O   . GLU A 1 120 ? -1.288  2.712   1.055   1.00 14.57 ? 202 GLU A O   1 
ATOM   956  C  CB  . GLU A 1 120 ? -0.927  1.428   -1.840  1.00 11.53 ? 202 GLU A CB  1 
ATOM   957  C  CG  . GLU A 1 120 ? -0.691  1.657   -3.333  1.00 11.96 ? 202 GLU A CG  1 
ATOM   958  C  CD  . GLU A 1 120 ? -0.748  3.128   -3.702  1.00 15.54 ? 202 GLU A CD  1 
ATOM   959  O  OE1 . GLU A 1 120 ? -1.582  3.848   -3.150  1.00 14.77 ? 202 GLU A OE1 1 
ATOM   960  O  OE2 . GLU A 1 120 ? 0.051   3.540   -4.542  1.00 13.89 ? 202 GLU A OE2 1 
ATOM   961  N  N   . ILE A 1 121 ? 0.152   0.952   1.148   1.00 10.62 ? 203 ILE A N   1 
ATOM   962  C  CA  . ILE A 1 121 ? -0.147  0.737   2.563   1.00 12.50 ? 203 ILE A CA  1 
ATOM   963  C  C   . ILE A 1 121 ? 0.370   1.822   3.490   1.00 13.28 ? 203 ILE A C   1 
ATOM   964  O  O   . ILE A 1 121 ? -0.277  2.141   4.480   1.00 13.84 ? 203 ILE A O   1 
ATOM   965  C  CB  . ILE A 1 121 ? 0.220   -0.698  2.993   1.00 15.15 ? 203 ILE A CB  1 
ATOM   966  C  CG1 . ILE A 1 121 ? -0.824  -1.594  2.305   1.00 16.30 ? 203 ILE A CG1 1 
ATOM   967  C  CG2 . ILE A 1 121 ? 0.155   -0.918  4.517   1.00 12.08 ? 203 ILE A CG2 1 
ATOM   968  C  CD1 . ILE A 1 121 ? -0.300  -2.985  2.044   1.00 19.77 ? 203 ILE A CD1 1 
ATOM   969  N  N   . GLY A 1 122 ? 1.493   2.450   3.074   1.00 13.10 ? 204 GLY A N   1 
ATOM   970  C  CA  . GLY A 1 122 ? 1.880   3.697   3.734   1.00 12.34 ? 204 GLY A CA  1 
ATOM   971  C  C   . GLY A 1 122 ? 0.787   4.759   3.787   1.00 13.44 ? 204 GLY A C   1 
ATOM   972  O  O   . GLY A 1 122 ? 0.514   5.309   4.840   1.00 14.40 ? 204 GLY A O   1 
ATOM   973  N  N   . HIS A 1 123 ? 0.137   4.983   2.630   1.00 11.12 ? 205 HIS A N   1 
ATOM   974  C  CA  . HIS A 1 123 ? -1.067  5.834   2.615   1.00 12.14 ? 205 HIS A CA  1 
ATOM   975  C  C   . HIS A 1 123 ? -2.225  5.409   3.505   1.00 13.34 ? 205 HIS A C   1 
ATOM   976  O  O   . HIS A 1 123 ? -2.807  6.217   4.225   1.00 13.38 ? 205 HIS A O   1 
ATOM   977  C  CB  . HIS A 1 123 ? -1.645  5.970   1.219   1.00 13.14 ? 205 HIS A CB  1 
ATOM   978  C  CG  . HIS A 1 123 ? -0.686  6.728   0.361   1.00 15.46 ? 205 HIS A CG  1 
ATOM   979  N  ND1 . HIS A 1 123 ? -0.081  7.859   0.752   1.00 17.69 ? 205 HIS A ND1 1 
ATOM   980  C  CD2 . HIS A 1 123 ? -0.319  6.433   -0.947  1.00 14.48 ? 205 HIS A CD2 1 
ATOM   981  C  CE1 . HIS A 1 123 ? 0.672   8.309   -0.292  1.00 16.37 ? 205 HIS A CE1 1 
ATOM   982  N  NE2 . HIS A 1 123 ? 0.511   7.425   -1.319  1.00 17.05 ? 205 HIS A NE2 1 
ATOM   983  N  N   . SER A 1 124 ? -2.519  4.093   3.414   1.00 12.11 ? 206 SER A N   1 
ATOM   984  C  CA  . SER A 1 124 ? -3.557  3.488   4.263   1.00 12.32 ? 206 SER A CA  1 
ATOM   985  C  C   . SER A 1 124 ? -3.359  3.680   5.760   1.00 13.43 ? 206 SER A C   1 
ATOM   986  O  O   . SER A 1 124 ? -4.300  3.613   6.533   1.00 14.14 ? 206 SER A O   1 
ATOM   987  C  CB  . SER A 1 124 ? -3.666  1.977   4.011   1.00 13.42 ? 206 SER A CB  1 
ATOM   988  O  OG  . SER A 1 124 ? -4.113  1.717   2.679   1.00 15.66 ? 206 SER A OG  1 
ATOM   989  N  N   . LEU A 1 125 ? -2.079  3.900   6.124   1.00 13.32 ? 207 LEU A N   1 
ATOM   990  C  CA  . LEU A 1 125 ? -1.688  4.130   7.510   1.00 12.11 ? 207 LEU A CA  1 
ATOM   991  C  C   . LEU A 1 125 ? -1.548  5.595   7.915   1.00 12.88 ? 207 LEU A C   1 
ATOM   992  O  O   . LEU A 1 125 ? -1.324  5.895   9.076   1.00 14.92 ? 207 LEU A O   1 
ATOM   993  C  CB  . LEU A 1 125 ? -0.385  3.379   7.741   1.00 13.38 ? 207 LEU A CB  1 
ATOM   994  C  CG  . LEU A 1 125 ? -0.476  1.959   8.304   1.00 16.08 ? 207 LEU A CG  1 
ATOM   995  C  CD1 . LEU A 1 125 ? -1.804  1.244   8.133   1.00 14.88 ? 207 LEU A CD1 1 
ATOM   996  C  CD2 . LEU A 1 125 ? 0.710   1.130   7.839   1.00 16.05 ? 207 LEU A CD2 1 
ATOM   997  N  N   . GLY A 1 126 ? -1.691  6.501   6.930   1.00 13.95 ? 208 GLY A N   1 
ATOM   998  C  CA  . GLY A 1 126 ? -1.626  7.921   7.299   1.00 15.86 ? 208 GLY A CA  1 
ATOM   999  C  C   . GLY A 1 126 ? -0.436  8.734   6.788   1.00 17.28 ? 208 GLY A C   1 
ATOM   1000 O  O   . GLY A 1 126 ? -0.296  9.919   7.053   1.00 17.29 ? 208 GLY A O   1 
ATOM   1001 N  N   . LEU A 1 127 ? 0.433   8.051   6.031   1.00 16.45 ? 209 LEU A N   1 
ATOM   1002 C  CA  . LEU A 1 127 ? 1.602   8.754   5.516   1.00 15.32 ? 209 LEU A CA  1 
ATOM   1003 C  C   . LEU A 1 127 ? 1.302   9.295   4.119   1.00 14.66 ? 209 LEU A C   1 
ATOM   1004 O  O   . LEU A 1 127 ? 0.667   8.654   3.306   1.00 12.73 ? 209 LEU A O   1 
ATOM   1005 C  CB  . LEU A 1 127 ? 2.750   7.732   5.573   1.00 14.30 ? 209 LEU A CB  1 
ATOM   1006 C  CG  . LEU A 1 127 ? 3.987   8.084   6.391   1.00 18.10 ? 209 LEU A CG  1 
ATOM   1007 C  CD1 . LEU A 1 127 ? 3.683   8.807   7.694   1.00 18.56 ? 209 LEU A CD1 1 
ATOM   1008 C  CD2 . LEU A 1 127 ? 4.854   6.848   6.608   1.00 17.44 ? 209 LEU A CD2 1 
ATOM   1009 N  N   . PHE A 1 128 ? 1.789   10.509  3.871   1.00 15.64 ? 210 PHE A N   1 
ATOM   1010 C  CA  . PHE A 1 128 ? 1.713   11.084  2.528   1.00 17.21 ? 210 PHE A CA  1 
ATOM   1011 C  C   . PHE A 1 128 ? 3.098   11.066  1.856   1.00 19.31 ? 210 PHE A C   1 
ATOM   1012 O  O   . PHE A 1 128 ? 3.885   10.170  2.128   1.00 21.39 ? 210 PHE A O   1 
ATOM   1013 C  CB  . PHE A 1 128 ? 1.017   12.448  2.674   1.00 17.46 ? 210 PHE A CB  1 
ATOM   1014 C  CG  . PHE A 1 128 ? 0.686   13.040  1.342   1.00 19.38 ? 210 PHE A CG  1 
ATOM   1015 C  CD1 . PHE A 1 128 ? -0.054  12.296  0.405   1.00 21.44 ? 210 PHE A CD1 1 
ATOM   1016 C  CD2 . PHE A 1 128 ? 1.185   14.323  1.045   1.00 22.12 ? 210 PHE A CD2 1 
ATOM   1017 C  CE1 . PHE A 1 128 ? -0.252  12.821  -0.885  1.00 21.27 ? 210 PHE A CE1 1 
ATOM   1018 C  CE2 . PHE A 1 128 ? 0.993   14.845  -0.245  1.00 22.57 ? 210 PHE A CE2 1 
ATOM   1019 C  CZ  . PHE A 1 128 ? 0.296   14.083  -1.202  1.00 22.39 ? 210 PHE A CZ  1 
ATOM   1020 N  N   . HIS A 1 129 ? 3.400   12.033  0.967   1.00 20.12 ? 211 HIS A N   1 
ATOM   1021 C  CA  . HIS A 1 129 ? 4.669   11.921  0.255   1.00 22.81 ? 211 HIS A CA  1 
ATOM   1022 C  C   . HIS A 1 129 ? 5.869   12.542  0.917   1.00 25.54 ? 211 HIS A C   1 
ATOM   1023 O  O   . HIS A 1 129 ? 5.800   13.600  1.521   1.00 27.43 ? 211 HIS A O   1 
ATOM   1024 C  CB  . HIS A 1 129 ? 4.526   12.483  -1.146  1.00 21.56 ? 211 HIS A CB  1 
ATOM   1025 C  CG  . HIS A 1 129 ? 3.656   11.569  -1.955  1.00 19.41 ? 211 HIS A CG  1 
ATOM   1026 N  ND1 . HIS A 1 129 ? 2.786   12.014  -2.865  1.00 19.98 ? 211 HIS A ND1 1 
ATOM   1027 C  CD2 . HIS A 1 129 ? 3.631   10.172  -1.945  1.00 18.68 ? 211 HIS A CD2 1 
ATOM   1028 C  CE1 . HIS A 1 129 ? 2.210   10.919  -3.444  1.00 17.20 ? 211 HIS A CE1 1 
ATOM   1029 N  NE2 . HIS A 1 129 ? 2.737   9.801   -2.873  1.00 14.87 ? 211 HIS A NE2 1 
ATOM   1030 N  N   . SER A 1 130 ? 6.981   11.812  0.729   1.00 26.97 ? 212 SER A N   1 
ATOM   1031 C  CA  . SER A 1 130 ? 8.310   12.257  1.144   1.00 28.90 ? 212 SER A CA  1 
ATOM   1032 C  C   . SER A 1 130 ? 9.098   12.933  0.027   1.00 29.98 ? 212 SER A C   1 
ATOM   1033 O  O   . SER A 1 130 ? 8.915   12.686  -1.158  1.00 29.40 ? 212 SER A O   1 
ATOM   1034 C  CB  . SER A 1 130 ? 9.071   11.040  1.665   1.00 28.30 ? 212 SER A CB  1 
ATOM   1035 O  OG  . SER A 1 130 ? 10.395  11.403  2.068   1.00 27.22 ? 212 SER A OG  1 
ATOM   1036 N  N   . ALA A 1 131 ? 10.020  13.799  0.490   1.00 32.89 ? 213 ALA A N   1 
ATOM   1037 C  CA  . ALA A 1 131 ? 10.969  14.438  -0.427  1.00 33.44 ? 213 ALA A CA  1 
ATOM   1038 C  C   . ALA A 1 131 ? 12.278  13.701  -0.580  1.00 33.05 ? 213 ALA A C   1 
ATOM   1039 O  O   . ALA A 1 131 ? 13.000  13.914  -1.544  1.00 34.24 ? 213 ALA A O   1 
ATOM   1040 C  CB  . ALA A 1 131 ? 11.296  15.869  0.012   1.00 34.98 ? 213 ALA A CB  1 
ATOM   1041 N  N   . ASN A 1 132 ? 12.535  12.812  0.403   1.00 32.94 ? 214 ASN A N   1 
ATOM   1042 C  CA  . ASN A 1 132 ? 13.669  11.907  0.293   1.00 34.40 ? 214 ASN A CA  1 
ATOM   1043 C  C   . ASN A 1 132 ? 13.471  10.949  -0.867  1.00 33.98 ? 214 ASN A C   1 
ATOM   1044 O  O   . ASN A 1 132 ? 12.509  10.194  -0.919  1.00 35.61 ? 214 ASN A O   1 
ATOM   1045 C  CB  . ASN A 1 132 ? 13.829  11.157  1.616   1.00 37.39 ? 214 ASN A CB  1 
ATOM   1046 C  CG  . ASN A 1 132 ? 15.180  10.473  1.718   1.00 44.43 ? 214 ASN A CG  1 
ATOM   1047 O  OD1 . ASN A 1 132 ? 15.966  10.413  0.783   1.00 48.76 ? 214 ASN A OD1 1 
ATOM   1048 N  ND2 . ASN A 1 132 ? 15.420  9.945   2.930   1.00 47.28 ? 214 ASN A ND2 1 
ATOM   1049 N  N   . THR A 1 133 ? 14.444  11.045  -1.792  1.00 32.19 ? 215 THR A N   1 
ATOM   1050 C  CA  . THR A 1 133 ? 14.510  10.168  -2.967  1.00 30.88 ? 215 THR A CA  1 
ATOM   1051 C  C   . THR A 1 133 ? 14.789  8.701   -2.658  1.00 29.67 ? 215 THR A C   1 
ATOM   1052 O  O   . THR A 1 133 ? 14.597  7.836   -3.500  1.00 31.28 ? 215 THR A O   1 
ATOM   1053 C  CB  . THR A 1 133 ? 15.564  10.701  -3.949  1.00 31.29 ? 215 THR A CB  1 
ATOM   1054 O  OG1 . THR A 1 133 ? 16.867  10.675  -3.338  1.00 30.82 ? 215 THR A OG1 1 
ATOM   1055 C  CG2 . THR A 1 133 ? 15.225  12.116  -4.441  1.00 31.38 ? 215 THR A CG2 1 
ATOM   1056 N  N   . GLU A 1 134 ? 15.232  8.468   -1.403  1.00 27.09 ? 216 GLU A N   1 
ATOM   1057 C  CA  . GLU A 1 134 ? 15.413  7.110   -0.895  1.00 26.00 ? 216 GLU A CA  1 
ATOM   1058 C  C   . GLU A 1 134 ? 14.141  6.446   -0.376  1.00 25.00 ? 216 GLU A C   1 
ATOM   1059 O  O   . GLU A 1 134 ? 14.047  5.228   -0.247  1.00 25.36 ? 216 GLU A O   1 
ATOM   1060 C  CB  . GLU A 1 134 ? 16.466  7.135   0.218   1.00 26.60 ? 216 GLU A CB  1 
ATOM   1061 C  CG  . GLU A 1 134 ? 17.016  5.746   0.589   0.00 23.19 ? 216 GLU A CG  1 
ATOM   1062 C  CD  . GLU A 1 134 ? 17.993  5.788   1.754   0.00 21.74 ? 216 GLU A CD  1 
ATOM   1063 O  OE1 . GLU A 1 134 ? 18.477  6.866   2.109   0.00 21.08 ? 216 GLU A OE1 1 
ATOM   1064 O  OE2 . GLU A 1 134 ? 18.272  4.725   2.307   0.00 20.76 ? 216 GLU A OE2 1 
ATOM   1065 N  N   . ALA A 1 135 ? 13.172  7.326   -0.039  1.00 22.69 ? 217 ALA A N   1 
ATOM   1066 C  CA  . ALA A 1 135 ? 12.034  6.856   0.749   1.00 20.13 ? 217 ALA A CA  1 
ATOM   1067 C  C   . ALA A 1 135 ? 11.066  6.025   -0.056  1.00 17.80 ? 217 ALA A C   1 
ATOM   1068 O  O   . ALA A 1 135 ? 10.874  6.236   -1.245  1.00 18.47 ? 217 ALA A O   1 
ATOM   1069 C  CB  . ALA A 1 135 ? 11.271  8.038   1.353   1.00 18.78 ? 217 ALA A CB  1 
ATOM   1070 N  N   . LEU A 1 136 ? 10.438  5.093   0.677   1.00 17.16 ? 218 LEU A N   1 
ATOM   1071 C  CA  . LEU A 1 136 ? 9.302   4.354   0.126   1.00 16.00 ? 218 LEU A CA  1 
ATOM   1072 C  C   . LEU A 1 136 ? 8.196   5.287   -0.332  1.00 16.72 ? 218 LEU A C   1 
ATOM   1073 O  O   . LEU A 1 136 ? 7.652   5.140   -1.419  1.00 18.15 ? 218 LEU A O   1 
ATOM   1074 C  CB  . LEU A 1 136 ? 8.815   3.311   1.151   1.00 14.32 ? 218 LEU A CB  1 
ATOM   1075 C  CG  . LEU A 1 136 ? 7.645   2.451   0.679   1.00 13.54 ? 218 LEU A CG  1 
ATOM   1076 C  CD1 . LEU A 1 136 ? 7.961   1.731   -0.636  1.00 13.51 ? 218 LEU A CD1 1 
ATOM   1077 C  CD2 . LEU A 1 136 ? 7.257   1.451   1.759   1.00 13.29 ? 218 LEU A CD2 1 
ATOM   1078 N  N   . MET A 1 137 ? 7.937   6.293   0.530   1.00 16.43 ? 219 MET A N   1 
ATOM   1079 C  CA  . MET A 1 137 ? 6.882   7.262   0.225   1.00 16.08 ? 219 MET A CA  1 
ATOM   1080 C  C   . MET A 1 137 ? 7.179   8.375   -0.765  1.00 16.48 ? 219 MET A C   1 
ATOM   1081 O  O   . MET A 1 137 ? 6.386   9.294   -0.913  1.00 16.87 ? 219 MET A O   1 
ATOM   1082 C  CB  . MET A 1 137 ? 6.275   7.858   1.504   1.00 15.70 ? 219 MET A CB  1 
ATOM   1083 C  CG  . MET A 1 137 ? 5.728   6.812   2.480   1.00 14.60 ? 219 MET A CG  1 
ATOM   1084 S  SD  . MET A 1 137 ? 4.618   5.623   1.701   1.00 14.14 ? 219 MET A SD  1 
ATOM   1085 C  CE  . MET A 1 137 ? 3.365   6.775   1.129   1.00 8.27  ? 219 MET A CE  1 
ATOM   1086 N  N   . TYR A 1 138 ? 8.309   8.253   -1.479  1.00 18.08 ? 220 TYR A N   1 
ATOM   1087 C  CA  . TYR A 1 138 ? 8.595   9.163   -2.595  1.00 19.25 ? 220 TYR A CA  1 
ATOM   1088 C  C   . TYR A 1 138 ? 7.473   9.062   -3.637  1.00 20.00 ? 220 TYR A C   1 
ATOM   1089 O  O   . TYR A 1 138 ? 6.921   7.990   -3.821  1.00 21.73 ? 220 TYR A O   1 
ATOM   1090 C  CB  . TYR A 1 138 ? 9.986   8.763   -3.139  1.00 21.28 ? 220 TYR A CB  1 
ATOM   1091 C  CG  . TYR A 1 138 ? 10.577  9.803   -4.072  1.00 24.66 ? 220 TYR A CG  1 
ATOM   1092 C  CD1 . TYR A 1 138 ? 10.945  11.068  -3.558  1.00 29.21 ? 220 TYR A CD1 1 
ATOM   1093 C  CD2 . TYR A 1 138 ? 10.739  9.475   -5.431  1.00 25.25 ? 220 TYR A CD2 1 
ATOM   1094 C  CE1 . TYR A 1 138 ? 11.456  12.037  -4.436  1.00 30.09 ? 220 TYR A CE1 1 
ATOM   1095 C  CE2 . TYR A 1 138 ? 11.252  10.441  -6.310  1.00 25.92 ? 220 TYR A CE2 1 
ATOM   1096 C  CZ  . TYR A 1 138 ? 11.602  11.706  -5.797  1.00 29.78 ? 220 TYR A CZ  1 
ATOM   1097 O  OH  . TYR A 1 138 ? 12.119  12.649  -6.662  1.00 33.62 ? 220 TYR A OH  1 
ATOM   1098 N  N   . PRO A 1 139 ? 7.092   10.195  -4.269  1.00 20.14 ? 221 PRO A N   1 
ATOM   1099 C  CA  . PRO A 1 139 ? 5.919   10.175  -5.156  1.00 20.53 ? 221 PRO A CA  1 
ATOM   1100 C  C   . PRO A 1 139 ? 6.082   9.577   -6.539  1.00 20.57 ? 221 PRO A C   1 
ATOM   1101 O  O   . PRO A 1 139 ? 5.108   9.453   -7.268  1.00 20.86 ? 221 PRO A O   1 
ATOM   1102 C  CB  . PRO A 1 139 ? 5.536   11.647  -5.230  1.00 19.29 ? 221 PRO A CB  1 
ATOM   1103 C  CG  . PRO A 1 139 ? 6.859   12.388  -5.078  1.00 20.70 ? 221 PRO A CG  1 
ATOM   1104 C  CD  . PRO A 1 139 ? 7.616   11.541  -4.070  1.00 19.95 ? 221 PRO A CD  1 
ATOM   1105 N  N   . LEU A 1 140 ? 7.324   9.231   -6.904  1.00 22.06 ? 222 LEU A N   1 
ATOM   1106 C  CA  . LEU A 1 140 ? 7.445   8.717   -8.266  1.00 23.28 ? 222 LEU A CA  1 
ATOM   1107 C  C   . LEU A 1 140 ? 7.906   7.290   -8.242  1.00 21.98 ? 222 LEU A C   1 
ATOM   1108 O  O   . LEU A 1 140 ? 8.841   6.961   -7.526  1.00 23.03 ? 222 LEU A O   1 
ATOM   1109 C  CB  . LEU A 1 140 ? 8.457   9.516   -9.089  1.00 29.03 ? 222 LEU A CB  1 
ATOM   1110 C  CG  . LEU A 1 140 ? 8.263   11.037  -9.108  1.00 33.74 ? 222 LEU A CG  1 
ATOM   1111 C  CD1 . LEU A 1 140 ? 9.475   11.720  -9.752  1.00 35.82 ? 222 LEU A CD1 1 
ATOM   1112 C  CD2 . LEU A 1 140 ? 6.929   11.474  -9.738  1.00 36.31 ? 222 LEU A CD2 1 
ATOM   1113 N  N   . TYR A 1 141 ? 7.213   6.476   -9.062  1.00 19.26 ? 223 TYR A N   1 
ATOM   1114 C  CA  . TYR A 1 141 ? 7.550   5.056   -9.109  1.00 18.21 ? 223 TYR A CA  1 
ATOM   1115 C  C   . TYR A 1 141 ? 8.908   4.832   -9.719  1.00 18.98 ? 223 TYR A C   1 
ATOM   1116 O  O   . TYR A 1 141 ? 9.341   5.509   -10.647 1.00 19.32 ? 223 TYR A O   1 
ATOM   1117 C  CB  . TYR A 1 141 ? 6.449   4.253   -9.850  1.00 16.86 ? 223 TYR A CB  1 
ATOM   1118 C  CG  . TYR A 1 141 ? 6.786   2.775   -10.022 1.00 16.49 ? 223 TYR A CG  1 
ATOM   1119 C  CD1 . TYR A 1 141 ? 6.539   1.888   -8.953  1.00 18.21 ? 223 TYR A CD1 1 
ATOM   1120 C  CD2 . TYR A 1 141 ? 7.354   2.322   -11.234 1.00 16.62 ? 223 TYR A CD2 1 
ATOM   1121 C  CE1 . TYR A 1 141 ? 6.927   0.542   -9.071  1.00 15.05 ? 223 TYR A CE1 1 
ATOM   1122 C  CE2 . TYR A 1 141 ? 7.741   0.978   -11.358 1.00 14.44 ? 223 TYR A CE2 1 
ATOM   1123 C  CZ  . TYR A 1 141 ? 7.543   0.117   -10.257 1.00 15.80 ? 223 TYR A CZ  1 
ATOM   1124 O  OH  . TYR A 1 141 ? 7.992   -1.186  -10.328 1.00 17.33 ? 223 TYR A OH  1 
ATOM   1125 N  N   . HIS A 1 142 ? 9.527   3.801   -9.133  1.00 21.02 ? 224 HIS A N   1 
ATOM   1126 C  CA  . HIS A 1 142 ? 10.697  3.158   -9.728  1.00 21.54 ? 224 HIS A CA  1 
ATOM   1127 C  C   . HIS A 1 142 ? 10.856  1.818   -9.064  1.00 22.30 ? 224 HIS A C   1 
ATOM   1128 O  O   . HIS A 1 142 ? 10.266  1.573   -8.018  1.00 21.54 ? 224 HIS A O   1 
ATOM   1129 C  CB  . HIS A 1 142 ? 11.955  4.032   -9.564  1.00 22.30 ? 224 HIS A CB  1 
ATOM   1130 C  CG  . HIS A 1 142 ? 12.346  4.203   -8.110  1.00 19.54 ? 224 HIS A CG  1 
ATOM   1131 N  ND1 . HIS A 1 142 ? 13.173  3.364   -7.459  1.00 19.35 ? 224 HIS A ND1 1 
ATOM   1132 C  CD2 . HIS A 1 142 ? 11.954  5.216   -7.235  1.00 18.12 ? 224 HIS A CD2 1 
ATOM   1133 C  CE1 . HIS A 1 142 ? 13.312  3.832   -6.179  1.00 17.62 ? 224 HIS A CE1 1 
ATOM   1134 N  NE2 . HIS A 1 142 ? 12.564  4.967   -6.050  1.00 17.47 ? 224 HIS A NE2 1 
ATOM   1135 N  N   . SER A 1 143 ? 11.686  0.971   -9.685  1.00 25.33 ? 225 SER A N   1 
ATOM   1136 C  CA  . SER A 1 143 ? 11.981  -0.248  -8.940  1.00 29.45 ? 225 SER A CA  1 
ATOM   1137 C  C   . SER A 1 143 ? 13.454  -0.335  -8.602  1.00 30.85 ? 225 SER A C   1 
ATOM   1138 O  O   . SER A 1 143 ? 14.151  0.671   -8.610  1.00 29.57 ? 225 SER A O   1 
ATOM   1139 C  CB  . SER A 1 143 ? 11.438  -1.491  -9.650  1.00 32.51 ? 225 SER A CB  1 
ATOM   1140 O  OG  . SER A 1 143 ? 12.151  -1.693  -10.862 1.00 37.89 ? 225 SER A OG  1 
ATOM   1141 N  N   . LEU A 1 144 ? 13.876  -1.577  -8.286  1.00 31.93 ? 226 LEU A N   1 
ATOM   1142 C  CA  . LEU A 1 144 ? 15.255  -1.812  -7.873  1.00 30.96 ? 226 LEU A CA  1 
ATOM   1143 C  C   . LEU A 1 144 ? 15.904  -2.793  -8.814  1.00 30.34 ? 226 LEU A C   1 
ATOM   1144 O  O   . LEU A 1 144 ? 15.272  -3.663  -9.387  1.00 29.96 ? 226 LEU A O   1 
ATOM   1145 C  CB  . LEU A 1 144 ? 15.315  -2.432  -6.469  1.00 31.11 ? 226 LEU A CB  1 
ATOM   1146 C  CG  . LEU A 1 144 ? 14.879  -1.555  -5.299  1.00 30.48 ? 226 LEU A CG  1 
ATOM   1147 C  CD1 . LEU A 1 144 ? 14.902  -2.339  -3.996  1.00 31.60 ? 226 LEU A CD1 1 
ATOM   1148 C  CD2 . LEU A 1 144 ? 15.719  -0.287  -5.187  1.00 31.72 ? 226 LEU A CD2 1 
ATOM   1149 N  N   . THR A 1 145 ? 17.234  -2.660  -8.902  1.00 31.44 ? 227 THR A N   1 
ATOM   1150 C  CA  . THR A 1 145 ? 18.010  -3.726  -9.550  1.00 31.83 ? 227 THR A CA  1 
ATOM   1151 C  C   . THR A 1 145 ? 17.917  -5.080  -8.816  1.00 28.51 ? 227 THR A C   1 
ATOM   1152 O  O   . THR A 1 145 ? 17.862  -6.170  -9.404  1.00 24.87 ? 227 THR A O   1 
ATOM   1153 C  CB  . THR A 1 145 ? 19.472  -3.263  -9.750  1.00 34.86 ? 227 THR A CB  1 
ATOM   1154 O  OG1 . THR A 1 145 ? 20.257  -4.369  -10.205 1.00 41.83 ? 227 THR A OG1 1 
ATOM   1155 C  CG2 . THR A 1 145 ? 20.114  -2.655  -8.498  1.00 36.04 ? 227 THR A CG2 1 
ATOM   1156 N  N   . ASP A 1 146 ? 17.879  -4.946  -7.476  1.00 26.79 ? 228 ASP A N   1 
ATOM   1157 C  CA  . ASP A 1 146 ? 17.790  -6.122  -6.638  1.00 27.78 ? 228 ASP A CA  1 
ATOM   1158 C  C   . ASP A 1 146 ? 16.858  -5.895  -5.474  1.00 28.06 ? 228 ASP A C   1 
ATOM   1159 O  O   . ASP A 1 146 ? 17.102  -5.122  -4.563  1.00 28.21 ? 228 ASP A O   1 
ATOM   1160 C  CB  . ASP A 1 146 ? 19.199  -6.513  -6.184  1.00 28.93 ? 228 ASP A CB  1 
ATOM   1161 C  CG  . ASP A 1 146 ? 19.210  -7.830  -5.431  1.00 31.39 ? 228 ASP A CG  1 
ATOM   1162 O  OD1 . ASP A 1 146 ? 18.420  -8.715  -5.751  1.00 35.91 ? 228 ASP A OD1 1 
ATOM   1163 O  OD2 . ASP A 1 146 ? 20.038  -7.984  -4.548  1.00 29.86 ? 228 ASP A OD2 1 
ATOM   1164 N  N   . LEU A 1 147 ? 15.770  -6.649  -5.573  1.00 29.33 ? 229 LEU A N   1 
ATOM   1165 C  CA  . LEU A 1 147 ? 14.713  -6.539  -4.571  1.00 31.65 ? 229 LEU A CA  1 
ATOM   1166 C  C   . LEU A 1 147 ? 15.108  -6.937  -3.161  1.00 31.14 ? 229 LEU A C   1 
ATOM   1167 O  O   . LEU A 1 147 ? 14.496  -6.529  -2.184  1.00 30.43 ? 229 LEU A O   1 
ATOM   1168 C  CB  . LEU A 1 147 ? 13.499  -7.345  -5.061  1.00 32.93 ? 229 LEU A CB  1 
ATOM   1169 C  CG  . LEU A 1 147 ? 12.331  -6.505  -5.598  1.00 35.85 ? 229 LEU A CG  1 
ATOM   1170 C  CD1 . LEU A 1 147 ? 12.736  -5.233  -6.352  1.00 36.45 ? 229 LEU A CD1 1 
ATOM   1171 C  CD2 . LEU A 1 147 ? 11.443  -7.374  -6.473  1.00 37.85 ? 229 LEU A CD2 1 
ATOM   1172 N  N   . THR A 1 148 ? 16.180  -7.750  -3.100  1.00 31.72 ? 230 THR A N   1 
ATOM   1173 C  CA  . THR A 1 148 ? 16.634  -8.141  -1.767  1.00 34.16 ? 230 THR A CA  1 
ATOM   1174 C  C   . THR A 1 148 ? 17.318  -7.019  -0.994  1.00 34.72 ? 230 THR A C   1 
ATOM   1175 O  O   . THR A 1 148 ? 17.529  -7.142  0.203   1.00 35.32 ? 230 THR A O   1 
ATOM   1176 C  CB  . THR A 1 148 ? 17.516  -9.404  -1.812  1.00 34.94 ? 230 THR A CB  1 
ATOM   1177 O  OG1 . THR A 1 148 ? 18.811  -9.089  -2.313  1.00 36.60 ? 230 THR A OG1 1 
ATOM   1178 C  CG2 . THR A 1 148 ? 16.905  -10.531 -2.648  1.00 35.02 ? 230 THR A CG2 1 
ATOM   1179 N  N   . ARG A 1 149 ? 17.633  -5.921  -1.728  1.00 35.34 ? 231 ARG A N   1 
ATOM   1180 C  CA  . ARG A 1 149 ? 18.179  -4.697  -1.121  1.00 36.86 ? 231 ARG A CA  1 
ATOM   1181 C  C   . ARG A 1 149 ? 17.136  -3.692  -0.632  1.00 34.26 ? 231 ARG A C   1 
ATOM   1182 O  O   . ARG A 1 149 ? 17.465  -2.593  -0.198  1.00 33.58 ? 231 ARG A O   1 
ATOM   1183 C  CB  . ARG A 1 149 ? 19.146  -4.005  -2.098  1.00 41.56 ? 231 ARG A CB  1 
ATOM   1184 C  CG  . ARG A 1 149 ? 20.117  -5.001  -2.744  1.00 51.81 ? 231 ARG A CG  1 
ATOM   1185 C  CD  . ARG A 1 149 ? 21.132  -4.387  -3.714  1.00 61.04 ? 231 ARG A CD  1 
ATOM   1186 N  NE  . ARG A 1 149 ? 22.189  -3.691  -2.981  1.00 70.41 ? 231 ARG A NE  1 
ATOM   1187 C  CZ  . ARG A 1 149 ? 22.524  -2.417  -3.282  1.00 75.05 ? 231 ARG A CZ  1 
ATOM   1188 N  NH1 . ARG A 1 149 ? 21.852  -1.730  -4.210  1.00 77.05 ? 231 ARG A NH1 1 
ATOM   1189 N  NH2 . ARG A 1 149 ? 23.544  -1.842  -2.640  1.00 77.08 ? 231 ARG A NH2 1 
ATOM   1190 N  N   . PHE A 1 150 ? 15.854  -4.122  -0.724  1.00 31.12 ? 232 PHE A N   1 
ATOM   1191 C  CA  . PHE A 1 150 ? 14.782  -3.257  -0.255  1.00 28.86 ? 232 PHE A CA  1 
ATOM   1192 C  C   . PHE A 1 150 ? 14.808  -3.093  1.249   1.00 27.40 ? 232 PHE A C   1 
ATOM   1193 O  O   . PHE A 1 150 ? 14.890  -4.044  2.015   1.00 26.99 ? 232 PHE A O   1 
ATOM   1194 C  CB  . PHE A 1 150 ? 13.408  -3.771  -0.727  1.00 27.78 ? 232 PHE A CB  1 
ATOM   1195 C  CG  . PHE A 1 150 ? 12.332  -2.830  -0.226  1.00 25.34 ? 232 PHE A CG  1 
ATOM   1196 C  CD1 . PHE A 1 150 ? 12.049  -1.656  -0.951  1.00 24.83 ? 232 PHE A CD1 1 
ATOM   1197 C  CD2 . PHE A 1 150 ? 11.669  -3.126  0.989   1.00 24.33 ? 232 PHE A CD2 1 
ATOM   1198 C  CE1 . PHE A 1 150 ? 11.111  -0.745  -0.432  1.00 25.52 ? 232 PHE A CE1 1 
ATOM   1199 C  CE2 . PHE A 1 150 ? 10.739  -2.215  1.516   1.00 24.11 ? 232 PHE A CE2 1 
ATOM   1200 C  CZ  . PHE A 1 150 ? 10.479  -1.026  0.802   1.00 25.83 ? 232 PHE A CZ  1 
ATOM   1201 N  N   . ARG A 1 151 ? 14.700  -1.806  1.606   1.00 26.78 ? 233 ARG A N   1 
ATOM   1202 C  CA  . ARG A 1 151 ? 14.484  -1.436  2.995   1.00 25.48 ? 233 ARG A CA  1 
ATOM   1203 C  C   . ARG A 1 151 ? 13.765  -0.091  3.061   1.00 24.18 ? 233 ARG A C   1 
ATOM   1204 O  O   . ARG A 1 151 ? 13.911  0.787   2.218   1.00 25.68 ? 233 ARG A O   1 
ATOM   1205 C  CB  . ARG A 1 151 ? 15.823  -1.400  3.764   1.00 25.32 ? 233 ARG A CB  1 
ATOM   1206 C  CG  . ARG A 1 151 ? 16.740  -0.256  3.292   1.00 25.78 ? 233 ARG A CG  1 
ATOM   1207 C  CD  . ARG A 1 151 ? 17.965  -0.039  4.161   0.00 23.44 ? 233 ARG A CD  1 
ATOM   1208 N  NE  . ARG A 1 151 ? 18.661  1.184   3.768   0.00 22.69 ? 233 ARG A NE  1 
ATOM   1209 C  CZ  . ARG A 1 151 ? 19.873  1.441   4.297   0.00 22.76 ? 233 ARG A CZ  1 
ATOM   1210 N  NH1 . ARG A 1 151 ? 20.474  0.560   5.097   0.00 23.08 ? 233 ARG A NH1 1 
ATOM   1211 N  NH2 . ARG A 1 151 ? 20.484  2.591   4.019   0.00 22.46 ? 233 ARG A NH2 1 
ATOM   1212 N  N   . LEU A 1 152 ? 13.001  0.038   4.152   1.00 24.99 ? 234 LEU A N   1 
ATOM   1213 C  CA  . LEU A 1 152 ? 12.436  1.326   4.563   1.00 23.53 ? 234 LEU A CA  1 
ATOM   1214 C  C   . LEU A 1 152 ? 13.550  2.308   4.898   1.00 24.18 ? 234 LEU A C   1 
ATOM   1215 O  O   . LEU A 1 152 ? 14.520  1.942   5.553   1.00 25.99 ? 234 LEU A O   1 
ATOM   1216 C  CB  . LEU A 1 152 ? 11.620  1.004   5.804   1.00 23.98 ? 234 LEU A CB  1 
ATOM   1217 C  CG  . LEU A 1 152 ? 10.158  1.396   5.861   1.00 23.65 ? 234 LEU A CG  1 
ATOM   1218 C  CD1 . LEU A 1 152 ? 9.447   1.312   4.521   1.00 25.56 ? 234 LEU A CD1 1 
ATOM   1219 C  CD2 . LEU A 1 152 ? 9.466   0.576   6.950   1.00 23.43 ? 234 LEU A CD2 1 
ATOM   1220 N  N   . SER A 1 153 ? 13.381  3.564   4.433   1.00 23.40 ? 235 SER A N   1 
ATOM   1221 C  CA  . SER A 1 153 ? 14.331  4.588   4.875   1.00 22.22 ? 235 SER A CA  1 
ATOM   1222 C  C   . SER A 1 153 ? 14.045  5.068   6.289   1.00 25.52 ? 235 SER A C   1 
ATOM   1223 O  O   . SER A 1 153 ? 12.971  4.838   6.835   1.00 25.37 ? 235 SER A O   1 
ATOM   1224 C  CB  . SER A 1 153 ? 14.382  5.759   3.894   1.00 20.60 ? 235 SER A CB  1 
ATOM   1225 O  OG  . SER A 1 153 ? 13.196  6.559   3.968   1.00 20.37 ? 235 SER A OG  1 
ATOM   1226 N  N   . GLN A 1 154 ? 15.053  5.767   6.859   1.00 26.93 ? 236 GLN A N   1 
ATOM   1227 C  CA  . GLN A 1 154 ? 14.808  6.362   8.177   1.00 27.87 ? 236 GLN A CA  1 
ATOM   1228 C  C   . GLN A 1 154 ? 13.654  7.333   8.204   1.00 26.86 ? 236 GLN A C   1 
ATOM   1229 O  O   . GLN A 1 154 ? 12.969  7.471   9.203   1.00 28.22 ? 236 GLN A O   1 
ATOM   1230 C  CB  . GLN A 1 154 ? 16.032  7.075   8.759   1.00 29.65 ? 236 GLN A CB  1 
ATOM   1231 C  CG  . GLN A 1 154 ? 16.845  6.197   9.710   1.00 35.15 ? 236 GLN A CG  1 
ATOM   1232 C  CD  . GLN A 1 154 ? 16.000  5.663   10.864  1.00 38.90 ? 236 GLN A CD  1 
ATOM   1233 O  OE1 . GLN A 1 154 ? 16.091  4.491   11.217  1.00 42.14 ? 236 GLN A OE1 1 
ATOM   1234 N  NE2 . GLN A 1 154 ? 15.178  6.567   11.446  1.00 39.58 ? 236 GLN A NE2 1 
ATOM   1235 N  N   . ASP A 1 155 ? 13.460  7.971   7.042   1.00 25.31 ? 237 ASP A N   1 
ATOM   1236 C  CA  . ASP A 1 155 ? 12.349  8.907   6.900   1.00 24.98 ? 237 ASP A CA  1 
ATOM   1237 C  C   . ASP A 1 155 ? 10.962  8.288   7.033   1.00 24.09 ? 237 ASP A C   1 
ATOM   1238 O  O   . ASP A 1 155 ? 10.081  8.876   7.645   1.00 24.33 ? 237 ASP A O   1 
ATOM   1239 C  CB  . ASP A 1 155 ? 12.517  9.636   5.565   1.00 24.41 ? 237 ASP A CB  1 
ATOM   1240 C  CG  . ASP A 1 155 ? 11.569  10.808  5.484   1.00 26.45 ? 237 ASP A CG  1 
ATOM   1241 O  OD1 . ASP A 1 155 ? 11.695  11.726  6.288   1.00 26.02 ? 237 ASP A OD1 1 
ATOM   1242 O  OD2 . ASP A 1 155 ? 10.703  10.787  4.617   1.00 24.83 ? 237 ASP A OD2 1 
ATOM   1243 N  N   . ASP A 1 156 ? 10.826  7.074   6.442   1.00 23.60 ? 238 ASP A N   1 
ATOM   1244 C  CA  . ASP A 1 156 ? 9.562   6.323   6.521   1.00 21.59 ? 238 ASP A CA  1 
ATOM   1245 C  C   . ASP A 1 156 ? 9.261   5.822   7.919   1.00 21.00 ? 238 ASP A C   1 
ATOM   1246 O  O   . ASP A 1 156 ? 8.129   5.831   8.382   1.00 20.18 ? 238 ASP A O   1 
ATOM   1247 C  CB  . ASP A 1 156 ? 9.545   5.105   5.579   1.00 20.19 ? 238 ASP A CB  1 
ATOM   1248 C  CG  . ASP A 1 156 ? 9.869   5.418   4.131   1.00 18.51 ? 238 ASP A CG  1 
ATOM   1249 O  OD1 . ASP A 1 156 ? 9.156   6.176   3.496   1.00 16.56 ? 238 ASP A OD1 1 
ATOM   1250 O  OD2 . ASP A 1 156 ? 10.835  4.867   3.627   1.00 19.33 ? 238 ASP A OD2 1 
ATOM   1251 N  N   . ILE A 1 157 ? 10.372  5.404   8.568   1.00 20.72 ? 239 ILE A N   1 
ATOM   1252 C  CA  . ILE A 1 157 ? 10.327  4.994   9.972   1.00 21.64 ? 239 ILE A CA  1 
ATOM   1253 C  C   . ILE A 1 157 ? 10.018  6.123   10.946  1.00 21.83 ? 239 ILE A C   1 
ATOM   1254 O  O   . ILE A 1 157 ? 9.239   5.982   11.881  1.00 23.13 ? 239 ILE A O   1 
ATOM   1255 C  CB  . ILE A 1 157 ? 11.646  4.298   10.324  1.00 22.93 ? 239 ILE A CB  1 
ATOM   1256 C  CG1 . ILE A 1 157 ? 11.841  3.077   9.416   1.00 24.11 ? 239 ILE A CG1 1 
ATOM   1257 C  CG2 . ILE A 1 157 ? 11.672  3.867   11.796  1.00 21.78 ? 239 ILE A CG2 1 
ATOM   1258 C  CD1 . ILE A 1 157 ? 13.231  2.448   9.549   1.00 24.53 ? 239 ILE A CD1 1 
ATOM   1259 N  N   . ASN A 1 158 ? 10.650  7.267   10.674  1.00 22.27 ? 240 ASN A N   1 
ATOM   1260 C  CA  . ASN A 1 158 ? 10.359  8.436   11.499  1.00 24.10 ? 240 ASN A CA  1 
ATOM   1261 C  C   . ASN A 1 158 ? 8.940   8.935   11.340  1.00 25.17 ? 240 ASN A C   1 
ATOM   1262 O  O   . ASN A 1 158 ? 8.287   9.298   12.309  1.00 28.03 ? 240 ASN A O   1 
ATOM   1263 C  CB  . ASN A 1 158 ? 11.327  9.585   11.212  1.00 24.84 ? 240 ASN A CB  1 
ATOM   1264 C  CG  . ASN A 1 158 ? 12.728  9.265   11.712  1.00 25.99 ? 240 ASN A CG  1 
ATOM   1265 O  OD1 . ASN A 1 158 ? 12.979  8.379   12.524  1.00 27.51 ? 240 ASN A OD1 1 
ATOM   1266 N  ND2 . ASN A 1 158 ? 13.644  10.081  11.169  1.00 25.46 ? 240 ASN A ND2 1 
ATOM   1267 N  N   . GLY A 1 159 ? 8.486   8.904   10.071  1.00 24.10 ? 241 GLY A N   1 
ATOM   1268 C  CA  . GLY A 1 159 ? 7.094   9.245   9.781   1.00 22.85 ? 241 GLY A CA  1 
ATOM   1269 C  C   . GLY A 1 159 ? 6.056   8.353   10.421  1.00 21.63 ? 241 GLY A C   1 
ATOM   1270 O  O   . GLY A 1 159 ? 5.092   8.825   11.007  1.00 21.61 ? 241 GLY A O   1 
ATOM   1271 N  N   . ILE A 1 160 ? 6.275   7.035   10.282  1.00 20.99 ? 242 ILE A N   1 
ATOM   1272 C  CA  . ILE A 1 160 ? 5.230   6.151   10.787  1.00 21.62 ? 242 ILE A CA  1 
ATOM   1273 C  C   . ILE A 1 160 ? 5.168   6.055   12.307  1.00 23.52 ? 242 ILE A C   1 
ATOM   1274 O  O   . ILE A 1 160 ? 4.102   5.944   12.904  1.00 23.24 ? 242 ILE A O   1 
ATOM   1275 C  CB  . ILE A 1 160 ? 5.290   4.775   10.100  1.00 20.67 ? 242 ILE A CB  1 
ATOM   1276 C  CG1 . ILE A 1 160 ? 3.986   3.987   10.298  1.00 18.89 ? 242 ILE A CG1 1 
ATOM   1277 C  CG2 . ILE A 1 160 ? 6.525   3.962   10.531  1.00 19.97 ? 242 ILE A CG2 1 
ATOM   1278 C  CD1 . ILE A 1 160 ? 2.807   4.550   9.510   1.00 16.64 ? 242 ILE A CD1 1 
ATOM   1279 N  N   . GLN A 1 161 ? 6.380   6.147   12.906  1.00 23.11 ? 243 GLN A N   1 
ATOM   1280 C  CA  . GLN A 1 161 ? 6.421   6.171   14.366  1.00 22.95 ? 243 GLN A CA  1 
ATOM   1281 C  C   . GLN A 1 161 ? 5.953   7.465   14.994  1.00 22.17 ? 243 GLN A C   1 
ATOM   1282 O  O   . GLN A 1 161 ? 5.630   7.489   16.171  1.00 22.09 ? 243 GLN A O   1 
ATOM   1283 C  CB  . GLN A 1 161 ? 7.799   5.800   14.870  1.00 22.88 ? 243 GLN A CB  1 
ATOM   1284 C  CG  . GLN A 1 161 ? 8.156   4.395   14.408  1.00 26.20 ? 243 GLN A CG  1 
ATOM   1285 C  CD  . GLN A 1 161 ? 9.523   3.948   14.892  1.00 29.09 ? 243 GLN A CD  1 
ATOM   1286 O  OE1 . GLN A 1 161 ? 9.786   2.751   14.964  1.00 31.89 ? 243 GLN A OE1 1 
ATOM   1287 N  NE2 . GLN A 1 161 ? 10.390  4.933   15.213  1.00 27.85 ? 243 GLN A NE2 1 
ATOM   1288 N  N   . SER A 1 162 ? 5.887   8.530   14.152  1.00 22.21 ? 244 SER A N   1 
ATOM   1289 C  CA  . SER A 1 162 ? 5.262   9.752   14.648  1.00 23.36 ? 244 SER A CA  1 
ATOM   1290 C  C   . SER A 1 162 ? 3.778   9.628   14.899  1.00 25.67 ? 244 SER A C   1 
ATOM   1291 O  O   . SER A 1 162 ? 3.221   10.319  15.737  1.00 27.93 ? 244 SER A O   1 
ATOM   1292 C  CB  . SER A 1 162 ? 5.548   10.972  13.775  1.00 24.76 ? 244 SER A CB  1 
ATOM   1293 O  OG  . SER A 1 162 ? 4.600   11.110  12.710  1.00 27.37 ? 244 SER A OG  1 
ATOM   1294 N  N   . LEU A 1 163 ? 3.191   8.685   14.134  1.00 24.43 ? 245 LEU A N   1 
ATOM   1295 C  CA  . LEU A 1 163 ? 1.777   8.364   14.281  1.00 22.08 ? 245 LEU A CA  1 
ATOM   1296 C  C   . LEU A 1 163 ? 1.524   7.342   15.377  1.00 21.44 ? 245 LEU A C   1 
ATOM   1297 O  O   . LEU A 1 163 ? 0.706   7.538   16.266  1.00 23.70 ? 245 LEU A O   1 
ATOM   1298 C  CB  . LEU A 1 163 ? 1.274   7.854   12.930  1.00 23.09 ? 245 LEU A CB  1 
ATOM   1299 C  CG  . LEU A 1 163 ? 0.708   8.860   11.915  1.00 24.51 ? 245 LEU A CG  1 
ATOM   1300 C  CD1 . LEU A 1 163 ? 1.035   10.315  12.194  1.00 25.81 ? 245 LEU A CD1 1 
ATOM   1301 C  CD2 . LEU A 1 163 ? 1.069   8.465   10.488  1.00 24.20 ? 245 LEU A CD2 1 
ATOM   1302 N  N   . TYR A 1 164 ? 2.258   6.219   15.257  1.00 20.04 ? 246 TYR A N   1 
ATOM   1303 C  CA  . TYR A 1 164 ? 1.894   5.043   16.054  1.00 20.55 ? 246 TYR A CA  1 
ATOM   1304 C  C   . TYR A 1 164 ? 2.881   4.666   17.145  1.00 22.72 ? 246 TYR A C   1 
ATOM   1305 O  O   . TYR A 1 164 ? 2.608   3.826   17.997  1.00 20.67 ? 246 TYR A O   1 
ATOM   1306 C  CB  . TYR A 1 164 ? 1.648   3.823   15.133  1.00 19.33 ? 246 TYR A CB  1 
ATOM   1307 C  CG  . TYR A 1 164 ? 0.562   4.121   14.118  1.00 16.05 ? 246 TYR A CG  1 
ATOM   1308 C  CD1 . TYR A 1 164 ? -0.761  4.252   14.577  1.00 15.56 ? 246 TYR A CD1 1 
ATOM   1309 C  CD2 . TYR A 1 164 ? 0.894   4.283   12.757  1.00 15.18 ? 246 TYR A CD2 1 
ATOM   1310 C  CE1 . TYR A 1 164 ? -1.770  4.600   13.672  1.00 15.38 ? 246 TYR A CE1 1 
ATOM   1311 C  CE2 . TYR A 1 164 ? -0.120  4.643   11.852  1.00 13.28 ? 246 TYR A CE2 1 
ATOM   1312 C  CZ  . TYR A 1 164 ? -1.432  4.810   12.325  1.00 13.44 ? 246 TYR A CZ  1 
ATOM   1313 O  OH  . TYR A 1 164 ? -2.434  5.192   11.459  1.00 12.62 ? 246 TYR A OH  1 
ATOM   1314 N  N   . GLY A 1 165 ? 4.065   5.311   17.067  1.00 25.07 ? 247 GLY A N   1 
ATOM   1315 C  CA  . GLY A 1 165 ? 5.110   4.929   18.003  1.00 27.43 ? 247 GLY A CA  1 
ATOM   1316 C  C   . GLY A 1 165 ? 5.881   3.725   17.507  1.00 29.63 ? 247 GLY A C   1 
ATOM   1317 O  O   . GLY A 1 165 ? 5.555   3.107   16.500  1.00 30.02 ? 247 GLY A O   1 
ATOM   1318 N  N   . PRO A 1 166 ? 6.939   3.413   18.293  1.00 30.88 ? 248 PRO A N   1 
ATOM   1319 C  CA  . PRO A 1 166 ? 7.795   2.272   17.985  1.00 30.99 ? 248 PRO A CA  1 
ATOM   1320 C  C   . PRO A 1 166 ? 7.097   1.011   18.452  1.00 31.39 ? 248 PRO A C   1 
ATOM   1321 O  O   . PRO A 1 166 ? 6.102   1.069   19.166  1.00 31.03 ? 248 PRO A O   1 
ATOM   1322 C  CB  . PRO A 1 166 ? 9.045   2.650   18.799  1.00 31.86 ? 248 PRO A CB  1 
ATOM   1323 C  CG  . PRO A 1 166 ? 8.510   3.323   20.057  1.00 30.78 ? 248 PRO A CG  1 
ATOM   1324 C  CD  . PRO A 1 166 ? 7.345   4.121   19.505  1.00 30.46 ? 248 PRO A CD  1 
ATOM   1325 N  N   . PRO A 1 167 ? 7.655   -0.148  18.028  1.00 32.80 ? 249 PRO A N   1 
ATOM   1326 C  CA  . PRO A 1 167 ? 7.120   -1.436  18.514  1.00 34.40 ? 249 PRO A CA  1 
ATOM   1327 C  C   . PRO A 1 167 ? 7.292   -1.679  20.020  1.00 35.63 ? 249 PRO A C   1 
ATOM   1328 O  O   . PRO A 1 167 ? 8.349   -1.340  20.558  1.00 35.56 ? 249 PRO A O   1 
ATOM   1329 C  CB  . PRO A 1 167 ? 7.861   -2.448  17.623  1.00 34.27 ? 249 PRO A CB  1 
ATOM   1330 C  CG  . PRO A 1 167 ? 9.167   -1.755  17.224  1.00 33.72 ? 249 PRO A CG  1 
ATOM   1331 C  CD  . PRO A 1 167 ? 8.773   -0.296  17.094  1.00 32.89 ? 249 PRO A CD  1 
ATOM   1332 O  OXT . PRO A 1 167 ? 6.364   -2.196  20.653  1.00 37.35 ? 249 PRO A OXT 1 
HETATM 1333 ZN ZN  . ZN  B 2 .   ? 1.769   7.819   -3.090  1.00 19.53 ? 301 ZN  A ZN  1 
HETATM 1334 ZN ZN  . ZN  C 2 .   ? -10.070 3.760   -6.525  1.00 16.77 ? 302 ZN  A ZN  1 
HETATM 1335 CA CA  . CA  D 3 .   ? -2.801  3.298   -15.089 1.00 14.34 ? 303 CA  A CA  1 
HETATM 1336 CA CA  . CA  E 3 .   ? -11.794 0.903   4.619   1.00 14.35 ? 304 CA  A CA  1 
HETATM 1337 CA CA  . CA  F 3 .   ? -3.374  -6.380  -15.424 1.00 40.45 ? 305 CA  A CA  1 
HETATM 1338 S  S   . SO4 G 4 .   ? -4.726  -19.371 -9.366  0.50 14.84 ? 501 SO4 A S   1 
HETATM 1339 O  O1  . SO4 G 4 .   ? -4.338  -20.101 -8.258  0.50 20.41 ? 501 SO4 A O1  1 
HETATM 1340 O  O2  . SO4 G 4 .   ? -4.892  -20.016 -10.535 0.50 20.00 ? 501 SO4 A O2  1 
HETATM 1341 O  O3  . SO4 G 4 .   ? -4.321  -17.880 -9.597  0.50 21.11 ? 501 SO4 A O3  1 
HETATM 1342 O  O4  . SO4 G 4 .   ? -6.187  -19.353 -9.158  0.50 20.33 ? 501 SO4 A O4  1 
HETATM 1343 C  C1  . IN7 H 5 .   ? 5.136   4.751   -6.168  1.00 15.87 ? 502 IN7 A C1  1 
HETATM 1344 C  C2  . IN7 H 5 .   ? 4.091   3.854   -6.486  1.00 17.42 ? 502 IN7 A C2  1 
HETATM 1345 C  C3  . IN7 H 5 .   ? 2.935   4.310   -7.124  1.00 18.40 ? 502 IN7 A C3  1 
HETATM 1346 C  C7  . IN7 H 5 .   ? 8.735   4.660   -5.106  1.00 16.94 ? 502 IN7 A C7  1 
HETATM 1347 C  C6  . IN7 H 5 .   ? 4.989   6.129   -6.457  1.00 17.91 ? 502 IN7 A C6  1 
HETATM 1348 O  O2  . IN7 H 5 .   ? 1.706   7.346   -9.150  1.00 18.95 ? 502 IN7 A O2  1 
HETATM 1349 C  C4  . IN7 H 5 .   ? 2.842   5.663   -7.482  1.00 18.75 ? 502 IN7 A C4  1 
HETATM 1350 C  C5  . IN7 H 5 .   ? 3.830   6.596   -7.110  1.00 18.23 ? 502 IN7 A C5  1 
HETATM 1351 O  O3  . IN7 H 5 .   ? 0.150   6.207   -4.801  1.00 17.08 ? 502 IN7 A O3  1 
HETATM 1352 S  S   . IN7 H 5 .   ? 1.442   6.118   -8.464  1.00 19.29 ? 502 IN7 A S   1 
HETATM 1353 C  C11 . IN7 H 5 .   ? 8.842   3.165   -4.840  1.00 18.48 ? 502 IN7 A C11 1 
HETATM 1354 C  C13 . IN7 H 5 .   ? 7.745   2.213   -5.286  1.00 16.74 ? 502 IN7 A C13 1 
HETATM 1355 C  C15 . IN7 H 5 .   ? 6.359   2.822   -5.214  1.00 13.51 ? 502 IN7 A C15 1 
HETATM 1356 N  N1  . IN7 H 5 .   ? 6.271   4.257   -5.558  1.00 16.17 ? 502 IN7 A N1  1 
HETATM 1357 C  C18 . IN7 H 5 .   ? 7.302   5.178   -5.047  1.00 16.59 ? 502 IN7 A C18 1 
HETATM 1358 C  C10 . IN7 H 5 .   ? 12.572  1.634   -3.430  1.00 20.52 ? 502 IN7 A C10 1 
HETATM 1359 C  C12 . IN7 H 5 .   ? 11.925  0.997   -4.504  1.00 19.96 ? 502 IN7 A C12 1 
HETATM 1360 C  C14 . IN7 H 5 .   ? 10.682  1.495   -4.949  1.00 21.40 ? 502 IN7 A C14 1 
HETATM 1361 C  C16 . IN7 H 5 .   ? 10.102  2.619   -4.317  1.00 20.02 ? 502 IN7 A C16 1 
HETATM 1362 C  C17 . IN7 H 5 .   ? 10.745  3.237   -3.218  1.00 20.76 ? 502 IN7 A C17 1 
HETATM 1363 C  C19 . IN7 H 5 .   ? 11.995  2.746   -2.780  1.00 21.55 ? 502 IN7 A C19 1 
HETATM 1364 O  O1  . IN7 H 5 .   ? 1.044   4.959   -9.185  1.00 18.14 ? 502 IN7 A O1  1 
HETATM 1365 N  N2  . IN7 H 5 .   ? 0.024   6.378   -7.528  1.00 19.60 ? 502 IN7 A N2  1 
HETATM 1366 C  C8  . IN7 H 5 .   ? -0.205  7.567   -6.742  1.00 17.31 ? 502 IN7 A C8  1 
HETATM 1367 C  C9  . IN7 H 5 .   ? 0.380   7.384   -5.394  1.00 16.73 ? 502 IN7 A C9  1 
HETATM 1368 O  O4  . IN7 H 5 .   ? 1.029   8.248   -4.921  1.00 18.37 ? 502 IN7 A O4  1 
HETATM 1369 O  O   . HOH I 6 .   ? -4.358  -8.174  -16.904 1.00 24.93 ? 401 HOH A O   1 
HETATM 1370 O  O   . HOH I 6 .   ? -7.251  -6.517  -16.125 1.00 30.86 ? 402 HOH A O   1 
HETATM 1371 O  O   . HOH I 6 .   ? -12.234 1.858   6.949   1.00 13.91 ? 403 HOH A O   1 
HETATM 1372 O  O   . HOH I 6 .   ? -13.638 -0.827  4.774   1.00 13.29 ? 404 HOH A O   1 
HETATM 1373 O  O   . HOH I 6 .   ? -3.305  8.926   -0.658  1.00 45.66 ? 405 HOH A O   1 
HETATM 1374 O  O   . HOH I 6 .   ? -2.467  7.289   -3.598  1.00 21.22 ? 406 HOH A O   1 
HETATM 1375 O  O   . HOH I 6 .   ? -6.500  9.500   -3.009  1.00 40.46 ? 407 HOH A O   1 
HETATM 1376 O  O   . HOH I 6 .   ? -12.973 0.235   -1.678  1.00 18.29 ? 408 HOH A O   1 
HETATM 1377 O  O   . HOH I 6 .   ? -10.672 -2.281  -2.287  1.00 16.70 ? 409 HOH A O   1 
HETATM 1378 O  O   . HOH I 6 .   ? -12.979 -0.045  9.496   1.00 16.17 ? 410 HOH A O   1 
HETATM 1379 O  O   . HOH I 6 .   ? -13.584 3.272   10.897  1.00 52.93 ? 411 HOH A O   1 
HETATM 1380 O  O   . HOH I 6 .   ? -9.107  -13.568 -0.669  1.00 24.67 ? 412 HOH A O   1 
HETATM 1381 O  O   . HOH I 6 .   ? -9.023  -11.740 2.152   1.00 11.74 ? 413 HOH A O   1 
HETATM 1382 O  O   . HOH I 6 .   ? -7.516  1.487   -16.055 1.00 3.65  ? 414 HOH A O   1 
HETATM 1383 O  O   . HOH I 6 .   ? -13.424 5.265   -9.912  1.00 14.62 ? 415 HOH A O   1 
HETATM 1384 O  O   . HOH I 6 .   ? 12.368  6.234   -3.577  1.00 19.80 ? 416 HOH A O   1 
HETATM 1385 O  O   . HOH I 6 .   ? 13.263  1.831   -12.249 1.00 57.16 ? 417 HOH A O   1 
HETATM 1386 O  O   . HOH I 6 .   ? 15.256  0.877   -0.510  1.00 47.35 ? 418 HOH A O   1 
HETATM 1387 O  O   . HOH I 6 .   ? -15.177 -0.003  1.547   1.00 26.84 ? 419 HOH A O   1 
HETATM 1388 O  O   . HOH I 6 .   ? -5.638  8.509   -8.692  1.00 36.72 ? 420 HOH A O   1 
HETATM 1389 O  O   . HOH I 6 .   ? -4.026  -13.389 -9.111  1.00 17.53 ? 421 HOH A O   1 
HETATM 1390 O  O   . HOH I 6 .   ? -12.342 -11.924 0.112   1.00 18.11 ? 422 HOH A O   1 
HETATM 1391 O  O   . HOH I 6 .   ? -12.070 -15.295 0.224   1.00 36.40 ? 423 HOH A O   1 
HETATM 1392 O  O   . HOH I 6 .   ? 8.637   -9.210  -5.515  1.00 24.77 ? 424 HOH A O   1 
HETATM 1393 O  O   . HOH I 6 .   ? 5.443   -8.447  -6.624  1.00 17.95 ? 425 HOH A O   1 
HETATM 1394 O  O   . HOH I 6 .   ? -3.824  -13.370 8.547   1.00 49.88 ? 426 HOH A O   1 
HETATM 1395 O  O   . HOH I 6 .   ? -10.099 -15.116 9.316   1.00 46.96 ? 427 HOH A O   1 
HETATM 1396 O  O   . HOH I 6 .   ? -13.203 -14.224 7.616   1.00 37.01 ? 428 HOH A O   1 
HETATM 1397 O  O   . HOH I 6 .   ? -2.067  11.348  8.473   1.00 14.22 ? 429 HOH A O   1 
HETATM 1398 O  O   . HOH I 6 .   ? 5.962   10.682  3.937   1.00 17.94 ? 430 HOH A O   1 
HETATM 1399 O  O   . HOH I 6 .   ? 16.224  -9.210  -7.484  1.00 29.71 ? 431 HOH A O   1 
HETATM 1400 O  O   . HOH I 6 .   ? 12.792  -2.574  5.724   1.00 32.83 ? 432 HOH A O   1 
HETATM 1401 O  O   . HOH I 6 .   ? 10.515  -3.009  8.233   1.00 25.97 ? 433 HOH A O   1 
HETATM 1402 O  O   . HOH I 6 .   ? -13.583 -3.519  -3.824  1.00 68.86 ? 434 HOH A O   1 
HETATM 1403 O  O   . HOH I 6 .   ? -15.915 1.321   -15.911 1.00 50.12 ? 435 HOH A O   1 
HETATM 1404 O  O   . HOH I 6 .   ? -17.745 -3.369  1.167   1.00 30.04 ? 436 HOH A O   1 
HETATM 1405 O  O   . HOH I 6 .   ? -12.255 -0.913  -6.504  1.00 30.90 ? 437 HOH A O   1 
HETATM 1406 O  O   . HOH I 6 .   ? 16.286  8.898   5.935   1.00 58.79 ? 438 HOH A O   1 
HETATM 1407 O  O   . HOH I 6 .   ? 2.507   -1.816  -16.605 1.00 26.73 ? 439 HOH A O   1 
HETATM 1408 O  O   . HOH I 6 .   ? -14.306 1.587   -4.835  1.00 48.27 ? 440 HOH A O   1 
HETATM 1409 O  O   . HOH I 6 .   ? 8.599   8.691   4.517   1.00 22.56 ? 441 HOH A O   1 
HETATM 1410 O  O   . HOH I 6 .   ? 1.102   12.466  15.078  1.00 48.58 ? 442 HOH A O   1 
HETATM 1411 O  O   . HOH I 6 .   ? -9.938  4.342   14.383  1.00 23.54 ? 443 HOH A O   1 
HETATM 1412 O  O   . HOH I 6 .   ? -1.713  -19.802 -6.361  1.00 20.79 ? 444 HOH A O   1 
HETATM 1413 O  O   . HOH I 6 .   ? -2.703  -19.855 -3.038  1.00 38.91 ? 445 HOH A O   1 
HETATM 1414 O  O   . HOH I 6 .   ? -2.342  -15.916 -13.404 1.00 49.94 ? 446 HOH A O   1 
HETATM 1415 O  O   . HOH I 6 .   ? 2.783   -10.494 -15.454 1.00 42.60 ? 447 HOH A O   1 
HETATM 1416 O  O   . HOH I 6 .   ? 6.996   -11.773 -12.546 1.00 21.52 ? 448 HOH A O   1 
HETATM 1417 O  O   . HOH I 6 .   ? 14.993  -7.984  -13.580 1.00 61.39 ? 449 HOH A O   1 
HETATM 1418 O  O   . HOH I 6 .   ? -20.972 -1.850  4.307   1.00 49.92 ? 450 HOH A O   1 
HETATM 1419 O  O   . HOH I 6 .   ? -2.519  5.978   -19.224 1.00 18.73 ? 451 HOH A O   1 
HETATM 1420 O  O   . HOH I 6 .   ? -0.416  -10.761 -17.964 1.00 44.95 ? 452 HOH A O   1 
HETATM 1421 O  O   . HOH I 6 .   ? 18.670  0.131   -3.198  1.00 44.13 ? 453 HOH A O   1 
HETATM 1422 O  O   . HOH I 6 .   ? 13.613  14.005  3.558   1.00 58.65 ? 454 HOH A O   1 
HETATM 1423 O  O   . HOH I 6 .   ? 5.204   -11.788 -4.925  1.00 39.40 ? 455 HOH A O   1 
HETATM 1424 O  O   . HOH I 6 .   ? -7.037  10.071  1.055   1.00 38.09 ? 456 HOH A O   1 
HETATM 1425 O  O   . HOH I 6 .   ? 2.447   -12.959 6.940   1.00 65.00 ? 457 HOH A O   1 
HETATM 1426 O  O   . HOH I 6 .   ? 13.154  12.167  8.794   1.00 53.00 ? 458 HOH A O   1 
HETATM 1427 O  O   . HOH I 6 .   ? -2.566  12.427  14.407  1.00 52.62 ? 459 HOH A O   1 
HETATM 1428 O  O   . HOH I 6 .   ? -13.609 -1.373  -12.286 1.00 50.37 ? 460 HOH A O   1 
HETATM 1429 O  O   . HOH I 6 .   ? -6.031  7.524   -12.205 1.00 49.39 ? 461 HOH A O   1 
HETATM 1430 O  O   . HOH I 6 .   ? 0.098   4.272   19.819  1.00 45.82 ? 462 HOH A O   1 
HETATM 1431 O  O   . HOH I 6 .   ? 9.867   15.058  3.464   1.00 24.90 ? 463 HOH A O   1 
HETATM 1432 O  O   . HOH I 6 .   ? 5.035   -4.728  -16.421 1.00 31.53 ? 464 HOH A O   1 
HETATM 1433 O  O   . HOH I 6 .   ? -2.647  -14.059 3.929   1.00 53.11 ? 465 HOH A O   1 
HETATM 1434 O  O   . HOH I 6 .   ? 4.654   7.351   -10.797 1.00 35.18 ? 466 HOH A O   1 
HETATM 1435 O  O   . HOH I 6 .   ? 2.354   10.251  -7.224  1.00 44.45 ? 467 HOH A O   1 
HETATM 1436 O  O   . HOH I 6 .   ? 18.017  5.620   5.390   1.00 34.80 ? 468 HOH A O   1 
HETATM 1437 O  O   . HOH I 6 .   ? -9.459  8.599   -16.374 1.00 48.42 ? 469 HOH A O   1 
HETATM 1438 O  O   . HOH I 6 .   ? 8.150   16.884  10.415  1.00 49.97 ? 470 HOH A O   1 
HETATM 1439 O  O   . HOH I 6 .   ? -12.217 -4.185  11.098  1.00 53.29 ? 471 HOH A O   1 
HETATM 1440 O  O   . HOH I 6 .   ? -8.827  0.244   -20.862 1.00 65.04 ? 472 HOH A O   1 
HETATM 1441 O  O   . HOH I 6 .   ? -12.819 -4.160  -7.658  1.00 34.51 ? 473 HOH A O   1 
HETATM 1442 O  O   . HOH I 6 .   ? 5.229   -15.752 -4.110  1.00 53.93 ? 474 HOH A O   1 
HETATM 1443 O  O   . HOH I 6 .   ? 3.930   -5.121  15.654  1.00 41.84 ? 475 HOH A O   1 
HETATM 1444 O  O   . HOH I 6 .   ? -13.222 9.416   -3.434  1.00 51.58 ? 476 HOH A O   1 
HETATM 1445 O  O   . HOH I 6 .   ? 2.690   14.545  -4.502  1.00 44.27 ? 477 HOH A O   1 
HETATM 1446 O  O   . HOH I 6 .   ? 16.697  13.498  -1.569  1.00 50.06 ? 478 HOH A O   1 
HETATM 1447 O  O   . HOH I 6 .   ? 5.460   -12.975 2.248   1.00 57.79 ? 479 HOH A O   1 
HETATM 1448 O  O   . HOH I 6 .   ? -3.107  -5.892  -19.116 1.00 39.58 ? 480 HOH A O   1 
HETATM 1449 O  O   . HOH I 6 .   ? -5.560  -21.442 -3.671  1.00 58.93 ? 481 HOH A O   1 
HETATM 1450 O  O   . HOH I 6 .   ? 2.095   -17.397 -0.655  1.00 58.55 ? 482 HOH A O   1 
HETATM 1451 O  O   . HOH I 6 .   ? -11.675 10.469  1.616   1.00 56.65 ? 483 HOH A O   1 
HETATM 1452 O  O   . HOH I 6 .   ? -14.669 4.513   -17.462 1.00 66.26 ? 484 HOH A O   1 
HETATM 1453 O  O   . HOH I 6 .   ? -5.348  -3.277  -20.724 1.00 33.70 ? 485 HOH A O   1 
HETATM 1454 O  O   . HOH I 6 .   ? -15.103 -2.461  -0.888  1.00 51.70 ? 486 HOH A O   1 
# 
